data_6NPN
#
_entry.id   6NPN
#
_cell.length_a   92.530
_cell.length_b   96.321
_cell.length_c   191.108
_cell.angle_alpha   90.00
_cell.angle_beta   90.00
_cell.angle_gamma   90.00
#
_symmetry.space_group_name_H-M   'P 21 21 21'
#
loop_
_entity.id
_entity.type
_entity.pdbx_description
1 polymer 'Serine/threonine-protein kinase VRK1'
2 non-polymer (7R)-7-methyl-2-[(3-oxo-2,3-dihydro-1H-indazol-6-yl)amino]-5,8-di(prop-2-yn-1-yl)-7,8-dihydropteridin-6(5H)-one
3 non-polymer 'SULFATE ION'
4 non-polymer 1,2-ETHANEDIOL
5 non-polymer DI(HYDROXYETHYL)ETHER
6 water water
#
_entity_poly.entity_id   1
_entity_poly.type   'polypeptide(L)'
_entity_poly.pdbx_seq_one_letter_code
;SMRVKAAQAGRQSSAKRHLAEQFAVGEIITDMAAAAWKVGLPIGQGGFGCIYLADMNSSESVGSDAPCVVKVEPSDNGPL
FTELKFYQRAAKPEQIQKWIRTRKLKYLGVPKYWGSGLHDKNGKSYRFMIMDRFGSDLQKIYEANAKRFSRKTVLQLSLR
ILDILEYIHEHEYVHGDIKASNLLLNYKNPDQVYLVDYGLAYRYCPEGVHKAYAADPKRCHDGTIEFTSIDAHNGVAPSR
RGDLEILGYCMIQWLTGHLPWEDNLKDPKYVRDSKIRYRENIASLMDKCFPAANAPGEIAKYMETVKLLDYTEKPLYENL
RDILLQGLKAIGSKDDGKLDLSVVENGGLKAKTITKKRAAEIEE
;
_entity_poly.pdbx_strand_id   A,B,C,D
#
loop_
_chem_comp.id
_chem_comp.type
_chem_comp.name
_chem_comp.formula
EDO non-polymer 1,2-ETHANEDIOL 'C2 H6 O2'
KWJ non-polymer (7R)-7-methyl-2-[(3-oxo-2,3-dihydro-1H-indazol-6-yl)amino]-5,8-di(prop-2-yn-1-yl)-7,8-dihydropteridin-6(5H)-one 'C20 H17 N7 O2'
PEG non-polymer DI(HYDROXYETHYL)ETHER 'C4 H10 O3'
SO4 non-polymer 'SULFATE ION' 'O4 S -2'
#
# COMPACT_ATOMS: atom_id res chain seq x y z
N GLU A 21 28.41 44.33 -24.67
CA GLU A 21 28.26 45.58 -23.84
C GLU A 21 26.78 45.75 -23.40
N GLN A 22 26.12 44.67 -22.96
CA GLN A 22 24.70 44.67 -22.45
C GLN A 22 24.56 45.56 -21.20
N PHE A 23 25.61 45.61 -20.38
CA PHE A 23 25.67 46.48 -19.20
C PHE A 23 26.92 47.35 -19.27
N ALA A 24 26.83 48.56 -18.71
CA ALA A 24 28.04 49.31 -18.42
C ALA A 24 28.59 48.86 -17.07
N VAL A 25 29.91 48.79 -16.92
CA VAL A 25 30.50 48.61 -15.61
C VAL A 25 30.10 49.79 -14.73
N GLY A 26 29.60 49.50 -13.52
CA GLY A 26 29.11 50.51 -12.57
C GLY A 26 27.63 50.85 -12.76
N GLU A 27 26.99 50.36 -13.81
CA GLU A 27 25.54 50.53 -14.00
C GLU A 27 24.78 49.92 -12.82
N ILE A 28 23.74 50.64 -12.37
CA ILE A 28 22.87 50.16 -11.31
C ILE A 28 21.60 49.62 -11.96
N ILE A 29 21.23 48.39 -11.61
CA ILE A 29 20.00 47.76 -12.13
C ILE A 29 19.13 47.39 -10.93
N THR A 30 17.83 47.46 -11.15
CA THR A 30 16.86 47.16 -10.11
C THR A 30 16.02 45.97 -10.51
N ASP A 31 15.92 45.01 -9.60
CA ASP A 31 15.14 43.79 -9.84
C ASP A 31 13.65 43.97 -9.57
N MET A 32 12.89 42.92 -9.81
CA MET A 32 11.45 42.95 -9.64
C MET A 32 11.02 43.24 -8.20
N ALA A 33 11.85 42.87 -7.24
CA ALA A 33 11.56 43.13 -5.82
C ALA A 33 12.09 44.51 -5.39
N ALA A 34 12.53 45.34 -6.35
CA ALA A 34 13.08 46.69 -6.10
C ALA A 34 14.41 46.65 -5.33
N ALA A 35 15.08 45.48 -5.29
CA ALA A 35 16.46 45.40 -4.84
C ALA A 35 17.40 45.93 -5.92
N ALA A 36 18.39 46.73 -5.51
CA ALA A 36 19.33 47.42 -6.38
C ALA A 36 20.66 46.67 -6.39
N TRP A 37 21.22 46.52 -7.59
CA TRP A 37 22.48 45.84 -7.80
C TRP A 37 23.37 46.72 -8.67
N LYS A 38 24.68 46.60 -8.47
CA LYS A 38 25.67 47.25 -9.32
C LYS A 38 26.41 46.17 -10.09
N VAL A 39 26.61 46.44 -11.37
CA VAL A 39 27.30 45.54 -12.27
C VAL A 39 28.82 45.77 -12.18
N GLY A 40 29.59 44.66 -12.19
CA GLY A 40 31.07 44.66 -12.24
C GLY A 40 31.57 44.32 -13.64
N LEU A 41 32.79 43.77 -13.70
CA LEU A 41 33.46 43.38 -14.97
C LEU A 41 32.78 42.15 -15.55
N PRO A 42 32.74 41.96 -16.89
CA PRO A 42 32.38 40.68 -17.48
C PRO A 42 33.35 39.55 -17.08
N ILE A 43 32.82 38.33 -17.14
CA ILE A 43 33.52 37.07 -17.01
C ILE A 43 33.54 36.38 -18.37
N PHE A 48 31.30 30.99 -19.16
CA PHE A 48 30.80 31.09 -20.55
C PHE A 48 29.38 31.68 -20.59
N GLY A 49 29.13 32.53 -21.60
CA GLY A 49 27.83 33.25 -21.80
C GLY A 49 27.96 34.76 -21.55
N CYS A 50 26.82 35.42 -21.32
CA CYS A 50 26.80 36.86 -20.98
C CYS A 50 26.57 37.03 -19.47
N ILE A 51 27.68 37.11 -18.71
CA ILE A 51 27.70 37.05 -17.25
C ILE A 51 28.71 38.08 -16.75
N TYR A 52 28.31 38.83 -15.69
CA TYR A 52 29.15 39.84 -15.06
C TYR A 52 29.20 39.60 -13.55
N LEU A 53 30.31 40.01 -12.91
CA LEU A 53 30.33 40.13 -11.47
C LEU A 53 29.25 41.17 -11.08
N ALA A 54 28.77 41.10 -9.84
CA ALA A 54 27.77 42.01 -9.37
C ALA A 54 27.81 42.06 -7.85
N ASP A 55 27.21 43.13 -7.30
CA ASP A 55 27.11 43.30 -5.85
C ASP A 55 25.88 44.16 -5.59
N MET A 56 25.47 44.18 -4.32
CA MET A 56 24.51 45.16 -3.81
C MET A 56 24.99 46.56 -4.20
N ASN A 57 24.05 47.44 -4.58
CA ASN A 57 24.33 48.82 -4.88
C ASN A 57 24.95 49.49 -3.64
N SER A 58 26.02 50.24 -3.88
CA SER A 58 26.68 51.02 -2.84
C SER A 58 27.50 52.12 -3.54
N SER A 59 28.13 53.01 -2.76
CA SER A 59 28.98 54.08 -3.31
C SER A 59 30.24 53.47 -3.95
N GLU A 60 30.85 52.49 -3.27
CA GLU A 60 32.04 51.77 -3.78
C GLU A 60 31.66 51.02 -5.08
N SER A 61 32.66 50.75 -5.92
CA SER A 61 32.43 49.99 -7.12
C SER A 61 32.62 48.50 -6.83
N VAL A 62 32.24 47.67 -7.79
CA VAL A 62 32.20 46.21 -7.63
C VAL A 62 33.62 45.65 -7.75
N GLY A 63 34.10 45.05 -6.65
CA GLY A 63 35.42 44.44 -6.56
C GLY A 63 35.55 43.18 -7.41
N SER A 64 36.80 42.72 -7.55
CA SER A 64 37.14 41.45 -8.20
C SER A 64 36.75 40.27 -7.29
N ASP A 65 36.44 40.57 -6.02
CA ASP A 65 35.94 39.61 -5.02
C ASP A 65 34.42 39.73 -4.81
N ALA A 66 33.68 40.23 -5.80
CA ALA A 66 32.22 40.35 -5.72
C ALA A 66 31.58 39.02 -5.32
N PRO A 67 30.52 39.03 -4.47
CA PRO A 67 29.85 37.80 -4.07
C PRO A 67 28.72 37.33 -5.00
N CYS A 68 28.41 38.07 -6.06
CA CYS A 68 27.33 37.71 -6.97
C CYS A 68 27.79 37.81 -8.42
N VAL A 69 27.00 37.22 -9.30
CA VAL A 69 27.08 37.42 -10.72
C VAL A 69 25.68 37.74 -11.21
N VAL A 70 25.60 38.36 -12.38
CA VAL A 70 24.38 38.63 -13.05
C VAL A 70 24.47 38.03 -14.46
N LYS A 71 23.47 37.21 -14.78
CA LYS A 71 23.38 36.53 -16.04
C LYS A 71 22.28 37.23 -16.85
N VAL A 72 22.57 37.58 -18.11
CA VAL A 72 21.68 38.40 -18.89
C VAL A 72 21.53 37.78 -20.28
N GLU A 73 20.30 37.72 -20.76
CA GLU A 73 19.97 37.23 -22.11
C GLU A 73 18.77 38.01 -22.61
N PRO A 74 18.54 38.08 -23.93
CA PRO A 74 17.29 38.64 -24.45
C PRO A 74 16.10 38.03 -23.73
N SER A 75 15.03 38.80 -23.58
CA SER A 75 13.85 38.35 -22.88
C SER A 75 13.16 37.20 -23.62
N ASP A 76 13.43 37.07 -24.90
CA ASP A 76 12.86 35.98 -25.70
C ASP A 76 13.67 34.68 -25.65
N ASN A 77 14.76 34.68 -24.90
CA ASN A 77 15.60 33.50 -24.76
C ASN A 77 14.88 32.49 -23.87
N GLY A 78 14.68 31.30 -24.39
CA GLY A 78 13.97 30.22 -23.71
C GLY A 78 14.77 29.67 -22.53
N PRO A 79 16.07 29.34 -22.72
CA PRO A 79 16.88 28.79 -21.64
C PRO A 79 16.91 29.64 -20.37
N LEU A 80 17.05 30.97 -20.49
CA LEU A 80 17.15 31.79 -19.29
C LEU A 80 15.82 31.74 -18.54
N PHE A 81 14.72 31.68 -19.27
CA PHE A 81 13.41 31.58 -18.67
C PHE A 81 13.28 30.26 -17.89
N THR A 82 13.69 29.16 -18.52
CA THR A 82 13.67 27.85 -17.89
C THR A 82 14.49 27.90 -16.60
N GLU A 83 15.69 28.48 -16.71
CA GLU A 83 16.63 28.56 -15.61
C GLU A 83 16.04 29.40 -14.47
N LEU A 84 15.45 30.54 -14.82
CA LEU A 84 14.90 31.46 -13.84
C LEU A 84 13.76 30.79 -13.07
N LYS A 85 12.92 30.02 -13.78
CA LYS A 85 11.83 29.32 -13.14
C LYS A 85 12.38 28.28 -12.16
N PHE A 86 13.44 27.57 -12.56
CA PHE A 86 14.06 26.63 -11.65
C PHE A 86 14.54 27.37 -10.37
N TYR A 87 15.26 28.47 -10.54
CA TYR A 87 15.87 29.17 -9.41
C TYR A 87 14.77 29.71 -8.50
N GLN A 88 13.73 30.28 -9.07
CA GLN A 88 12.62 30.81 -8.29
C GLN A 88 11.87 29.74 -7.49
N ARG A 89 11.60 28.61 -8.15
CA ARG A 89 10.93 27.48 -7.54
C ARG A 89 11.68 26.67 -6.48
N ALA A 90 12.95 26.41 -6.73
CA ALA A 90 13.73 25.55 -5.85
C ALA A 90 15.02 26.10 -5.23
N ALA A 91 15.41 27.31 -5.55
CA ALA A 91 16.70 27.80 -5.06
C ALA A 91 16.57 29.13 -4.28
N LYS A 92 15.43 29.33 -3.64
CA LYS A 92 15.27 30.46 -2.78
C LYS A 92 16.17 30.27 -1.56
N PRO A 93 16.89 31.32 -1.10
CA PRO A 93 17.86 31.16 -0.02
C PRO A 93 17.33 30.41 1.21
N GLU A 94 16.15 30.82 1.66
CA GLU A 94 15.50 30.22 2.81
C GLU A 94 15.14 28.77 2.56
N GLN A 95 14.73 28.47 1.34
CA GLN A 95 14.35 27.14 0.94
C GLN A 95 15.54 26.20 1.07
N ILE A 96 16.68 26.67 0.58
CA ILE A 96 17.91 25.92 0.67
C ILE A 96 18.42 25.79 2.10
N GLN A 97 18.34 26.87 2.87
CA GLN A 97 18.86 26.88 4.25
C GLN A 97 18.00 25.96 5.12
N LYS A 98 16.68 25.94 4.89
CA LYS A 98 15.79 25.02 5.60
C LYS A 98 16.21 23.56 5.33
N TRP A 99 16.51 23.23 4.08
CA TRP A 99 16.89 21.85 3.72
C TRP A 99 18.20 21.48 4.41
N ILE A 100 19.15 22.38 4.39
CA ILE A 100 20.46 22.12 4.95
C ILE A 100 20.31 21.82 6.44
N ARG A 101 19.47 22.61 7.11
CA ARG A 101 19.21 22.45 8.52
C ARG A 101 18.53 21.12 8.84
N THR A 102 17.51 20.80 8.07
CA THR A 102 16.73 19.59 8.25
C THR A 102 17.48 18.31 7.95
N ARG A 103 18.27 18.34 6.89
CA ARG A 103 19.05 17.18 6.47
C ARG A 103 20.43 17.14 7.13
N LYS A 104 20.72 18.12 7.97
CA LYS A 104 21.98 18.22 8.71
C LYS A 104 23.23 18.20 7.84
N LEU A 105 23.18 18.93 6.73
CA LEU A 105 24.29 19.03 5.77
C LEU A 105 25.26 20.11 6.21
N LYS A 106 26.52 20.02 5.78
CA LYS A 106 27.50 21.07 5.95
C LYS A 106 27.13 22.23 5.02
N TYR A 107 26.67 21.92 3.80
CA TYR A 107 26.29 22.89 2.75
C TYR A 107 25.46 22.13 1.69
N LEU A 108 24.86 22.85 0.75
CA LEU A 108 24.15 22.23 -0.35
C LEU A 108 24.64 22.91 -1.62
N GLY A 109 25.07 22.15 -2.62
CA GLY A 109 25.61 22.77 -3.82
C GLY A 109 24.66 23.22 -4.91
N VAL A 110 23.66 23.99 -4.51
CA VAL A 110 22.72 24.55 -5.41
C VAL A 110 22.93 26.04 -5.22
N PRO A 111 23.19 26.76 -6.31
CA PRO A 111 23.40 28.21 -6.20
C PRO A 111 22.13 28.92 -5.76
N LYS A 112 22.28 29.92 -4.90
CA LYS A 112 21.17 30.68 -4.38
C LYS A 112 20.77 31.71 -5.44
N TYR A 113 19.46 31.85 -5.60
CA TYR A 113 18.82 32.92 -6.37
C TYR A 113 18.62 34.19 -5.52
N TRP A 114 19.11 35.33 -6.03
CA TRP A 114 19.08 36.63 -5.33
C TRP A 114 18.09 37.61 -5.97
N GLY A 115 17.64 37.33 -7.19
CA GLY A 115 16.64 38.18 -7.86
C GLY A 115 16.79 38.19 -9.37
N SER A 116 15.82 38.83 -10.01
CA SER A 116 15.76 38.94 -11.45
C SER A 116 14.91 40.13 -11.84
N GLY A 117 15.05 40.55 -13.09
CA GLY A 117 14.29 41.63 -13.63
C GLY A 117 14.47 41.76 -15.13
N LEU A 118 14.04 42.92 -15.63
CA LEU A 118 14.12 43.27 -17.02
C LEU A 118 15.01 44.50 -17.15
N HIS A 119 15.70 44.60 -18.28
CA HIS A 119 16.65 45.65 -18.58
C HIS A 119 16.56 45.98 -20.07
N ASP A 120 16.45 47.26 -20.40
CA ASP A 120 16.49 47.73 -21.79
C ASP A 120 17.92 48.18 -22.13
N LYS A 121 18.39 47.81 -23.32
CA LYS A 121 19.57 48.44 -23.95
C LYS A 121 19.27 48.59 -25.44
N ASN A 122 19.48 49.78 -25.96
CA ASN A 122 19.31 50.05 -27.38
C ASN A 122 17.95 49.61 -27.91
N GLY A 123 16.93 49.80 -27.09
CA GLY A 123 15.53 49.55 -27.50
C GLY A 123 15.11 48.08 -27.55
N LYS A 124 15.96 47.15 -27.09
CA LYS A 124 15.57 45.71 -27.01
C LYS A 124 15.46 45.34 -25.52
N SER A 125 14.62 44.34 -25.22
CA SER A 125 14.32 43.89 -23.86
C SER A 125 15.22 42.71 -23.48
N TYR A 126 15.86 42.80 -22.32
CA TYR A 126 16.74 41.79 -21.76
C TYR A 126 16.22 41.32 -20.40
N ARG A 127 16.39 40.04 -20.09
CA ARG A 127 16.10 39.47 -18.79
C ARG A 127 17.42 39.21 -18.05
N PHE A 128 17.48 39.55 -16.76
CA PHE A 128 18.67 39.29 -15.99
C PHE A 128 18.32 38.54 -14.70
N MET A 129 19.31 37.84 -14.13
CA MET A 129 19.13 37.18 -12.86
C MET A 129 20.43 37.22 -12.07
N ILE A 130 20.28 37.34 -10.77
CA ILE A 130 21.39 37.48 -9.87
C ILE A 130 21.57 36.16 -9.12
N MET A 131 22.81 35.64 -9.17
CA MET A 131 23.16 34.41 -8.50
C MET A 131 24.46 34.56 -7.72
N ASP A 132 24.74 33.54 -6.88
CA ASP A 132 26.01 33.37 -6.20
C ASP A 132 27.17 33.42 -7.20
N ARG A 133 28.25 34.10 -6.79
CA ARG A 133 29.52 34.07 -7.51
C ARG A 133 30.38 32.92 -6.97
N PHE A 134 31.01 32.17 -7.88
CA PHE A 134 31.85 31.03 -7.52
C PHE A 134 33.29 31.26 -7.97
N GLY A 135 34.16 30.30 -7.64
CA GLY A 135 35.51 30.21 -8.15
C GLY A 135 35.58 29.44 -9.46
N SER A 136 36.61 28.61 -9.58
CA SER A 136 36.89 27.88 -10.81
C SER A 136 35.86 26.75 -11.04
N ASP A 137 35.64 26.46 -12.32
CA ASP A 137 34.98 25.23 -12.75
C ASP A 137 35.95 24.04 -12.60
N LEU A 138 35.39 22.84 -12.49
CA LEU A 138 36.15 21.63 -12.24
C LEU A 138 36.87 21.18 -13.50
N GLN A 139 36.36 21.55 -14.68
CA GLN A 139 36.98 21.13 -15.93
C GLN A 139 38.38 21.75 -16.04
N LYS A 140 38.54 23.05 -15.66
CA LYS A 140 39.89 23.69 -15.69
C LYS A 140 40.81 22.92 -14.74
N ILE A 141 40.32 22.58 -13.56
CA ILE A 141 41.13 21.92 -12.56
C ILE A 141 41.46 20.49 -13.02
N TYR A 142 40.49 19.81 -13.62
CA TYR A 142 40.69 18.46 -14.17
C TYR A 142 41.82 18.49 -15.19
N GLU A 143 41.76 19.45 -16.13
CA GLU A 143 42.78 19.58 -17.19
C GLU A 143 44.16 19.87 -16.57
N ALA A 144 44.19 20.73 -15.55
CA ALA A 144 45.43 21.14 -14.90
C ALA A 144 46.06 19.94 -14.15
N ASN A 145 45.24 18.93 -13.80
CA ASN A 145 45.72 17.77 -13.07
C ASN A 145 45.91 16.59 -14.05
N ALA A 146 46.14 16.89 -15.33
CA ALA A 146 46.39 15.91 -16.40
C ALA A 146 45.21 14.95 -16.60
N LYS A 147 43.98 15.48 -16.48
CA LYS A 147 42.73 14.76 -16.73
C LYS A 147 42.61 13.54 -15.79
N ARG A 148 42.94 13.72 -14.51
CA ARG A 148 42.70 12.71 -13.50
C ARG A 148 42.29 13.41 -12.20
N PHE A 149 41.33 12.82 -11.51
CA PHE A 149 41.06 13.10 -10.14
C PHE A 149 41.30 11.80 -9.36
N SER A 150 41.74 11.94 -8.12
CA SER A 150 41.96 10.83 -7.24
C SER A 150 40.63 10.16 -6.86
N ARG A 151 40.73 8.92 -6.41
CA ARG A 151 39.57 8.20 -5.89
C ARG A 151 38.90 9.03 -4.78
N LYS A 152 39.73 9.56 -3.88
CA LYS A 152 39.26 10.37 -2.75
C LYS A 152 38.43 11.55 -3.28
N THR A 153 39.01 12.28 -4.23
CA THR A 153 38.36 13.45 -4.82
C THR A 153 37.01 13.06 -5.45
N VAL A 154 37.03 12.02 -6.31
CA VAL A 154 35.86 11.64 -7.06
C VAL A 154 34.73 11.24 -6.10
N LEU A 155 35.08 10.51 -5.03
CA LEU A 155 34.06 10.04 -4.11
C LEU A 155 33.51 11.22 -3.33
N GLN A 156 34.37 12.17 -2.97
CA GLN A 156 33.92 13.32 -2.18
C GLN A 156 33.07 14.23 -3.06
N LEU A 157 33.46 14.43 -4.32
CA LEU A 157 32.61 15.19 -5.25
C LEU A 157 31.25 14.52 -5.39
N SER A 158 31.25 13.19 -5.56
CA SER A 158 30.08 12.48 -5.95
C SER A 158 29.07 12.42 -4.79
N LEU A 159 29.56 12.37 -3.57
CA LEU A 159 28.68 12.37 -2.42
C LEU A 159 27.90 13.68 -2.38
N ARG A 160 28.61 14.78 -2.60
CA ARG A 160 28.01 16.10 -2.61
C ARG A 160 27.03 16.28 -3.76
N ILE A 161 27.39 15.73 -4.92
CA ILE A 161 26.51 15.81 -6.09
C ILE A 161 25.23 15.04 -5.81
N LEU A 162 25.33 13.90 -5.15
CA LEU A 162 24.13 13.15 -4.79
C LEU A 162 23.23 13.97 -3.86
N ASP A 163 23.82 14.76 -2.97
CA ASP A 163 22.99 15.69 -2.14
C ASP A 163 22.24 16.68 -3.04
N ILE A 164 22.95 17.24 -4.03
CA ILE A 164 22.38 18.22 -4.96
C ILE A 164 21.25 17.55 -5.75
N LEU A 165 21.52 16.38 -6.32
CA LEU A 165 20.54 15.74 -7.18
C LEU A 165 19.29 15.38 -6.37
N GLU A 166 19.49 14.87 -5.16
CA GLU A 166 18.36 14.53 -4.30
C GLU A 166 17.50 15.78 -4.08
N TYR A 167 18.15 16.91 -3.79
CA TYR A 167 17.46 18.15 -3.56
C TYR A 167 16.64 18.56 -4.78
N ILE A 168 17.29 18.65 -5.96
CA ILE A 168 16.56 19.19 -7.11
C ILE A 168 15.45 18.20 -7.52
N HIS A 169 15.72 16.90 -7.41
CA HIS A 169 14.72 15.87 -7.76
C HIS A 169 13.47 15.99 -6.87
N GLU A 170 13.70 16.20 -5.56
CA GLU A 170 12.61 16.35 -4.61
C GLU A 170 11.84 17.65 -4.90
N HIS A 171 12.44 18.59 -5.66
CA HIS A 171 11.77 19.82 -6.07
C HIS A 171 11.34 19.75 -7.53
N GLU A 172 11.11 18.52 -8.04
CA GLU A 172 10.44 18.25 -9.31
C GLU A 172 11.34 18.46 -10.52
N TYR A 173 12.66 18.61 -10.32
CA TYR A 173 13.55 18.91 -11.44
C TYR A 173 14.67 17.89 -11.57
N VAL A 174 15.08 17.63 -12.82
CA VAL A 174 16.33 16.97 -13.15
C VAL A 174 17.21 17.95 -13.90
N HIS A 175 18.54 17.75 -13.83
CA HIS A 175 19.48 18.65 -14.45
C HIS A 175 19.82 18.27 -15.89
N GLY A 176 20.11 17.00 -16.10
CA GLY A 176 20.36 16.41 -17.39
C GLY A 176 21.69 16.68 -18.07
N ASP A 177 22.55 17.44 -17.43
CA ASP A 177 23.83 17.79 -18.01
C ASP A 177 24.95 17.91 -16.99
N ILE A 178 25.03 16.99 -16.06
CA ILE A 178 26.09 17.03 -15.08
C ILE A 178 27.43 16.74 -15.76
N LYS A 179 28.43 17.55 -15.44
CA LYS A 179 29.77 17.40 -15.97
C LYS A 179 30.67 18.46 -15.30
N ALA A 180 31.98 18.26 -15.43
CA ALA A 180 32.95 19.09 -14.71
C ALA A 180 32.79 20.57 -15.06
N SER A 181 32.45 20.91 -16.31
CA SER A 181 32.31 22.34 -16.66
C SER A 181 31.07 22.99 -16.01
N ASN A 182 30.15 22.19 -15.44
CA ASN A 182 28.95 22.73 -14.77
C ASN A 182 29.10 22.57 -13.25
N LEU A 183 30.31 22.26 -12.79
CA LEU A 183 30.59 22.14 -11.37
C LEU A 183 31.63 23.20 -11.00
N LEU A 184 31.25 24.10 -10.08
CA LEU A 184 32.11 25.23 -9.70
C LEU A 184 32.38 25.14 -8.20
N LEU A 185 33.59 25.54 -7.79
CA LEU A 185 33.95 25.59 -6.38
C LEU A 185 33.47 26.90 -5.77
N ASN A 186 33.11 26.87 -4.49
CA ASN A 186 32.86 28.07 -3.69
C ASN A 186 34.12 28.95 -3.75
N TYR A 187 33.93 30.24 -4.02
CA TYR A 187 35.02 31.24 -4.07
C TYR A 187 35.80 31.22 -2.74
N LYS A 188 35.08 31.13 -1.63
CA LYS A 188 35.69 31.10 -0.30
C LYS A 188 36.01 29.71 0.28
N ASN A 189 35.48 28.64 -0.32
CA ASN A 189 35.76 27.31 0.17
C ASN A 189 35.98 26.35 -0.99
N PRO A 190 37.21 25.87 -1.17
CA PRO A 190 37.60 24.97 -2.25
C PRO A 190 37.11 23.54 -2.04
N ASP A 191 36.52 23.27 -0.89
CA ASP A 191 36.02 21.95 -0.55
C ASP A 191 34.50 21.85 -0.78
N GLN A 192 33.90 22.90 -1.33
CA GLN A 192 32.48 22.93 -1.59
C GLN A 192 32.27 23.12 -3.10
N VAL A 193 31.52 22.18 -3.70
CA VAL A 193 31.26 22.18 -5.09
C VAL A 193 29.76 22.44 -5.31
N TYR A 194 29.47 23.18 -6.37
CA TYR A 194 28.12 23.60 -6.73
C TYR A 194 27.83 23.18 -8.16
N LEU A 195 26.62 22.69 -8.42
CA LEU A 195 26.13 22.42 -9.77
C LEU A 195 25.39 23.64 -10.34
N VAL A 196 25.81 24.11 -11.52
CA VAL A 196 25.24 25.26 -12.19
C VAL A 196 24.65 24.86 -13.55
N ASP A 197 23.98 25.84 -14.17
CA ASP A 197 23.46 25.82 -15.51
C ASP A 197 22.20 24.93 -15.57
N TYR A 198 21.04 25.56 -15.33
CA TYR A 198 19.77 24.91 -15.32
C TYR A 198 18.97 25.32 -16.56
N GLY A 199 19.63 25.84 -17.58
CA GLY A 199 18.93 26.35 -18.75
C GLY A 199 18.21 25.26 -19.55
N LEU A 200 18.71 24.03 -19.47
CA LEU A 200 18.06 22.85 -20.07
C LEU A 200 17.62 21.88 -18.98
N ALA A 201 17.44 22.36 -17.76
CA ALA A 201 16.83 21.55 -16.69
C ALA A 201 15.38 21.21 -17.08
N TYR A 202 14.84 20.18 -16.46
CA TYR A 202 13.54 19.69 -16.89
C TYR A 202 12.72 19.36 -15.65
N ARG A 203 11.48 19.85 -15.68
CA ARG A 203 10.52 19.58 -14.62
C ARG A 203 9.83 18.26 -14.92
N TYR A 204 10.44 17.19 -14.44
CA TYR A 204 9.99 15.82 -14.62
C TYR A 204 8.70 15.45 -13.88
N CYS A 205 8.43 16.12 -12.77
CA CYS A 205 7.28 15.79 -11.96
C CYS A 205 6.45 17.00 -11.55
N PRO A 206 5.83 17.68 -12.52
CA PRO A 206 5.07 18.86 -12.10
C PRO A 206 3.84 18.49 -11.27
N GLU A 207 3.73 19.12 -10.11
CA GLU A 207 2.64 18.89 -9.17
C GLU A 207 2.60 17.41 -8.74
N GLY A 208 3.75 16.74 -8.76
CA GLY A 208 3.84 15.38 -8.28
C GLY A 208 3.34 14.34 -9.28
N VAL A 209 3.12 14.74 -10.54
CA VAL A 209 2.72 13.82 -11.61
C VAL A 209 3.94 13.57 -12.52
N HIS A 210 4.52 12.36 -12.45
CA HIS A 210 5.68 12.02 -13.24
C HIS A 210 5.31 12.00 -14.73
N LYS A 211 6.15 12.62 -15.55
CA LYS A 211 6.05 12.53 -16.98
C LYS A 211 6.13 11.06 -17.40
N ALA A 212 5.41 10.77 -18.48
CA ALA A 212 5.36 9.46 -19.09
C ALA A 212 6.66 9.21 -19.84
N TYR A 213 6.95 7.94 -20.11
CA TYR A 213 8.17 7.56 -20.80
C TYR A 213 7.98 7.80 -22.28
N ALA A 214 8.21 9.05 -22.70
CA ALA A 214 8.09 9.48 -24.08
C ALA A 214 8.78 10.81 -24.30
N ALA A 215 8.96 11.18 -25.57
CA ALA A 215 9.49 12.49 -25.95
C ALA A 215 8.63 13.62 -25.37
N ASP A 216 9.27 14.74 -25.04
CA ASP A 216 8.56 15.99 -24.79
C ASP A 216 8.81 16.92 -25.97
N PRO A 217 7.77 17.28 -26.77
CA PRO A 217 8.00 18.06 -27.98
C PRO A 217 8.63 19.45 -27.72
N LYS A 218 8.42 20.00 -26.52
CA LYS A 218 8.94 21.31 -26.14
C LYS A 218 10.46 21.23 -25.95
N ARG A 219 10.98 20.03 -25.61
CA ARG A 219 12.42 19.76 -25.40
C ARG A 219 13.01 19.13 -26.66
N CYS A 220 14.16 19.63 -27.13
CA CYS A 220 14.98 18.90 -28.13
C CYS A 220 16.44 18.74 -27.65
N HIS A 221 16.72 19.17 -26.43
CA HIS A 221 18.07 19.20 -25.85
C HIS A 221 18.48 17.79 -25.38
N ASP A 222 19.61 17.30 -25.90
CA ASP A 222 20.03 15.87 -25.78
C ASP A 222 21.08 15.66 -24.67
N GLY A 223 21.60 16.77 -24.11
CA GLY A 223 22.69 16.78 -23.12
C GLY A 223 24.06 16.86 -23.78
N THR A 224 25.11 16.51 -23.03
CA THR A 224 26.44 16.37 -23.53
C THR A 224 26.66 14.89 -23.89
N ILE A 225 26.92 14.65 -25.18
CA ILE A 225 26.86 13.32 -25.78
C ILE A 225 27.70 12.29 -25.02
N GLU A 226 28.92 12.62 -24.58
CA GLU A 226 29.75 11.61 -23.93
C GLU A 226 29.16 11.18 -22.58
N PHE A 227 28.38 12.05 -21.94
CA PHE A 227 27.91 11.79 -20.59
C PHE A 227 26.40 11.51 -20.52
N THR A 228 25.64 11.76 -21.58
CA THR A 228 24.20 11.81 -21.47
C THR A 228 23.66 10.40 -21.22
N SER A 229 22.39 10.35 -20.79
CA SER A 229 21.75 9.10 -20.39
C SER A 229 21.26 8.33 -21.62
N ILE A 230 21.15 7.02 -21.44
CA ILE A 230 20.54 6.18 -22.43
C ILE A 230 19.11 6.69 -22.72
N ASP A 231 18.36 7.07 -21.68
CA ASP A 231 17.02 7.64 -21.89
C ASP A 231 17.05 8.82 -22.85
N ALA A 232 17.98 9.76 -22.65
CA ALA A 232 18.12 10.91 -23.53
C ALA A 232 18.45 10.48 -24.96
N HIS A 233 19.30 9.46 -25.08
CA HIS A 233 19.70 8.90 -26.37
C HIS A 233 18.49 8.33 -27.11
N ASN A 234 17.57 7.73 -26.37
CA ASN A 234 16.36 7.14 -26.88
C ASN A 234 15.28 8.18 -27.21
N GLY A 235 15.57 9.45 -26.96
CA GLY A 235 14.65 10.53 -27.27
C GLY A 235 13.52 10.65 -26.25
N VAL A 236 13.72 10.19 -25.00
CA VAL A 236 12.69 10.38 -24.01
C VAL A 236 13.16 11.50 -23.07
N ALA A 237 12.17 12.13 -22.44
CA ALA A 237 12.42 13.15 -21.47
C ALA A 237 13.31 12.61 -20.37
N PRO A 238 14.27 13.40 -19.87
CA PRO A 238 15.12 12.97 -18.75
C PRO A 238 14.33 12.77 -17.45
N SER A 239 14.74 11.77 -16.67
CA SER A 239 14.18 11.54 -15.36
C SER A 239 15.34 11.32 -14.37
N ARG A 240 15.02 10.87 -13.16
CA ARG A 240 15.98 10.83 -12.06
C ARG A 240 17.09 9.82 -12.34
N ARG A 241 16.75 8.66 -12.90
CA ARG A 241 17.74 7.63 -13.15
C ARG A 241 18.79 8.16 -14.12
N GLY A 242 18.36 8.98 -15.08
CA GLY A 242 19.26 9.54 -16.05
C GLY A 242 20.32 10.44 -15.43
N ASP A 243 19.93 11.24 -14.44
CA ASP A 243 20.87 12.11 -13.78
C ASP A 243 21.94 11.28 -13.08
N LEU A 244 21.53 10.20 -12.43
CA LEU A 244 22.43 9.30 -11.73
C LEU A 244 23.38 8.59 -12.69
N GLU A 245 22.86 8.18 -13.83
CA GLU A 245 23.64 7.54 -14.88
C GLU A 245 24.72 8.50 -15.37
N ILE A 246 24.33 9.75 -15.61
CA ILE A 246 25.27 10.77 -16.04
C ILE A 246 26.42 10.89 -15.04
N LEU A 247 26.09 10.93 -13.75
CA LEU A 247 27.12 11.08 -12.72
C LEU A 247 28.07 9.87 -12.78
N GLY A 248 27.50 8.68 -13.02
CA GLY A 248 28.28 7.46 -13.21
C GLY A 248 29.35 7.61 -14.28
N TYR A 249 28.93 8.09 -15.46
CA TYR A 249 29.88 8.26 -16.54
C TYR A 249 30.94 9.30 -16.15
N CYS A 250 30.52 10.38 -15.46
CA CYS A 250 31.44 11.41 -14.99
C CYS A 250 32.49 10.78 -14.07
N MET A 251 32.06 9.93 -13.14
CA MET A 251 32.97 9.34 -12.17
C MET A 251 34.08 8.56 -12.90
N ILE A 252 33.71 7.80 -13.92
CA ILE A 252 34.67 6.98 -14.64
C ILE A 252 35.65 7.89 -15.41
N GLN A 253 35.11 8.89 -16.09
CA GLN A 253 35.90 9.87 -16.83
C GLN A 253 36.92 10.53 -15.89
N TRP A 254 36.46 10.92 -14.69
CA TRP A 254 37.34 11.62 -13.76
C TRP A 254 38.44 10.68 -13.24
N LEU A 255 38.08 9.43 -12.89
CA LEU A 255 39.04 8.46 -12.36
C LEU A 255 40.11 8.05 -13.39
N THR A 256 39.72 7.92 -14.67
CA THR A 256 40.53 7.22 -15.66
C THR A 256 41.03 8.13 -16.79
N GLY A 257 40.42 9.31 -16.95
CA GLY A 257 40.72 10.19 -18.07
C GLY A 257 40.05 9.79 -19.37
N HIS A 258 39.22 8.74 -19.36
CA HIS A 258 38.64 8.25 -20.61
C HIS A 258 37.22 7.73 -20.39
N LEU A 259 36.48 7.62 -21.49
CA LEU A 259 35.31 6.78 -21.60
C LEU A 259 35.44 5.94 -22.87
N PRO A 260 34.87 4.71 -22.88
CA PRO A 260 35.04 3.81 -24.02
C PRO A 260 34.67 4.37 -25.39
N TRP A 261 33.66 5.28 -25.45
CA TRP A 261 33.05 5.72 -26.68
C TRP A 261 33.58 7.09 -27.12
N GLU A 262 34.65 7.56 -26.48
CA GLU A 262 35.06 8.95 -26.65
C GLU A 262 35.70 9.23 -28.03
N ASP A 263 36.03 8.20 -28.79
CA ASP A 263 36.59 8.47 -30.11
C ASP A 263 35.50 8.52 -31.19
N ASN A 264 34.26 8.28 -30.82
CA ASN A 264 33.15 8.28 -31.76
C ASN A 264 31.98 9.18 -31.39
N LEU A 265 32.27 10.31 -30.78
CA LEU A 265 31.26 11.26 -30.33
C LEU A 265 30.43 11.92 -31.43
N LYS A 266 30.93 11.90 -32.66
CA LYS A 266 30.24 12.47 -33.82
C LYS A 266 29.07 11.58 -34.22
N ASP A 267 29.03 10.35 -33.69
CA ASP A 267 28.03 9.36 -34.06
C ASP A 267 27.22 8.97 -32.84
N PRO A 268 26.09 9.67 -32.58
CA PRO A 268 25.22 9.34 -31.46
C PRO A 268 24.76 7.88 -31.41
N LYS A 269 24.52 7.25 -32.57
CA LYS A 269 24.07 5.86 -32.59
C LYS A 269 25.11 4.97 -31.90
N TYR A 270 26.38 5.27 -32.21
CA TYR A 270 27.50 4.50 -31.72
C TYR A 270 27.57 4.63 -30.19
N VAL A 271 27.45 5.89 -29.74
CA VAL A 271 27.55 6.21 -28.33
C VAL A 271 26.44 5.48 -27.58
N ARG A 272 25.20 5.58 -28.09
CA ARG A 272 24.05 4.93 -27.46
C ARG A 272 24.31 3.42 -27.41
N ASP A 273 24.73 2.85 -28.53
CA ASP A 273 24.92 1.39 -28.65
C ASP A 273 25.91 0.89 -27.58
N SER A 274 27.01 1.63 -27.46
CA SER A 274 28.03 1.28 -26.53
C SER A 274 27.53 1.37 -25.06
N LYS A 275 26.83 2.46 -24.74
CA LYS A 275 26.29 2.62 -23.40
C LYS A 275 25.29 1.49 -23.07
N ILE A 276 24.45 1.11 -24.04
CA ILE A 276 23.47 0.04 -23.80
C ILE A 276 24.21 -1.29 -23.53
N ARG A 277 25.21 -1.59 -24.35
CA ARG A 277 25.96 -2.85 -24.20
C ARG A 277 26.67 -2.88 -22.85
N TYR A 278 27.30 -1.78 -22.48
CA TYR A 278 28.00 -1.67 -21.20
C TYR A 278 27.06 -1.76 -20.01
N ARG A 279 25.85 -1.19 -20.13
CA ARG A 279 24.85 -1.28 -19.07
C ARG A 279 24.45 -2.74 -18.82
N GLU A 280 24.34 -3.50 -19.90
CA GLU A 280 23.99 -4.91 -19.88
C GLU A 280 25.03 -5.71 -19.08
N ASN A 281 26.30 -5.39 -19.24
CA ASN A 281 27.37 -6.05 -18.50
C ASN A 281 28.35 -5.04 -17.92
N ILE A 282 28.10 -4.65 -16.67
CA ILE A 282 28.92 -3.68 -15.98
C ILE A 282 30.35 -4.15 -15.74
N ALA A 283 30.52 -5.43 -15.44
CA ALA A 283 31.87 -6.01 -15.28
C ALA A 283 32.73 -5.72 -16.51
N SER A 284 32.15 -5.86 -17.71
CA SER A 284 32.91 -5.58 -18.93
C SER A 284 33.22 -4.08 -19.09
N LEU A 285 32.36 -3.20 -18.53
CA LEU A 285 32.67 -1.75 -18.55
C LEU A 285 33.88 -1.50 -17.63
N MET A 286 33.86 -2.14 -16.46
CA MET A 286 34.97 -2.04 -15.49
C MET A 286 36.26 -2.57 -16.13
N ASP A 287 36.20 -3.71 -16.84
CA ASP A 287 37.38 -4.30 -17.49
C ASP A 287 37.91 -3.35 -18.55
N LYS A 288 37.01 -2.75 -19.33
CA LYS A 288 37.40 -1.81 -20.38
C LYS A 288 38.03 -0.53 -19.77
N CYS A 289 37.44 0.02 -18.72
CA CYS A 289 37.82 1.37 -18.27
C CYS A 289 38.99 1.35 -17.29
N PHE A 290 39.15 0.24 -16.57
CA PHE A 290 40.20 0.11 -15.58
C PHE A 290 41.25 -0.90 -16.05
N PRO A 291 42.54 -0.68 -15.70
CA PRO A 291 43.58 -1.67 -15.97
C PRO A 291 43.18 -2.99 -15.29
N ALA A 292 43.48 -4.11 -15.95
CA ALA A 292 42.86 -5.36 -15.55
C ALA A 292 42.93 -5.51 -14.02
N ALA A 293 41.76 -5.86 -13.44
CA ALA A 293 41.58 -6.22 -12.03
C ALA A 293 41.80 -5.04 -11.07
N ASN A 294 41.85 -3.79 -11.55
CA ASN A 294 42.16 -2.65 -10.64
C ASN A 294 40.90 -1.83 -10.32
N ALA A 295 39.69 -2.38 -10.49
CA ALA A 295 38.47 -1.58 -10.62
C ALA A 295 37.93 -1.26 -9.25
N PRO A 296 37.64 0.01 -8.91
CA PRO A 296 37.01 0.34 -7.63
C PRO A 296 35.61 -0.25 -7.55
N GLY A 297 35.39 -1.08 -6.53
CA GLY A 297 34.16 -1.83 -6.38
C GLY A 297 32.93 -0.95 -6.23
N GLU A 298 33.07 0.20 -5.57
CA GLU A 298 31.94 1.10 -5.32
C GLU A 298 31.39 1.66 -6.64
N ILE A 299 32.25 1.84 -7.64
CA ILE A 299 31.80 2.37 -8.94
C ILE A 299 30.89 1.33 -9.61
N ALA A 300 31.35 0.08 -9.63
CA ALA A 300 30.56 -1.01 -10.19
C ALA A 300 29.21 -1.10 -9.46
N LYS A 301 29.25 -1.03 -8.12
CA LYS A 301 28.07 -1.24 -7.33
C LYS A 301 27.10 -0.07 -7.56
N TYR A 302 27.64 1.15 -7.68
CA TYR A 302 26.84 2.32 -8.00
C TYR A 302 26.10 2.11 -9.32
N MET A 303 26.85 1.68 -10.36
CA MET A 303 26.27 1.51 -11.69
C MET A 303 25.23 0.39 -11.67
N GLU A 304 25.47 -0.67 -10.89
CA GLU A 304 24.53 -1.81 -10.79
C GLU A 304 23.23 -1.31 -10.17
N THR A 305 23.33 -0.44 -9.16
CA THR A 305 22.15 0.00 -8.45
C THR A 305 21.30 0.91 -9.37
N VAL A 306 21.96 1.83 -10.09
CA VAL A 306 21.28 2.76 -10.96
C VAL A 306 20.58 2.00 -12.09
N LYS A 307 21.23 0.92 -12.56
CA LYS A 307 20.68 0.11 -13.66
C LYS A 307 19.31 -0.49 -13.30
N LEU A 308 19.08 -0.77 -12.01
CA LEU A 308 17.83 -1.35 -11.56
C LEU A 308 16.69 -0.32 -11.45
N LEU A 309 16.96 0.99 -11.58
CA LEU A 309 15.86 1.97 -11.47
C LEU A 309 14.95 1.92 -12.71
N ASP A 310 13.65 1.90 -12.44
CA ASP A 310 12.63 2.16 -13.47
C ASP A 310 12.62 3.68 -13.77
N TYR A 311 11.98 4.02 -14.88
CA TYR A 311 12.00 5.35 -15.42
C TYR A 311 11.41 6.35 -14.42
N THR A 312 10.32 5.94 -13.75
CA THR A 312 9.58 6.81 -12.84
C THR A 312 9.99 6.59 -11.39
N GLU A 313 10.94 5.68 -11.13
CA GLU A 313 11.24 5.23 -9.76
C GLU A 313 12.03 6.30 -9.00
N LYS A 314 11.69 6.48 -7.72
CA LYS A 314 12.44 7.32 -6.85
C LYS A 314 13.70 6.59 -6.39
N PRO A 315 14.90 7.14 -6.63
CA PRO A 315 16.12 6.52 -6.15
C PRO A 315 16.19 6.53 -4.63
N LEU A 316 16.91 5.54 -4.08
CA LEU A 316 17.32 5.55 -2.68
C LEU A 316 18.69 6.19 -2.61
N TYR A 317 18.68 7.51 -2.44
CA TYR A 317 19.87 8.35 -2.46
C TYR A 317 20.81 7.96 -1.33
N GLU A 318 20.26 7.63 -0.16
CA GLU A 318 21.09 7.26 1.01
C GLU A 318 21.88 5.97 0.69
N ASN A 319 21.23 4.99 0.05
CA ASN A 319 21.92 3.72 -0.33
C ASN A 319 23.05 4.04 -1.30
N LEU A 320 22.81 4.93 -2.25
CA LEU A 320 23.85 5.31 -3.20
C LEU A 320 25.01 5.97 -2.50
N ARG A 321 24.71 6.83 -1.53
CA ARG A 321 25.73 7.49 -0.74
C ARG A 321 26.50 6.45 0.09
N ASP A 322 25.77 5.48 0.62
CA ASP A 322 26.39 4.42 1.43
C ASP A 322 27.39 3.63 0.59
N ILE A 323 27.03 3.34 -0.66
CA ILE A 323 27.92 2.60 -1.57
C ILE A 323 29.23 3.37 -1.73
N LEU A 324 29.17 4.69 -1.96
CA LEU A 324 30.35 5.48 -2.18
C LEU A 324 31.16 5.59 -0.88
N LEU A 325 30.48 5.68 0.28
CA LEU A 325 31.18 5.71 1.58
C LEU A 325 32.05 4.45 1.78
N GLN A 326 31.61 3.27 1.30
CA GLN A 326 32.41 2.03 1.41
C GLN A 326 33.74 2.22 0.65
N GLY A 327 33.68 2.95 -0.47
CA GLY A 327 34.87 3.32 -1.22
C GLY A 327 35.84 4.14 -0.40
N LEU A 328 35.31 5.07 0.40
CA LEU A 328 36.17 5.88 1.26
C LEU A 328 36.83 4.99 2.34
N LYS A 329 36.09 4.06 2.95
CA LYS A 329 36.65 3.12 3.96
C LYS A 329 37.78 2.30 3.31
N ALA A 330 37.55 1.84 2.09
CA ALA A 330 38.49 0.99 1.36
C ALA A 330 39.84 1.68 1.14
N ILE A 331 39.87 3.02 1.05
CA ILE A 331 41.15 3.71 0.85
C ILE A 331 41.63 4.30 2.18
N GLY A 332 40.98 3.92 3.29
CA GLY A 332 41.38 4.30 4.62
C GLY A 332 41.05 5.77 4.91
N SER A 333 39.93 6.24 4.36
CA SER A 333 39.48 7.61 4.59
C SER A 333 38.06 7.58 5.16
N LYS A 334 37.47 8.75 5.20
CA LYS A 334 36.14 8.97 5.71
C LYS A 334 35.55 10.17 4.98
N ASP A 335 34.25 10.38 5.12
CA ASP A 335 33.64 11.52 4.48
C ASP A 335 33.84 12.73 5.40
N ASP A 336 35.00 13.35 5.25
CA ASP A 336 35.38 14.51 6.03
C ASP A 336 35.12 15.77 5.20
N GLY A 337 34.58 15.59 4.02
CA GLY A 337 34.23 16.69 3.15
C GLY A 337 35.42 17.33 2.46
N LYS A 338 36.59 16.70 2.51
CA LYS A 338 37.81 17.25 1.86
C LYS A 338 37.89 16.77 0.40
N LEU A 339 37.88 17.69 -0.55
CA LEU A 339 37.89 17.37 -1.99
C LEU A 339 39.29 17.03 -2.48
N ASP A 340 40.33 17.48 -1.75
CA ASP A 340 41.76 17.20 -2.05
C ASP A 340 42.11 17.58 -3.49
N LEU A 341 41.72 18.79 -3.92
CA LEU A 341 42.01 19.24 -5.27
C LEU A 341 43.39 19.92 -5.32
N ALA B 24 16.62 -43.14 10.78
CA ALA B 24 15.14 -43.31 10.77
C ALA B 24 14.50 -42.38 11.83
N VAL B 25 13.21 -42.65 12.07
CA VAL B 25 12.32 -41.65 12.62
C VAL B 25 12.81 -41.28 14.02
N GLY B 26 12.94 -39.97 14.28
CA GLY B 26 13.38 -39.45 15.56
C GLY B 26 14.89 -39.30 15.69
N GLU B 27 15.67 -39.81 14.70
CA GLU B 27 17.15 -39.71 14.79
C GLU B 27 17.57 -38.24 14.84
N ILE B 28 18.58 -37.94 15.66
CA ILE B 28 19.13 -36.60 15.78
C ILE B 28 20.40 -36.51 14.94
N ILE B 29 20.49 -35.48 14.09
CA ILE B 29 21.71 -35.18 13.33
C ILE B 29 22.16 -33.76 13.68
N THR B 30 23.47 -33.54 13.64
CA THR B 30 24.07 -32.29 14.11
C THR B 30 24.86 -31.62 12.95
N ASP B 31 24.61 -30.35 12.69
CA ASP B 31 25.13 -29.68 11.48
C ASP B 31 26.46 -29.01 11.79
N MET B 32 26.97 -28.26 10.82
CA MET B 32 28.25 -27.59 10.88
C MET B 32 28.31 -26.61 12.01
N ALA B 33 27.20 -25.95 12.23
CA ALA B 33 27.07 -24.92 13.26
C ALA B 33 26.75 -25.54 14.63
N ALA B 34 26.80 -26.88 14.73
CA ALA B 34 26.46 -27.64 15.96
C ALA B 34 24.97 -27.52 16.33
N ALA B 35 24.13 -27.09 15.38
CA ALA B 35 22.67 -27.09 15.54
C ALA B 35 22.17 -28.52 15.34
N ALA B 36 21.22 -28.94 16.20
CA ALA B 36 20.63 -30.27 16.18
C ALA B 36 19.28 -30.27 15.44
N TRP B 37 19.09 -31.31 14.63
CA TRP B 37 17.86 -31.50 13.87
C TRP B 37 17.37 -32.92 14.11
N LYS B 38 16.03 -33.07 14.11
CA LYS B 38 15.41 -34.37 14.23
C LYS B 38 14.77 -34.71 12.90
N VAL B 39 14.95 -35.98 12.50
CA VAL B 39 14.41 -36.53 11.28
C VAL B 39 12.97 -37.01 11.51
N GLY B 40 12.12 -36.76 10.51
CA GLY B 40 10.72 -37.22 10.47
C GLY B 40 10.54 -38.38 9.51
N LEU B 41 9.31 -38.51 8.98
CA LEU B 41 8.95 -39.55 7.99
C LEU B 41 9.58 -39.21 6.64
N PRO B 42 9.94 -40.20 5.79
CA PRO B 42 10.29 -39.93 4.39
C PRO B 42 9.15 -39.26 3.60
N CYS B 50 16.21 -39.74 -1.35
CA CYS B 50 16.28 -39.89 0.11
C CYS B 50 16.11 -38.51 0.78
N ILE B 51 14.86 -38.17 1.10
CA ILE B 51 14.44 -36.87 1.65
C ILE B 51 13.42 -37.13 2.75
N TYR B 52 13.57 -36.47 3.89
CA TYR B 52 12.69 -36.66 5.06
C TYR B 52 12.22 -35.30 5.56
N LEU B 53 11.04 -35.26 6.17
CA LEU B 53 10.63 -34.11 7.00
C LEU B 53 11.66 -33.94 8.12
N ALA B 54 11.81 -32.71 8.61
CA ALA B 54 12.79 -32.45 9.65
C ALA B 54 12.42 -31.17 10.38
N ASP B 55 12.93 -31.05 11.61
CA ASP B 55 12.73 -29.85 12.42
C ASP B 55 13.88 -29.77 13.41
N MET B 56 14.00 -28.61 14.06
CA MET B 56 14.86 -28.40 15.21
C MET B 56 14.56 -29.50 16.25
N ASN B 57 15.63 -30.04 16.86
CA ASN B 57 15.53 -31.12 17.83
C ASN B 57 14.63 -30.71 19.02
N SER B 58 13.78 -31.65 19.48
CA SER B 58 12.81 -31.48 20.61
C SER B 58 12.73 -32.77 21.43
N SER B 64 3.85 -33.77 10.59
CA SER B 64 3.27 -33.80 9.24
C SER B 64 3.39 -32.40 8.60
N ASP B 65 3.42 -31.38 9.48
CA ASP B 65 3.51 -29.96 9.11
C ASP B 65 4.92 -29.42 9.39
N ALA B 66 5.94 -30.29 9.39
CA ALA B 66 7.32 -29.85 9.64
C ALA B 66 7.70 -28.73 8.67
N PRO B 67 8.50 -27.73 9.10
CA PRO B 67 8.86 -26.63 8.22
C PRO B 67 10.14 -26.86 7.38
N CYS B 68 10.81 -28.00 7.59
CA CYS B 68 12.05 -28.31 6.91
C CYS B 68 12.01 -29.73 6.37
N VAL B 69 12.97 -30.01 5.48
CA VAL B 69 13.28 -31.33 5.03
C VAL B 69 14.79 -31.48 5.15
N VAL B 70 15.24 -32.73 5.12
CA VAL B 70 16.63 -33.06 5.10
C VAL B 70 16.84 -33.99 3.91
N LYS B 71 17.84 -33.67 3.10
CA LYS B 71 18.22 -34.46 1.96
C LYS B 71 19.53 -35.15 2.34
N VAL B 72 19.59 -36.47 2.14
CA VAL B 72 20.71 -37.27 2.66
C VAL B 72 21.20 -38.20 1.54
N GLU B 73 22.51 -38.23 1.34
CA GLU B 73 23.14 -39.08 0.36
C GLU B 73 24.48 -39.54 0.95
N PRO B 74 25.07 -40.63 0.44
CA PRO B 74 26.44 -40.99 0.81
C PRO B 74 27.37 -39.78 0.65
N SER B 75 28.43 -39.71 1.45
CA SER B 75 29.39 -38.60 1.41
C SER B 75 30.09 -38.51 0.04
N ASP B 76 30.16 -39.62 -0.69
CA ASP B 76 30.85 -39.66 -2.00
C ASP B 76 29.88 -39.34 -3.15
N ASN B 77 28.60 -39.06 -2.84
CA ASN B 77 27.55 -38.70 -3.82
C ASN B 77 27.88 -37.32 -4.41
N GLY B 78 28.12 -37.30 -5.72
CA GLY B 78 28.52 -36.08 -6.43
C GLY B 78 27.40 -35.03 -6.43
N PRO B 79 26.15 -35.39 -6.81
CA PRO B 79 25.08 -34.41 -6.89
C PRO B 79 24.85 -33.61 -5.61
N LEU B 80 24.86 -34.26 -4.43
CA LEU B 80 24.54 -33.52 -3.22
C LEU B 80 25.66 -32.51 -2.94
N PHE B 81 26.90 -32.90 -3.27
CA PHE B 81 28.02 -32.01 -3.07
C PHE B 81 27.91 -30.81 -4.03
N THR B 82 27.54 -31.08 -5.29
CA THR B 82 27.33 -30.02 -6.28
C THR B 82 26.30 -29.05 -5.74
N GLU B 83 25.19 -29.61 -5.22
CA GLU B 83 24.06 -28.84 -4.76
C GLU B 83 24.47 -27.99 -3.55
N LEU B 84 25.23 -28.58 -2.63
CA LEU B 84 25.63 -27.90 -1.42
C LEU B 84 26.51 -26.68 -1.76
N LYS B 85 27.41 -26.87 -2.72
CA LYS B 85 28.30 -25.80 -3.13
C LYS B 85 27.49 -24.69 -3.79
N PHE B 86 26.49 -25.05 -4.61
CA PHE B 86 25.58 -24.07 -5.19
C PHE B 86 24.92 -23.24 -4.08
N TYR B 87 24.33 -23.91 -3.09
CA TYR B 87 23.56 -23.21 -2.08
C TYR B 87 24.48 -22.29 -1.27
N GLN B 88 25.65 -22.79 -0.91
CA GLN B 88 26.58 -21.99 -0.15
C GLN B 88 27.10 -20.78 -0.90
N ARG B 89 27.47 -20.97 -2.16
CA ARG B 89 27.96 -19.88 -3.01
C ARG B 89 26.96 -18.82 -3.49
N ALA B 90 25.79 -19.28 -3.93
CA ALA B 90 24.81 -18.38 -4.52
C ALA B 90 23.42 -18.27 -3.94
N ALA B 91 23.12 -18.99 -2.87
CA ALA B 91 21.75 -19.01 -2.32
C ALA B 91 21.75 -18.72 -0.80
N LYS B 92 22.67 -17.86 -0.37
CA LYS B 92 22.68 -17.39 0.98
C LYS B 92 21.46 -16.49 1.16
N PRO B 93 20.82 -16.55 2.35
CA PRO B 93 19.65 -15.74 2.65
C PRO B 93 19.76 -14.27 2.24
N GLU B 94 20.90 -13.65 2.50
CA GLU B 94 21.07 -12.22 2.29
C GLU B 94 21.19 -11.94 0.78
N GLN B 95 21.78 -12.89 0.05
CA GLN B 95 21.89 -12.84 -1.42
C GLN B 95 20.48 -12.82 -2.04
N ILE B 96 19.64 -13.76 -1.61
CA ILE B 96 18.27 -13.85 -2.07
C ILE B 96 17.49 -12.60 -1.68
N GLN B 97 17.62 -12.15 -0.41
CA GLN B 97 16.80 -11.03 0.10
C GLN B 97 17.21 -9.76 -0.66
N LYS B 98 18.50 -9.58 -0.89
CA LYS B 98 18.99 -8.43 -1.66
C LYS B 98 18.35 -8.42 -3.07
N TRP B 99 18.31 -9.58 -3.73
CA TRP B 99 17.78 -9.64 -5.10
C TRP B 99 16.30 -9.26 -5.12
N ILE B 100 15.54 -9.84 -4.20
CA ILE B 100 14.09 -9.59 -4.11
C ILE B 100 13.83 -8.09 -3.96
N ARG B 101 14.58 -7.47 -3.06
CA ARG B 101 14.47 -6.04 -2.76
C ARG B 101 14.79 -5.22 -4.02
N THR B 102 15.98 -5.41 -4.59
CA THR B 102 16.48 -4.54 -5.66
C THR B 102 15.66 -4.70 -6.93
N ARG B 103 15.16 -5.91 -7.22
CA ARG B 103 14.41 -6.14 -8.47
C ARG B 103 12.90 -6.01 -8.21
N LYS B 104 12.52 -5.73 -6.96
CA LYS B 104 11.13 -5.41 -6.61
C LYS B 104 10.23 -6.62 -6.91
N LEU B 105 10.65 -7.81 -6.45
CA LEU B 105 9.88 -9.05 -6.63
C LEU B 105 8.97 -9.28 -5.43
N LYS B 106 7.85 -9.99 -5.63
CA LYS B 106 7.00 -10.43 -4.51
C LYS B 106 7.74 -11.54 -3.75
N TYR B 107 8.47 -12.40 -4.47
CA TYR B 107 9.26 -13.53 -3.88
C TYR B 107 10.30 -13.99 -4.91
N LEU B 108 11.18 -14.91 -4.53
CA LEU B 108 12.10 -15.55 -5.48
C LEU B 108 12.13 -17.03 -5.17
N GLY B 109 11.86 -17.85 -6.20
CA GLY B 109 11.68 -19.29 -6.04
C GLY B 109 12.97 -20.05 -5.91
N VAL B 110 13.95 -19.53 -5.16
CA VAL B 110 15.14 -20.28 -4.79
C VAL B 110 14.98 -20.72 -3.34
N PRO B 111 15.06 -22.03 -3.03
CA PRO B 111 14.89 -22.53 -1.68
C PRO B 111 15.94 -21.99 -0.70
N LYS B 112 15.51 -21.79 0.54
CA LYS B 112 16.41 -21.39 1.60
C LYS B 112 17.14 -22.62 2.13
N TYR B 113 18.45 -22.49 2.23
CA TYR B 113 19.37 -23.46 2.81
C TYR B 113 19.55 -23.13 4.31
N TRP B 114 19.34 -24.13 5.17
CA TRP B 114 19.41 -23.99 6.64
C TRP B 114 20.71 -24.56 7.23
N GLY B 115 21.37 -25.48 6.52
CA GLY B 115 22.63 -26.05 7.00
C GLY B 115 22.88 -27.45 6.46
N SER B 116 24.05 -27.97 6.78
CA SER B 116 24.51 -29.24 6.27
C SER B 116 25.53 -29.83 7.25
N GLY B 117 25.82 -31.12 7.06
CA GLY B 117 26.80 -31.78 7.87
C GLY B 117 27.06 -33.20 7.40
N LEU B 118 27.77 -33.92 8.26
CA LEU B 118 28.05 -35.33 8.07
C LEU B 118 27.38 -36.11 9.21
N HIS B 119 26.96 -37.34 8.90
CA HIS B 119 26.37 -38.22 9.86
C HIS B 119 26.73 -39.66 9.52
N ASP B 120 27.22 -40.41 10.52
CA ASP B 120 27.52 -41.83 10.39
C ASP B 120 26.33 -42.62 10.94
N TYR B 126 27.59 -40.30 5.66
CA TYR B 126 26.54 -39.62 4.92
C TYR B 126 26.60 -38.11 5.05
N ARG B 127 26.20 -37.42 3.99
CA ARG B 127 26.19 -35.97 3.96
C ARG B 127 24.75 -35.53 3.86
N PHE B 128 24.38 -34.53 4.64
CA PHE B 128 23.01 -34.06 4.60
C PHE B 128 22.89 -32.55 4.43
N MET B 129 21.73 -32.13 3.98
CA MET B 129 21.39 -30.71 3.84
C MET B 129 19.99 -30.50 4.40
N ILE B 130 19.80 -29.39 5.10
CA ILE B 130 18.52 -29.01 5.61
C ILE B 130 17.98 -27.86 4.74
N MET B 131 16.75 -28.02 4.25
CA MET B 131 16.14 -27.05 3.37
C MET B 131 14.71 -26.80 3.81
N ASP B 132 14.10 -25.82 3.15
CA ASP B 132 12.73 -25.42 3.37
C ASP B 132 11.82 -26.56 2.98
N ARG B 133 10.70 -26.66 3.67
CA ARG B 133 9.73 -27.68 3.35
C ARG B 133 8.71 -27.02 2.45
N PHE B 134 8.42 -27.68 1.34
CA PHE B 134 7.51 -27.16 0.33
C PHE B 134 6.31 -28.08 0.18
N GLY B 135 5.32 -27.61 -0.54
CA GLY B 135 4.13 -28.39 -0.79
C GLY B 135 4.35 -29.32 -1.97
N SER B 136 3.30 -29.54 -2.74
CA SER B 136 3.38 -30.42 -3.89
C SER B 136 4.23 -29.97 -5.10
N ASP B 137 4.88 -30.95 -5.73
CA ASP B 137 5.56 -30.75 -6.98
C ASP B 137 4.52 -30.52 -8.09
N LEU B 138 4.94 -29.89 -9.18
CA LEU B 138 4.04 -29.51 -10.26
C LEU B 138 3.69 -30.72 -11.11
N GLN B 139 4.54 -31.75 -11.12
CA GLN B 139 4.29 -32.94 -11.91
C GLN B 139 3.02 -33.66 -11.40
N LYS B 140 2.83 -33.76 -10.07
CA LYS B 140 1.61 -34.41 -9.50
C LYS B 140 0.39 -33.58 -9.94
N ILE B 141 0.51 -32.25 -9.87
CA ILE B 141 -0.61 -31.39 -10.23
C ILE B 141 -0.89 -31.47 -11.74
N TYR B 142 0.17 -31.52 -12.54
CA TYR B 142 0.05 -31.64 -13.99
C TYR B 142 -0.72 -32.93 -14.32
N GLU B 143 -0.33 -34.05 -13.70
CA GLU B 143 -0.96 -35.35 -13.98
C GLU B 143 -2.44 -35.30 -13.53
N ALA B 144 -2.72 -34.65 -12.40
CA ALA B 144 -4.07 -34.57 -11.87
C ALA B 144 -4.97 -33.73 -12.79
N ASN B 145 -4.36 -32.87 -13.61
CA ASN B 145 -5.10 -31.99 -14.50
C ASN B 145 -5.07 -32.56 -15.94
N ALA B 146 -4.90 -33.88 -16.05
CA ALA B 146 -4.88 -34.64 -17.32
C ALA B 146 -3.72 -34.17 -18.25
N LYS B 147 -2.58 -33.85 -17.66
CA LYS B 147 -1.35 -33.47 -18.36
C LYS B 147 -1.56 -32.23 -19.23
N ARG B 148 -2.25 -31.22 -18.67
CA ARG B 148 -2.37 -29.92 -19.29
C ARG B 148 -2.29 -28.86 -18.20
N PHE B 149 -1.62 -27.75 -18.52
CA PHE B 149 -1.76 -26.51 -17.80
C PHE B 149 -2.32 -25.49 -18.80
N SER B 150 -3.10 -24.54 -18.30
CA SER B 150 -3.63 -23.45 -19.11
C SER B 150 -2.51 -22.53 -19.58
N ARG B 151 -2.78 -21.78 -20.63
CA ARG B 151 -1.91 -20.75 -21.14
C ARG B 151 -1.56 -19.77 -20.00
N LYS B 152 -2.59 -19.36 -19.25
CA LYS B 152 -2.41 -18.43 -18.12
C LYS B 152 -1.40 -19.03 -17.14
N THR B 153 -1.61 -20.29 -16.75
CA THR B 153 -0.75 -20.96 -15.80
C THR B 153 0.71 -21.01 -16.32
N VAL B 154 0.88 -21.46 -17.56
CA VAL B 154 2.20 -21.66 -18.13
C VAL B 154 2.95 -20.33 -18.19
N LEU B 155 2.26 -19.25 -18.55
CA LEU B 155 2.89 -17.93 -18.66
C LEU B 155 3.28 -17.44 -17.24
N GLN B 156 2.41 -17.71 -16.26
CA GLN B 156 2.66 -17.25 -14.90
C GLN B 156 3.81 -18.06 -14.30
N LEU B 157 3.84 -19.37 -14.55
CA LEU B 157 4.96 -20.20 -14.11
C LEU B 157 6.27 -19.68 -14.74
N SER B 158 6.23 -19.43 -16.04
CA SER B 158 7.43 -19.16 -16.82
C SER B 158 8.03 -17.81 -16.41
N LEU B 159 7.20 -16.84 -16.06
CA LEU B 159 7.73 -15.56 -15.61
C LEU B 159 8.51 -15.72 -14.32
N ARG B 160 7.99 -16.50 -13.40
CA ARG B 160 8.64 -16.76 -12.13
C ARG B 160 9.92 -17.56 -12.34
N ILE B 161 9.89 -18.51 -13.26
CA ILE B 161 11.06 -19.31 -13.57
C ILE B 161 12.16 -18.42 -14.16
N LEU B 162 11.78 -17.48 -15.01
CA LEU B 162 12.75 -16.53 -15.57
C LEU B 162 13.39 -15.72 -14.45
N ASP B 163 12.64 -15.36 -13.39
CA ASP B 163 13.25 -14.66 -12.24
C ASP B 163 14.33 -15.56 -11.62
N ILE B 164 14.00 -16.84 -11.41
CA ILE B 164 14.90 -17.78 -10.81
C ILE B 164 16.16 -17.96 -11.68
N LEU B 165 15.95 -18.18 -12.97
CA LEU B 165 17.09 -18.44 -13.86
C LEU B 165 18.00 -17.20 -13.92
N GLU B 166 17.39 -16.02 -14.02
CA GLU B 166 18.20 -14.80 -14.09
C GLU B 166 19.04 -14.69 -12.81
N TYR B 167 18.43 -14.98 -11.65
CA TYR B 167 19.15 -14.97 -10.39
C TYR B 167 20.35 -15.93 -10.43
N ILE B 168 20.12 -17.20 -10.73
CA ILE B 168 21.22 -18.16 -10.62
C ILE B 168 22.29 -17.86 -11.68
N HIS B 169 21.86 -17.43 -12.88
CA HIS B 169 22.79 -17.10 -13.97
C HIS B 169 23.73 -15.97 -13.54
N GLU B 170 23.16 -14.95 -12.90
CA GLU B 170 23.91 -13.81 -12.44
C GLU B 170 24.82 -14.20 -11.28
N HIS B 171 24.59 -15.38 -10.65
CA HIS B 171 25.46 -15.90 -9.63
C HIS B 171 26.29 -17.06 -10.16
N GLU B 172 26.55 -17.06 -11.48
CA GLU B 172 27.57 -17.92 -12.13
C GLU B 172 27.08 -19.37 -12.32
N TYR B 173 25.79 -19.64 -12.12
CA TYR B 173 25.29 -21.01 -12.22
C TYR B 173 24.17 -21.14 -13.26
N VAL B 174 24.11 -22.32 -13.89
CA VAL B 174 22.94 -22.78 -14.63
C VAL B 174 22.40 -24.03 -13.95
N HIS B 175 21.12 -24.33 -14.14
CA HIS B 175 20.44 -25.44 -13.47
C HIS B 175 20.52 -26.74 -14.27
N GLY B 176 20.17 -26.63 -15.55
CA GLY B 176 20.27 -27.71 -16.51
C GLY B 176 19.23 -28.81 -16.47
N ASP B 177 18.30 -28.72 -15.54
CA ASP B 177 17.28 -29.74 -15.40
C ASP B 177 15.91 -29.23 -15.02
N ILE B 178 15.46 -28.15 -15.65
CA ILE B 178 14.16 -27.61 -15.34
C ILE B 178 13.05 -28.55 -15.81
N LYS B 179 12.07 -28.80 -14.96
CA LYS B 179 10.92 -29.63 -15.29
C LYS B 179 9.93 -29.62 -14.11
N ALA B 180 8.70 -30.07 -14.35
CA ALA B 180 7.62 -29.99 -13.40
C ALA B 180 7.98 -30.71 -12.09
N SER B 181 8.70 -31.83 -12.16
CA SER B 181 9.04 -32.58 -10.93
C SER B 181 10.07 -31.84 -10.09
N ASN B 182 10.73 -30.80 -10.61
CA ASN B 182 11.71 -30.01 -9.85
C ASN B 182 11.14 -28.64 -9.49
N LEU B 183 9.83 -28.48 -9.66
CA LEU B 183 9.15 -27.25 -9.32
C LEU B 183 8.13 -27.56 -8.22
N LEU B 184 8.29 -26.91 -7.07
CA LEU B 184 7.46 -27.16 -5.88
C LEU B 184 6.75 -25.86 -5.49
N LEU B 185 5.52 -26.00 -5.01
CA LEU B 185 4.78 -24.85 -4.47
C LEU B 185 5.18 -24.60 -3.02
N ASN B 186 5.17 -23.33 -2.62
CA ASN B 186 5.29 -22.91 -1.22
C ASN B 186 4.19 -23.63 -0.41
N TYR B 187 4.58 -24.25 0.72
CA TYR B 187 3.60 -24.93 1.62
C TYR B 187 2.49 -23.97 2.03
N LYS B 188 2.88 -22.72 2.32
CA LYS B 188 1.95 -21.68 2.71
C LYS B 188 1.34 -20.87 1.58
N ASN B 189 1.93 -20.93 0.38
CA ASN B 189 1.39 -20.19 -0.75
C ASN B 189 1.42 -20.97 -2.06
N PRO B 190 0.24 -21.32 -2.59
CA PRO B 190 0.11 -22.09 -3.84
C PRO B 190 0.42 -21.28 -5.10
N ASP B 191 0.55 -19.98 -4.96
CA ASP B 191 0.83 -19.10 -6.10
C ASP B 191 2.34 -18.84 -6.23
N GLN B 192 3.16 -19.47 -5.39
CA GLN B 192 4.60 -19.26 -5.42
C GLN B 192 5.28 -20.61 -5.70
N VAL B 193 6.07 -20.65 -6.78
CA VAL B 193 6.73 -21.85 -7.23
C VAL B 193 8.24 -21.66 -7.03
N TYR B 194 8.88 -22.75 -6.63
CA TYR B 194 10.29 -22.82 -6.33
C TYR B 194 10.95 -23.88 -7.21
N LEU B 195 12.15 -23.57 -7.71
CA LEU B 195 12.99 -24.51 -8.44
C LEU B 195 13.96 -25.21 -7.48
N VAL B 196 13.95 -26.54 -7.49
CA VAL B 196 14.79 -27.32 -6.60
C VAL B 196 15.70 -28.24 -7.45
N ASP B 197 16.59 -28.90 -6.73
CA ASP B 197 17.46 -29.95 -7.22
C ASP B 197 18.55 -29.37 -8.12
N TYR B 198 19.61 -28.89 -7.48
CA TYR B 198 20.75 -28.29 -8.13
C TYR B 198 21.86 -29.34 -8.24
N GLY B 199 21.45 -30.61 -8.28
CA GLY B 199 22.37 -31.74 -8.38
C GLY B 199 23.11 -31.79 -9.70
N LEU B 200 22.53 -31.20 -10.75
CA LEU B 200 23.19 -31.08 -12.06
C LEU B 200 23.59 -29.63 -12.34
N ALA B 201 23.51 -28.75 -11.34
CA ALA B 201 23.86 -27.36 -11.57
C ALA B 201 25.33 -27.24 -11.95
N TYR B 202 25.66 -26.22 -12.73
CA TYR B 202 26.97 -26.09 -13.27
C TYR B 202 27.39 -24.62 -13.17
N ARG B 203 28.62 -24.42 -12.68
CA ARG B 203 29.19 -23.10 -12.57
C ARG B 203 29.84 -22.75 -13.91
N TYR B 204 29.01 -22.23 -14.79
CA TYR B 204 29.36 -21.85 -16.14
C TYR B 204 30.32 -20.66 -16.23
N CYS B 205 30.28 -19.77 -15.24
CA CYS B 205 31.09 -18.57 -15.28
C CYS B 205 31.89 -18.29 -14.03
N PRO B 206 32.88 -19.13 -13.71
CA PRO B 206 33.60 -18.84 -12.46
C PRO B 206 34.40 -17.56 -12.56
N GLU B 207 34.23 -16.69 -11.57
CA GLU B 207 34.92 -15.38 -11.53
C GLU B 207 34.68 -14.60 -12.82
N GLY B 208 33.53 -14.79 -13.45
CA GLY B 208 33.16 -14.01 -14.62
C GLY B 208 33.84 -14.44 -15.91
N VAL B 209 34.48 -15.60 -15.90
CA VAL B 209 35.10 -16.13 -17.10
C VAL B 209 34.23 -17.27 -17.60
N HIS B 210 33.63 -17.10 -18.76
CA HIS B 210 32.76 -18.11 -19.33
C HIS B 210 33.50 -19.35 -19.83
N LYS B 211 32.94 -20.51 -19.55
CA LYS B 211 33.49 -21.77 -20.01
C LYS B 211 33.44 -21.75 -21.55
N ALA B 212 34.49 -22.22 -22.19
CA ALA B 212 34.56 -22.20 -23.65
C ALA B 212 33.73 -23.37 -24.20
N TYR B 213 33.20 -23.19 -25.40
CA TYR B 213 32.45 -24.23 -26.11
C TYR B 213 33.39 -25.43 -26.40
N ALA B 214 33.04 -26.60 -25.88
CA ALA B 214 33.72 -27.85 -26.25
C ALA B 214 32.81 -29.07 -26.07
N ALA B 215 32.82 -29.98 -27.05
CA ALA B 215 31.97 -31.17 -27.02
C ALA B 215 32.78 -32.29 -26.38
N ASP B 216 32.29 -32.81 -25.27
CA ASP B 216 32.95 -33.82 -24.46
C ASP B 216 32.07 -35.06 -24.55
N PRO B 217 32.56 -36.17 -25.13
CA PRO B 217 31.74 -37.38 -25.26
C PRO B 217 31.20 -37.92 -23.92
N LYS B 218 31.92 -37.67 -22.84
CA LYS B 218 31.50 -38.08 -21.52
C LYS B 218 30.22 -37.36 -21.08
N ARG B 219 30.10 -36.10 -21.47
CA ARG B 219 28.96 -35.23 -21.15
C ARG B 219 27.69 -35.42 -21.97
N CYS B 220 27.74 -36.17 -23.07
CA CYS B 220 26.57 -36.28 -23.93
C CYS B 220 25.30 -36.77 -23.27
N HIS B 221 24.22 -36.07 -23.59
CA HIS B 221 22.87 -36.33 -23.09
C HIS B 221 22.62 -36.17 -21.59
N ASP B 222 23.33 -35.25 -20.95
CA ASP B 222 23.10 -34.94 -19.54
C ASP B 222 21.76 -34.20 -19.40
N GLY B 223 21.14 -34.31 -18.25
CA GLY B 223 19.83 -33.71 -17.98
C GLY B 223 18.72 -34.73 -18.13
N THR B 224 17.47 -34.27 -18.22
CA THR B 224 16.34 -35.13 -18.50
C THR B 224 16.11 -35.15 -20.01
N ILE B 225 16.23 -36.33 -20.61
CA ILE B 225 16.40 -36.47 -22.06
C ILE B 225 15.29 -35.76 -22.84
N GLU B 226 14.03 -35.86 -22.41
CA GLU B 226 12.94 -35.21 -23.16
C GLU B 226 13.07 -33.68 -23.13
N PHE B 227 13.68 -33.10 -22.11
CA PHE B 227 13.69 -31.63 -21.95
C PHE B 227 15.08 -31.02 -22.13
N THR B 228 16.15 -31.83 -22.18
CA THR B 228 17.48 -31.27 -22.08
C THR B 228 17.83 -30.47 -23.36
N SER B 229 18.88 -29.68 -23.27
CA SER B 229 19.28 -28.76 -24.33
C SER B 229 20.06 -29.50 -25.42
N ILE B 230 20.01 -28.93 -26.62
CA ILE B 230 20.82 -29.40 -27.71
C ILE B 230 22.29 -29.41 -27.30
N ASP B 231 22.75 -28.33 -26.64
CA ASP B 231 24.15 -28.26 -26.17
C ASP B 231 24.45 -29.51 -25.32
N ALA B 232 23.58 -29.83 -24.38
CA ALA B 232 23.78 -30.98 -23.51
C ALA B 232 23.82 -32.29 -24.30
N HIS B 233 22.98 -32.40 -25.33
CA HIS B 233 22.94 -33.58 -26.19
C HIS B 233 24.29 -33.77 -26.90
N ASN B 234 24.88 -32.67 -27.34
CA ASN B 234 26.16 -32.63 -28.02
C ASN B 234 27.37 -32.86 -27.11
N GLY B 235 27.14 -32.92 -25.80
CA GLY B 235 28.22 -33.10 -24.85
C GLY B 235 28.96 -31.79 -24.53
N VAL B 236 28.26 -30.67 -24.64
CA VAL B 236 28.77 -29.38 -24.30
C VAL B 236 28.28 -29.00 -22.89
N ALA B 237 29.14 -28.38 -22.11
CA ALA B 237 28.76 -27.95 -20.78
C ALA B 237 27.58 -27.00 -20.89
N PRO B 238 26.57 -27.07 -19.98
CA PRO B 238 25.39 -26.23 -20.09
C PRO B 238 25.73 -24.74 -19.86
N SER B 239 25.03 -23.87 -20.58
CA SER B 239 25.15 -22.45 -20.44
C SER B 239 23.74 -21.85 -20.36
N ARG B 240 23.65 -20.52 -20.41
CA ARG B 240 22.39 -19.83 -20.10
C ARG B 240 21.33 -20.14 -21.18
N ARG B 241 21.75 -20.20 -22.45
CA ARG B 241 20.80 -20.42 -23.52
C ARG B 241 20.13 -21.79 -23.32
N GLY B 242 20.89 -22.76 -22.83
CA GLY B 242 20.38 -24.09 -22.59
C GLY B 242 19.25 -24.11 -21.58
N ASP B 243 19.38 -23.36 -20.50
CA ASP B 243 18.34 -23.29 -19.50
C ASP B 243 17.06 -22.72 -20.09
N LEU B 244 17.20 -21.69 -20.91
CA LEU B 244 16.07 -21.08 -21.57
C LEU B 244 15.39 -22.06 -22.54
N GLU B 245 16.20 -22.80 -23.28
CA GLU B 245 15.72 -23.82 -24.22
C GLU B 245 14.90 -24.88 -23.46
N ILE B 246 15.44 -25.34 -22.32
CA ILE B 246 14.76 -26.34 -21.53
C ILE B 246 13.38 -25.81 -21.11
N LEU B 247 13.33 -24.56 -20.64
CA LEU B 247 12.05 -23.98 -20.21
C LEU B 247 11.08 -23.98 -21.39
N GLY B 248 11.59 -23.69 -22.60
CA GLY B 248 10.81 -23.71 -23.81
C GLY B 248 10.13 -25.06 -24.03
N TYR B 249 10.91 -26.13 -23.94
CA TYR B 249 10.36 -27.46 -24.11
C TYR B 249 9.32 -27.75 -23.02
N CYS B 250 9.58 -27.32 -21.78
CA CYS B 250 8.64 -27.47 -20.68
C CYS B 250 7.32 -26.77 -21.03
N MET B 251 7.38 -25.55 -21.57
CA MET B 251 6.20 -24.78 -21.84
C MET B 251 5.32 -25.53 -22.85
N ILE B 252 5.92 -26.12 -23.87
CA ILE B 252 5.17 -26.82 -24.88
C ILE B 252 4.55 -28.07 -24.28
N GLN B 253 5.33 -28.83 -23.51
CA GLN B 253 4.87 -30.04 -22.82
C GLN B 253 3.66 -29.71 -21.94
N TRP B 254 3.74 -28.59 -21.20
CA TRP B 254 2.69 -28.22 -20.28
C TRP B 254 1.42 -27.81 -21.04
N LEU B 255 1.57 -27.04 -22.12
CA LEU B 255 0.43 -26.56 -22.90
C LEU B 255 -0.28 -27.71 -23.63
N THR B 256 0.48 -28.70 -24.13
CA THR B 256 -0.03 -29.64 -25.12
C THR B 256 -0.12 -31.08 -24.60
N GLY B 257 0.59 -31.38 -23.52
CA GLY B 257 0.71 -32.74 -23.00
C GLY B 257 1.73 -33.58 -23.76
N HIS B 258 2.44 -33.01 -24.74
CA HIS B 258 3.33 -33.83 -25.57
C HIS B 258 4.56 -33.04 -26.00
N LEU B 259 5.59 -33.79 -26.43
CA LEU B 259 6.68 -33.29 -27.22
C LEU B 259 6.91 -34.25 -28.37
N PRO B 260 7.39 -33.75 -29.54
CA PRO B 260 7.47 -34.56 -30.74
C PRO B 260 8.27 -35.87 -30.62
N TRP B 261 9.33 -35.82 -29.82
CA TRP B 261 10.28 -36.92 -29.67
C TRP B 261 10.07 -37.87 -28.50
N GLU B 262 8.95 -37.74 -27.83
CA GLU B 262 8.66 -38.53 -26.64
C GLU B 262 8.46 -40.03 -26.83
N ASP B 263 8.17 -40.46 -28.04
CA ASP B 263 7.99 -41.88 -28.30
C ASP B 263 9.30 -42.60 -28.56
N ASN B 264 10.40 -41.85 -28.65
CA ASN B 264 11.72 -42.41 -28.90
C ASN B 264 12.76 -41.91 -27.92
N LEU B 265 12.40 -41.82 -26.64
CA LEU B 265 13.31 -41.33 -25.59
C LEU B 265 14.51 -42.24 -25.34
N LYS B 266 14.39 -43.53 -25.66
CA LYS B 266 15.48 -44.49 -25.55
C LYS B 266 16.56 -44.33 -26.65
N ASP B 267 16.27 -43.57 -27.71
CA ASP B 267 17.24 -43.29 -28.76
C ASP B 267 17.73 -41.85 -28.58
N PRO B 268 18.83 -41.63 -27.84
CA PRO B 268 19.27 -40.24 -27.63
C PRO B 268 19.68 -39.47 -28.88
N LYS B 269 20.27 -40.12 -29.87
CA LYS B 269 20.69 -39.47 -31.10
C LYS B 269 19.44 -38.96 -31.81
N TYR B 270 18.36 -39.71 -31.76
CA TYR B 270 17.14 -39.29 -32.40
C TYR B 270 16.54 -38.07 -31.70
N VAL B 271 16.60 -38.05 -30.38
CA VAL B 271 16.08 -36.92 -29.64
C VAL B 271 16.88 -35.68 -30.01
N ARG B 272 18.20 -35.79 -29.98
CA ARG B 272 19.07 -34.67 -30.36
C ARG B 272 18.71 -34.19 -31.77
N ASP B 273 18.60 -35.14 -32.70
CA ASP B 273 18.44 -34.80 -34.13
C ASP B 273 17.09 -34.12 -34.34
N SER B 274 16.07 -34.58 -33.62
CA SER B 274 14.75 -34.01 -33.74
C SER B 274 14.75 -32.57 -33.19
N LYS B 275 15.39 -32.35 -32.04
CA LYS B 275 15.47 -31.02 -31.45
C LYS B 275 16.22 -30.08 -32.42
N ILE B 276 17.29 -30.58 -33.05
CA ILE B 276 18.06 -29.75 -33.98
C ILE B 276 17.19 -29.35 -35.18
N ARG B 277 16.45 -30.32 -35.74
CA ARG B 277 15.57 -30.08 -36.89
C ARG B 277 14.49 -29.05 -36.51
N TYR B 278 13.94 -29.17 -35.31
CA TYR B 278 12.87 -28.31 -34.88
C TYR B 278 13.39 -26.93 -34.47
N ARG B 279 14.67 -26.80 -34.12
CA ARG B 279 15.28 -25.51 -33.91
C ARG B 279 15.50 -24.83 -35.27
N GLU B 280 15.93 -25.59 -36.26
CA GLU B 280 16.13 -25.08 -37.60
C GLU B 280 14.81 -24.57 -38.19
N ASN B 281 13.72 -25.27 -37.90
CA ASN B 281 12.41 -24.91 -38.41
C ASN B 281 11.38 -24.82 -37.28
N ILE B 282 11.35 -23.68 -36.61
CA ILE B 282 10.44 -23.44 -35.50
C ILE B 282 8.96 -23.48 -35.90
N ALA B 283 8.63 -22.95 -37.08
CA ALA B 283 7.28 -23.04 -37.63
C ALA B 283 6.80 -24.50 -37.64
N SER B 284 7.67 -25.43 -38.06
CA SER B 284 7.30 -26.82 -38.12
C SER B 284 7.15 -27.41 -36.71
N LEU B 285 7.88 -26.88 -35.71
CA LEU B 285 7.69 -27.35 -34.34
C LEU B 285 6.29 -26.92 -33.87
N MET B 286 5.92 -25.67 -34.17
CA MET B 286 4.60 -25.14 -33.81
C MET B 286 3.50 -25.96 -34.51
N ASP B 287 3.68 -26.28 -35.79
CA ASP B 287 2.72 -27.09 -36.58
C ASP B 287 2.57 -28.48 -35.95
N LYS B 288 3.70 -29.07 -35.56
CA LYS B 288 3.70 -30.40 -34.99
C LYS B 288 3.02 -30.41 -33.62
N CYS B 289 3.46 -29.51 -32.75
CA CYS B 289 2.95 -29.36 -31.38
C CYS B 289 1.53 -28.87 -31.21
N PHE B 290 1.12 -27.96 -32.09
CA PHE B 290 -0.22 -27.41 -32.06
C PHE B 290 -0.76 -27.64 -33.46
N PRO B 291 -1.18 -28.88 -33.73
CA PRO B 291 -1.67 -29.31 -35.04
C PRO B 291 -2.91 -28.54 -35.45
N ALA B 292 -3.74 -28.14 -34.50
CA ALA B 292 -4.93 -27.38 -34.86
C ALA B 292 -4.59 -26.01 -35.48
N ALA B 293 -3.31 -25.63 -35.60
CA ALA B 293 -2.83 -24.26 -35.97
C ALA B 293 -3.32 -23.22 -34.94
N ASN B 294 -3.35 -23.65 -33.69
CA ASN B 294 -3.77 -22.85 -32.55
C ASN B 294 -2.52 -22.43 -31.74
N ALA B 295 -1.40 -22.12 -32.42
CA ALA B 295 -0.10 -21.95 -31.74
C ALA B 295 -0.05 -20.59 -31.05
N PRO B 296 0.11 -20.53 -29.72
CA PRO B 296 0.27 -19.27 -29.00
C PRO B 296 1.53 -18.55 -29.50
N GLY B 297 1.35 -17.32 -29.98
CA GLY B 297 2.41 -16.58 -30.66
C GLY B 297 3.64 -16.35 -29.80
N GLU B 298 3.44 -16.15 -28.49
CA GLU B 298 4.51 -15.89 -27.57
C GLU B 298 5.47 -17.08 -27.48
N ILE B 299 4.96 -18.32 -27.64
CA ILE B 299 5.83 -19.50 -27.60
C ILE B 299 6.77 -19.48 -28.80
N ALA B 300 6.25 -19.23 -29.99
CA ALA B 300 7.10 -19.15 -31.17
C ALA B 300 8.13 -18.03 -31.00
N LYS B 301 7.68 -16.88 -30.48
CA LYS B 301 8.57 -15.73 -30.36
C LYS B 301 9.67 -16.04 -29.33
N TYR B 302 9.29 -16.71 -28.25
CA TYR B 302 10.23 -17.13 -27.22
C TYR B 302 11.30 -18.05 -27.83
N MET B 303 10.87 -19.07 -28.57
CA MET B 303 11.79 -20.05 -29.12
C MET B 303 12.69 -19.37 -30.17
N GLU B 304 12.15 -18.44 -30.95
CA GLU B 304 12.96 -17.72 -31.94
C GLU B 304 14.01 -16.85 -31.24
N THR B 305 13.68 -16.27 -30.08
CA THR B 305 14.60 -15.37 -29.39
C THR B 305 15.74 -16.20 -28.78
N VAL B 306 15.41 -17.35 -28.18
CA VAL B 306 16.41 -18.23 -27.58
C VAL B 306 17.34 -18.76 -28.67
N LYS B 307 16.79 -19.04 -29.86
CA LYS B 307 17.57 -19.55 -30.98
C LYS B 307 18.70 -18.58 -31.38
N LEU B 308 18.46 -17.28 -31.23
CA LEU B 308 19.42 -16.25 -31.55
C LEU B 308 20.58 -16.17 -30.54
N LEU B 309 20.49 -16.80 -29.35
CA LEU B 309 21.59 -16.73 -28.39
C LEU B 309 22.78 -17.59 -28.83
N ASP B 310 23.95 -16.98 -28.78
CA ASP B 310 25.21 -17.71 -28.82
C ASP B 310 25.46 -18.40 -27.49
N TYR B 311 26.41 -19.34 -27.52
CA TYR B 311 26.67 -20.21 -26.39
C TYR B 311 27.05 -19.39 -25.16
N THR B 312 27.87 -18.35 -25.32
CA THR B 312 28.38 -17.56 -24.16
C THR B 312 27.53 -16.30 -23.94
N GLU B 313 26.49 -16.09 -24.74
CA GLU B 313 25.78 -14.79 -24.76
C GLU B 313 24.88 -14.63 -23.52
N LYS B 314 24.86 -13.44 -22.96
CA LYS B 314 23.95 -13.09 -21.90
C LYS B 314 22.58 -12.82 -22.52
N PRO B 315 21.52 -13.53 -22.09
CA PRO B 315 20.17 -13.24 -22.54
C PRO B 315 19.71 -11.83 -22.12
N LEU B 316 18.82 -11.24 -22.91
CA LEU B 316 18.06 -10.06 -22.55
C LEU B 316 16.78 -10.53 -21.85
N TYR B 317 16.88 -10.70 -20.54
CA TYR B 317 15.80 -11.32 -19.78
C TYR B 317 14.54 -10.46 -19.82
N GLU B 318 14.66 -9.13 -19.88
CA GLU B 318 13.48 -8.24 -19.94
C GLU B 318 12.72 -8.46 -21.24
N ASN B 319 13.43 -8.64 -22.36
CA ASN B 319 12.77 -8.90 -23.67
C ASN B 319 12.02 -10.23 -23.59
N LEU B 320 12.61 -11.23 -22.94
CA LEU B 320 11.96 -12.53 -22.80
C LEU B 320 10.69 -12.38 -21.95
N ARG B 321 10.77 -11.57 -20.89
CA ARG B 321 9.63 -11.28 -20.02
C ARG B 321 8.55 -10.55 -20.83
N ASP B 322 8.95 -9.55 -21.63
CA ASP B 322 8.01 -8.81 -22.47
C ASP B 322 7.25 -9.79 -23.35
N ILE B 323 7.95 -10.76 -23.97
CA ILE B 323 7.30 -11.69 -24.88
C ILE B 323 6.17 -12.42 -24.13
N LEU B 324 6.45 -12.89 -22.91
CA LEU B 324 5.49 -13.63 -22.14
C LEU B 324 4.35 -12.71 -21.70
N LEU B 325 4.67 -11.46 -21.32
CA LEU B 325 3.64 -10.49 -20.90
C LEU B 325 2.67 -10.21 -22.05
N GLN B 326 3.15 -10.16 -23.31
CA GLN B 326 2.28 -9.93 -24.48
C GLN B 326 1.28 -11.08 -24.57
N GLY B 327 1.74 -12.30 -24.24
CA GLY B 327 0.89 -13.51 -24.16
C GLY B 327 -0.27 -13.29 -23.18
N LEU B 328 0.05 -12.69 -22.02
CA LEU B 328 -0.95 -12.43 -21.02
C LEU B 328 -1.98 -11.39 -21.55
N LYS B 329 -1.51 -10.30 -22.21
CA LYS B 329 -2.40 -9.27 -22.79
C LYS B 329 -3.33 -9.94 -23.83
N ALA B 330 -2.77 -10.81 -24.65
CA ALA B 330 -3.50 -11.49 -25.72
C ALA B 330 -4.68 -12.31 -25.18
N ILE B 331 -4.59 -12.83 -23.95
CA ILE B 331 -5.70 -13.61 -23.40
C ILE B 331 -6.51 -12.77 -22.43
N GLY B 332 -6.27 -11.46 -22.41
CA GLY B 332 -7.01 -10.49 -21.60
C GLY B 332 -6.69 -10.63 -20.12
N SER B 333 -5.43 -10.95 -19.80
CA SER B 333 -4.98 -11.09 -18.43
C SER B 333 -3.80 -10.14 -18.20
N LYS B 334 -3.17 -10.33 -17.07
CA LYS B 334 -2.03 -9.56 -16.67
C LYS B 334 -1.23 -10.38 -15.68
N ASP B 335 -0.03 -9.93 -15.37
CA ASP B 335 0.79 -10.68 -14.43
C ASP B 335 0.37 -10.32 -13.02
N ASP B 336 -0.65 -11.03 -12.54
CA ASP B 336 -1.18 -10.84 -11.20
C ASP B 336 -0.56 -11.84 -10.24
N GLY B 337 0.35 -12.66 -10.76
CA GLY B 337 1.03 -13.65 -9.95
C GLY B 337 0.15 -14.84 -9.59
N LYS B 338 -1.03 -14.96 -10.20
CA LYS B 338 -1.96 -16.08 -9.90
C LYS B 338 -1.63 -17.24 -10.85
N LEU B 339 -1.25 -18.39 -10.28
CA LEU B 339 -0.83 -19.56 -11.04
C LEU B 339 -2.03 -20.33 -11.59
N ASP B 340 -3.22 -20.15 -10.97
CA ASP B 340 -4.50 -20.73 -11.42
C ASP B 340 -4.40 -22.25 -11.54
N LEU B 341 -3.86 -22.90 -10.52
CA LEU B 341 -3.68 -24.34 -10.55
C LEU B 341 -4.95 -25.07 -10.06
N GLU C 21 -55.82 -2.40 -23.47
CA GLU C 21 -55.32 -1.05 -23.66
C GLU C 21 -54.20 -0.98 -24.69
N GLN C 22 -52.96 -1.07 -24.21
CA GLN C 22 -51.80 -1.01 -25.09
C GLN C 22 -51.68 -2.14 -26.08
N PHE C 23 -51.99 -3.35 -25.63
CA PHE C 23 -51.85 -4.51 -26.48
C PHE C 23 -53.07 -5.40 -26.50
N ALA C 24 -53.36 -5.94 -27.65
CA ALA C 24 -54.42 -6.91 -27.78
C ALA C 24 -53.94 -8.27 -27.27
N VAL C 25 -54.83 -9.03 -26.65
CA VAL C 25 -54.53 -10.39 -26.27
C VAL C 25 -54.23 -11.18 -27.56
N GLY C 26 -53.11 -11.92 -27.55
CA GLY C 26 -52.64 -12.69 -28.71
C GLY C 26 -51.76 -11.88 -29.66
N GLU C 27 -51.61 -10.56 -29.43
CA GLU C 27 -50.79 -9.71 -30.31
C GLU C 27 -49.34 -10.23 -30.27
N ILE C 28 -48.68 -10.22 -31.43
CA ILE C 28 -47.27 -10.54 -31.53
C ILE C 28 -46.50 -9.23 -31.62
N ILE C 29 -45.51 -9.08 -30.73
CA ILE C 29 -44.66 -7.90 -30.72
C ILE C 29 -43.22 -8.33 -30.90
N THR C 30 -42.45 -7.46 -31.55
CA THR C 30 -41.07 -7.67 -31.81
C THR C 30 -40.26 -6.63 -31.03
N ASP C 31 -39.22 -7.10 -30.33
CA ASP C 31 -38.37 -6.20 -29.55
C ASP C 31 -37.26 -5.68 -30.48
N MET C 32 -36.37 -4.85 -29.92
CA MET C 32 -35.42 -4.12 -30.72
C MET C 32 -34.31 -5.06 -31.21
N ALA C 33 -34.16 -6.22 -30.54
CA ALA C 33 -33.21 -7.26 -30.96
C ALA C 33 -33.88 -8.26 -31.91
N ALA C 34 -35.11 -7.96 -32.39
CA ALA C 34 -35.86 -8.78 -33.35
C ALA C 34 -36.32 -10.12 -32.74
N ALA C 35 -36.33 -10.22 -31.41
CA ALA C 35 -36.98 -11.34 -30.72
C ALA C 35 -38.50 -11.09 -30.70
N ALA C 36 -39.27 -12.17 -30.91
CA ALA C 36 -40.71 -12.15 -31.04
C ALA C 36 -41.36 -12.66 -29.76
N TRP C 37 -42.41 -11.95 -29.33
CA TRP C 37 -43.15 -12.26 -28.11
C TRP C 37 -44.65 -12.21 -28.40
N LYS C 38 -45.44 -12.96 -27.63
CA LYS C 38 -46.88 -12.93 -27.70
C LYS C 38 -47.39 -12.37 -26.38
N VAL C 39 -48.35 -11.46 -26.46
CA VAL C 39 -48.93 -10.80 -25.28
C VAL C 39 -50.13 -11.61 -24.80
N GLY C 40 -50.27 -11.70 -23.47
CA GLY C 40 -51.40 -12.34 -22.78
C GLY C 40 -52.35 -11.31 -22.19
N LEU C 41 -53.07 -11.72 -21.15
CA LEU C 41 -54.05 -10.87 -20.42
C LEU C 41 -53.33 -9.80 -19.63
N PRO C 42 -53.92 -8.60 -19.40
CA PRO C 42 -53.41 -7.67 -18.38
C PRO C 42 -53.41 -8.31 -16.97
N ILE C 43 -52.44 -7.91 -16.14
CA ILE C 43 -52.08 -8.55 -14.88
C ILE C 43 -52.27 -7.50 -13.77
N CYS C 50 -49.64 -0.74 -16.11
CA CYS C 50 -49.83 -1.26 -17.48
C CYS C 50 -48.82 -2.39 -17.76
N ILE C 51 -49.22 -3.62 -17.45
CA ILE C 51 -48.39 -4.82 -17.43
C ILE C 51 -49.26 -5.99 -17.93
N TYR C 52 -48.71 -6.82 -18.82
CA TYR C 52 -49.41 -7.99 -19.37
C TYR C 52 -48.55 -9.23 -19.21
N LEU C 53 -49.20 -10.40 -19.08
CA LEU C 53 -48.51 -11.67 -19.25
C LEU C 53 -47.94 -11.71 -20.66
N ALA C 54 -46.90 -12.51 -20.88
CA ALA C 54 -46.27 -12.61 -22.16
C ALA C 54 -45.47 -13.90 -22.21
N ASP C 55 -45.19 -14.33 -23.44
CA ASP C 55 -44.35 -15.52 -23.68
C ASP C 55 -43.67 -15.33 -25.02
N MET C 56 -42.70 -16.20 -25.31
CA MET C 56 -42.11 -16.38 -26.66
C MET C 56 -43.26 -16.59 -27.65
N ASN C 57 -43.13 -16.00 -28.85
CA ASN C 57 -44.06 -16.24 -29.95
C ASN C 57 -44.14 -17.74 -30.24
N SER C 58 -45.37 -18.26 -30.38
CA SER C 58 -45.62 -19.66 -30.74
C SER C 58 -47.05 -19.76 -31.22
N SER C 59 -47.43 -20.95 -31.72
CA SER C 59 -48.79 -21.28 -32.17
C SER C 59 -49.77 -21.22 -30.98
N GLU C 60 -49.36 -21.81 -29.85
CA GLU C 60 -50.16 -21.81 -28.60
C GLU C 60 -50.36 -20.37 -28.12
N SER C 61 -51.47 -20.12 -27.41
CA SER C 61 -51.71 -18.78 -26.89
C SER C 61 -51.10 -18.67 -25.49
N VAL C 62 -51.06 -17.45 -24.96
CA VAL C 62 -50.33 -17.19 -23.71
C VAL C 62 -51.19 -17.63 -22.52
N GLY C 63 -50.69 -18.63 -21.78
CA GLY C 63 -51.37 -19.22 -20.63
C GLY C 63 -51.43 -18.28 -19.44
N SER C 64 -52.24 -18.65 -18.45
CA SER C 64 -52.30 -17.97 -17.15
C SER C 64 -51.01 -18.26 -16.35
N ASP C 65 -50.24 -19.27 -16.79
CA ASP C 65 -48.94 -19.64 -16.22
C ASP C 65 -47.76 -19.12 -17.08
N ALA C 66 -47.96 -18.03 -17.82
CA ALA C 66 -46.88 -17.43 -18.64
C ALA C 66 -45.65 -17.15 -17.78
N PRO C 67 -44.44 -17.34 -18.33
CA PRO C 67 -43.21 -17.08 -17.59
C PRO C 67 -42.68 -15.64 -17.69
N CYS C 68 -43.34 -14.77 -18.45
CA CYS C 68 -42.87 -13.37 -18.60
C CYS C 68 -44.05 -12.41 -18.44
N VAL C 69 -43.69 -11.14 -18.23
CA VAL C 69 -44.58 -10.04 -18.31
C VAL C 69 -43.93 -8.98 -19.19
N VAL C 70 -44.77 -8.09 -19.72
CA VAL C 70 -44.33 -6.97 -20.49
C VAL C 70 -44.95 -5.72 -19.85
N LYS C 71 -44.08 -4.77 -19.52
CA LYS C 71 -44.42 -3.52 -18.87
C LYS C 71 -44.34 -2.43 -19.95
N VAL C 72 -45.35 -1.56 -20.00
CA VAL C 72 -45.42 -0.49 -20.97
C VAL C 72 -45.63 0.86 -20.25
N GLU C 73 -44.87 1.87 -20.67
CA GLU C 73 -45.07 3.25 -20.24
C GLU C 73 -44.81 4.16 -21.43
N PRO C 74 -45.31 5.41 -21.42
CA PRO C 74 -44.93 6.37 -22.45
C PRO C 74 -43.41 6.42 -22.61
N SER C 75 -42.94 6.74 -23.80
CA SER C 75 -41.53 6.81 -24.12
C SER C 75 -40.83 7.85 -23.27
N ASP C 76 -41.53 8.93 -22.98
CA ASP C 76 -41.03 10.02 -22.16
C ASP C 76 -40.88 9.71 -20.66
N ASN C 77 -41.46 8.61 -20.18
CA ASN C 77 -41.42 8.26 -18.76
C ASN C 77 -39.99 8.03 -18.27
N GLY C 78 -39.63 8.78 -17.25
CA GLY C 78 -38.28 8.74 -16.65
C GLY C 78 -38.02 7.43 -15.92
N PRO C 79 -38.92 6.99 -15.02
CA PRO C 79 -38.67 5.77 -14.26
C PRO C 79 -38.45 4.52 -15.14
N LEU C 80 -39.22 4.34 -16.21
CA LEU C 80 -39.04 3.15 -17.05
C LEU C 80 -37.65 3.21 -17.69
N PHE C 81 -37.19 4.40 -18.05
CA PHE C 81 -35.86 4.56 -18.61
C PHE C 81 -34.79 4.16 -17.58
N THR C 82 -34.95 4.64 -16.34
CA THR C 82 -34.02 4.30 -15.29
C THR C 82 -33.98 2.77 -15.14
N GLU C 83 -35.18 2.18 -15.08
CA GLU C 83 -35.36 0.79 -14.84
C GLU C 83 -34.75 -0.03 -15.97
N LEU C 84 -35.03 0.38 -17.22
CA LEU C 84 -34.59 -0.35 -18.39
C LEU C 84 -33.05 -0.33 -18.45
N LYS C 85 -32.43 0.80 -18.10
CA LYS C 85 -30.98 0.89 -18.09
C LYS C 85 -30.40 -0.05 -17.03
N PHE C 86 -31.03 -0.11 -15.85
CA PHE C 86 -30.58 -1.07 -14.85
C PHE C 86 -30.65 -2.51 -15.42
N TYR C 87 -31.78 -2.87 -15.97
CA TYR C 87 -31.96 -4.22 -16.47
C TYR C 87 -30.98 -4.56 -17.59
N GLN C 88 -30.74 -3.61 -18.48
CA GLN C 88 -29.84 -3.81 -19.61
C GLN C 88 -28.39 -3.95 -19.13
N ARG C 89 -28.00 -3.18 -18.10
CA ARG C 89 -26.60 -3.19 -17.62
C ARG C 89 -26.31 -4.37 -16.68
N ALA C 90 -27.27 -4.77 -15.85
CA ALA C 90 -27.01 -5.63 -14.71
C ALA C 90 -27.84 -6.93 -14.70
N ALA C 91 -28.84 -7.07 -15.58
CA ALA C 91 -29.76 -8.22 -15.48
C ALA C 91 -29.87 -9.03 -16.78
N LYS C 92 -28.78 -9.07 -17.54
CA LYS C 92 -28.73 -9.89 -18.72
C LYS C 92 -28.73 -11.35 -18.28
N PRO C 93 -29.52 -12.24 -18.91
CA PRO C 93 -29.66 -13.62 -18.44
C PRO C 93 -28.33 -14.33 -18.18
N GLU C 94 -27.40 -14.15 -19.10
CA GLU C 94 -26.13 -14.87 -19.07
C GLU C 94 -25.26 -14.29 -17.97
N GLN C 95 -25.38 -12.98 -17.74
CA GLN C 95 -24.68 -12.23 -16.69
C GLN C 95 -25.08 -12.79 -15.31
N ILE C 96 -26.40 -12.91 -15.10
CA ILE C 96 -26.91 -13.48 -13.87
C ILE C 96 -26.49 -14.96 -13.74
N GLN C 97 -26.60 -15.75 -14.81
CA GLN C 97 -26.32 -17.22 -14.72
C GLN C 97 -24.82 -17.42 -14.45
N LYS C 98 -23.97 -16.59 -15.04
CA LYS C 98 -22.53 -16.63 -14.77
C LYS C 98 -22.26 -16.36 -13.28
N TRP C 99 -22.94 -15.36 -12.70
CA TRP C 99 -22.73 -15.01 -11.29
C TRP C 99 -23.15 -16.18 -10.40
N ILE C 100 -24.29 -16.77 -10.71
CA ILE C 100 -24.80 -17.85 -9.90
C ILE C 100 -23.83 -19.00 -9.92
N ARG C 101 -23.30 -19.32 -11.10
CA ARG C 101 -22.34 -20.39 -11.21
C ARG C 101 -21.02 -20.12 -10.49
N THR C 102 -20.46 -18.93 -10.68
CA THR C 102 -19.19 -18.57 -10.06
C THR C 102 -19.21 -18.46 -8.55
N ARG C 103 -20.30 -17.92 -8.02
CA ARG C 103 -20.44 -17.70 -6.56
C ARG C 103 -21.14 -18.90 -5.90
N LYS C 104 -21.51 -19.90 -6.70
CA LYS C 104 -22.05 -21.16 -6.19
C LYS C 104 -23.36 -20.89 -5.43
N LEU C 105 -24.28 -20.14 -6.04
CA LEU C 105 -25.60 -19.85 -5.46
C LEU C 105 -26.61 -20.89 -5.97
N LYS C 106 -27.69 -21.13 -5.22
CA LYS C 106 -28.80 -21.96 -5.72
C LYS C 106 -29.56 -21.15 -6.79
N TYR C 107 -29.69 -19.83 -6.58
CA TYR C 107 -30.40 -18.90 -7.48
C TYR C 107 -29.98 -17.47 -7.10
N LEU C 108 -30.37 -16.49 -7.91
CA LEU C 108 -30.12 -15.10 -7.59
C LEU C 108 -31.44 -14.38 -7.77
N GLY C 109 -31.88 -13.61 -6.79
CA GLY C 109 -33.16 -12.94 -6.90
C GLY C 109 -33.25 -11.61 -7.61
N VAL C 110 -32.65 -11.54 -8.79
CA VAL C 110 -32.70 -10.39 -9.63
C VAL C 110 -33.45 -10.86 -10.86
N PRO C 111 -34.54 -10.18 -11.21
CA PRO C 111 -35.33 -10.57 -12.38
C PRO C 111 -34.51 -10.41 -13.68
N LYS C 112 -34.70 -11.35 -14.60
CA LYS C 112 -33.99 -11.36 -15.84
C LYS C 112 -34.67 -10.40 -16.80
N TYR C 113 -33.86 -9.73 -17.60
CA TYR C 113 -34.27 -8.81 -18.66
C TYR C 113 -34.29 -9.61 -19.97
N TRP C 114 -35.42 -9.58 -20.67
CA TRP C 114 -35.64 -10.38 -21.87
C TRP C 114 -35.71 -9.50 -23.11
N GLY C 115 -35.91 -8.18 -22.96
CA GLY C 115 -35.90 -7.27 -24.11
C GLY C 115 -36.80 -6.08 -23.92
N SER C 116 -36.74 -5.17 -24.89
CA SER C 116 -37.49 -3.95 -24.91
C SER C 116 -37.62 -3.42 -26.33
N GLY C 117 -38.54 -2.48 -26.52
CA GLY C 117 -38.75 -1.85 -27.79
C GLY C 117 -39.74 -0.69 -27.70
N LEU C 118 -40.19 -0.23 -28.86
CA LEU C 118 -41.14 0.85 -29.00
C LEU C 118 -42.42 0.32 -29.65
N HIS C 119 -43.54 0.95 -29.29
CA HIS C 119 -44.84 0.57 -29.76
C HIS C 119 -45.71 1.83 -29.83
N ASP C 120 -46.40 2.01 -30.96
CA ASP C 120 -47.38 3.09 -31.11
C ASP C 120 -48.79 2.55 -30.78
N LYS C 121 -49.57 3.35 -30.03
CA LYS C 121 -51.02 3.20 -29.95
C LYS C 121 -51.64 4.60 -29.94
N ASN C 122 -52.72 4.76 -30.72
CA ASN C 122 -53.48 6.02 -30.85
C ASN C 122 -52.52 7.21 -30.98
N GLY C 123 -51.48 7.06 -31.82
CA GLY C 123 -50.57 8.15 -32.24
C GLY C 123 -49.58 8.64 -31.19
N LYS C 124 -49.46 7.94 -30.04
CA LYS C 124 -48.45 8.28 -29.03
C LYS C 124 -47.42 7.13 -28.99
N SER C 125 -46.18 7.46 -28.59
CA SER C 125 -45.06 6.52 -28.53
C SER C 125 -44.95 5.92 -27.13
N TYR C 126 -44.82 4.61 -27.07
CA TYR C 126 -44.67 3.88 -25.83
C TYR C 126 -43.46 2.99 -25.88
N ARG C 127 -42.89 2.75 -24.71
CA ARG C 127 -41.73 1.90 -24.58
C ARG C 127 -42.14 0.69 -23.75
N PHE C 128 -41.75 -0.50 -24.18
CA PHE C 128 -42.11 -1.71 -23.46
C PHE C 128 -40.88 -2.50 -23.07
N MET C 129 -41.00 -3.33 -22.05
CA MET C 129 -39.90 -4.16 -21.62
C MET C 129 -40.42 -5.48 -21.08
N ILE C 130 -39.67 -6.53 -21.38
CA ILE C 130 -40.01 -7.87 -21.01
C ILE C 130 -39.10 -8.40 -19.93
N MET C 131 -39.73 -8.93 -18.89
CA MET C 131 -39.04 -9.46 -17.75
C MET C 131 -39.76 -10.65 -17.17
N ASP C 132 -39.14 -11.28 -16.20
CA ASP C 132 -39.70 -12.44 -15.56
C ASP C 132 -41.04 -12.18 -14.90
N ARG C 133 -41.91 -13.17 -15.01
CA ARG C 133 -43.19 -13.18 -14.33
C ARG C 133 -43.00 -13.86 -12.98
N PHE C 134 -43.54 -13.26 -11.95
CA PHE C 134 -43.42 -13.77 -10.61
C PHE C 134 -44.78 -14.05 -10.04
N GLY C 135 -44.80 -14.64 -8.85
CA GLY C 135 -46.03 -14.92 -8.18
C GLY C 135 -46.37 -13.79 -7.24
N SER C 136 -46.79 -14.15 -6.05
CA SER C 136 -47.16 -13.19 -5.03
C SER C 136 -46.07 -12.36 -4.35
N ASP C 137 -46.37 -11.09 -4.07
CA ASP C 137 -45.51 -10.24 -3.27
C ASP C 137 -45.53 -10.70 -1.81
N LEU C 138 -44.48 -10.36 -1.05
CA LEU C 138 -44.32 -10.77 0.33
C LEU C 138 -45.25 -9.99 1.25
N GLN C 139 -45.67 -8.79 0.85
CA GLN C 139 -46.55 -7.97 1.67
C GLN C 139 -47.91 -8.69 1.84
N LYS C 140 -48.45 -9.28 0.75
CA LYS C 140 -49.74 -10.03 0.82
C LYS C 140 -49.55 -11.20 1.80
N ILE C 141 -48.42 -11.90 1.69
CA ILE C 141 -48.19 -13.07 2.50
C ILE C 141 -48.00 -12.65 3.97
N TYR C 142 -47.27 -11.55 4.18
CA TYR C 142 -47.04 -11.01 5.51
C TYR C 142 -48.39 -10.71 6.18
N GLU C 143 -49.29 -10.03 5.45
CA GLU C 143 -50.61 -9.63 5.99
C GLU C 143 -51.44 -10.88 6.29
N ALA C 144 -51.34 -11.90 5.43
CA ALA C 144 -52.12 -13.13 5.59
C ALA C 144 -51.62 -13.90 6.82
N ASN C 145 -50.38 -13.64 7.27
CA ASN C 145 -49.79 -14.34 8.41
C ASN C 145 -49.85 -13.42 9.65
N ALA C 146 -50.81 -12.49 9.67
CA ALA C 146 -51.07 -11.55 10.79
C ALA C 146 -49.87 -10.63 11.06
N LYS C 147 -49.18 -10.21 9.98
CA LYS C 147 -48.05 -9.26 10.04
C LYS C 147 -46.91 -9.81 10.92
N ARG C 148 -46.62 -11.08 10.74
CA ARG C 148 -45.51 -11.69 11.42
C ARG C 148 -44.83 -12.71 10.52
N PHE C 149 -43.52 -12.78 10.63
CA PHE C 149 -42.71 -13.74 9.91
C PHE C 149 -41.86 -14.36 10.99
N SER C 150 -41.63 -15.66 10.88
CA SER C 150 -40.82 -16.38 11.83
C SER C 150 -39.35 -16.02 11.70
N ARG C 151 -38.60 -16.22 12.76
CA ARG C 151 -37.18 -15.93 12.74
C ARG C 151 -36.49 -16.69 11.59
N LYS C 152 -36.89 -17.96 11.39
CA LYS C 152 -36.34 -18.76 10.32
C LYS C 152 -36.66 -18.12 8.97
N THR C 153 -37.89 -17.67 8.77
CA THR C 153 -38.28 -17.06 7.53
C THR C 153 -37.45 -15.77 7.27
N VAL C 154 -37.40 -14.90 8.27
CA VAL C 154 -36.75 -13.61 8.12
C VAL C 154 -35.27 -13.81 7.80
N LEU C 155 -34.62 -14.77 8.46
CA LEU C 155 -33.20 -14.99 8.25
C LEU C 155 -32.99 -15.56 6.85
N GLN C 156 -33.89 -16.46 6.42
CA GLN C 156 -33.73 -17.08 5.11
C GLN C 156 -33.99 -16.05 4.01
N LEU C 157 -35.00 -15.19 4.19
CA LEU C 157 -35.24 -14.11 3.24
C LEU C 157 -34.01 -13.21 3.16
N SER C 158 -33.46 -12.85 4.32
CA SER C 158 -32.48 -11.81 4.41
C SER C 158 -31.14 -12.28 3.85
N LEU C 159 -30.83 -13.57 3.97
CA LEU C 159 -29.62 -14.09 3.39
C LEU C 159 -29.66 -13.92 1.87
N ARG C 160 -30.82 -14.24 1.29
CA ARG C 160 -31.01 -14.11 -0.16
C ARG C 160 -30.98 -12.66 -0.60
N ILE C 161 -31.57 -11.78 0.20
CA ILE C 161 -31.58 -10.37 -0.11
C ILE C 161 -30.15 -9.85 -0.12
N LEU C 162 -29.33 -10.32 0.81
CA LEU C 162 -27.93 -9.92 0.84
C LEU C 162 -27.22 -10.40 -0.44
N ASP C 163 -27.57 -11.57 -0.97
CA ASP C 163 -27.02 -12.02 -2.26
C ASP C 163 -27.41 -11.02 -3.36
N ILE C 164 -28.67 -10.62 -3.39
CA ILE C 164 -29.20 -9.68 -4.37
C ILE C 164 -28.47 -8.34 -4.25
N LEU C 165 -28.38 -7.80 -3.03
CA LEU C 165 -27.81 -6.49 -2.85
C LEU C 165 -26.34 -6.52 -3.23
N GLU C 166 -25.62 -7.59 -2.83
CA GLU C 166 -24.21 -7.70 -3.20
C GLU C 166 -24.08 -7.66 -4.74
N TYR C 167 -24.95 -8.40 -5.43
CA TYR C 167 -24.92 -8.44 -6.89
C TYR C 167 -25.15 -7.04 -7.47
N ILE C 168 -26.24 -6.37 -7.08
CA ILE C 168 -26.54 -5.10 -7.75
C ILE C 168 -25.48 -4.06 -7.38
N HIS C 169 -24.98 -4.10 -6.14
CA HIS C 169 -23.95 -3.17 -5.69
C HIS C 169 -22.67 -3.34 -6.52
N GLU C 170 -22.29 -4.59 -6.77
CA GLU C 170 -21.11 -4.91 -7.57
C GLU C 170 -21.32 -4.48 -9.02
N HIS C 171 -22.57 -4.25 -9.44
CA HIS C 171 -22.90 -3.77 -10.77
C HIS C 171 -23.30 -2.31 -10.71
N GLU C 172 -22.78 -1.57 -9.72
CA GLU C 172 -22.81 -0.10 -9.67
C GLU C 172 -24.17 0.46 -9.25
N TYR C 173 -25.10 -0.38 -8.77
CA TYR C 173 -26.44 0.11 -8.44
C TYR C 173 -26.81 -0.17 -6.98
N VAL C 174 -27.61 0.74 -6.41
CA VAL C 174 -28.33 0.49 -5.16
C VAL C 174 -29.81 0.59 -5.48
N HIS C 175 -30.62 -0.08 -4.65
CA HIS C 175 -32.05 -0.14 -4.89
C HIS C 175 -32.81 1.01 -4.22
N GLY C 176 -32.53 1.20 -2.93
CA GLY C 176 -33.07 2.27 -2.13
C GLY C 176 -34.50 2.15 -1.67
N ASP C 177 -35.15 1.05 -2.01
CA ASP C 177 -36.54 0.87 -1.63
C ASP C 177 -36.90 -0.58 -1.35
N ILE C 178 -36.09 -1.25 -0.55
CA ILE C 178 -36.35 -2.63 -0.22
C ILE C 178 -37.50 -2.68 0.78
N LYS C 179 -38.47 -3.55 0.51
CA LYS C 179 -39.63 -3.75 1.37
C LYS C 179 -40.43 -4.92 0.80
N ALA C 180 -41.35 -5.46 1.62
CA ALA C 180 -42.07 -6.67 1.29
C ALA C 180 -42.85 -6.51 -0.01
N SER C 181 -43.40 -5.32 -0.30
CA SER C 181 -44.17 -5.12 -1.54
C SER C 181 -43.27 -5.14 -2.80
N ASN C 182 -41.95 -5.05 -2.64
CA ASN C 182 -41.01 -5.12 -3.80
C ASN C 182 -40.26 -6.45 -3.79
N LEU C 183 -40.76 -7.41 -3.01
CA LEU C 183 -40.17 -8.74 -2.95
C LEU C 183 -41.24 -9.75 -3.41
N LEU C 184 -40.97 -10.47 -4.50
CA LEU C 184 -41.92 -11.37 -5.12
C LEU C 184 -41.32 -12.78 -5.14
N LEU C 185 -42.17 -13.79 -4.93
CA LEU C 185 -41.76 -15.18 -5.02
C LEU C 185 -41.75 -15.63 -6.49
N ASN C 186 -40.82 -16.54 -6.81
CA ASN C 186 -40.82 -17.28 -8.06
C ASN C 186 -42.20 -17.95 -8.21
N TYR C 187 -42.83 -17.78 -9.39
CA TYR C 187 -44.12 -18.40 -9.71
C TYR C 187 -44.04 -19.93 -9.49
N LYS C 188 -43.00 -20.53 -10.05
CA LYS C 188 -42.73 -21.94 -9.89
C LYS C 188 -42.26 -22.39 -8.50
N ASN C 189 -41.40 -21.59 -7.87
CA ASN C 189 -40.82 -21.94 -6.57
C ASN C 189 -41.00 -20.89 -5.48
N PRO C 190 -41.73 -21.25 -4.41
CA PRO C 190 -42.06 -20.39 -3.26
C PRO C 190 -40.89 -20.16 -2.31
N ASP C 191 -39.79 -20.87 -2.48
CA ASP C 191 -38.62 -20.70 -1.64
C ASP C 191 -37.60 -19.72 -2.26
N GLN C 192 -37.95 -19.11 -3.39
CA GLN C 192 -37.07 -18.18 -4.05
C GLN C 192 -37.73 -16.81 -4.13
N VAL C 193 -37.06 -15.79 -3.57
CA VAL C 193 -37.59 -14.45 -3.50
C VAL C 193 -36.72 -13.54 -4.39
N TYR C 194 -37.39 -12.60 -5.03
CA TYR C 194 -36.79 -11.71 -6.02
C TYR C 194 -37.10 -10.26 -5.65
N LEU C 195 -36.10 -9.37 -5.81
CA LEU C 195 -36.29 -7.95 -5.61
C LEU C 195 -36.63 -7.26 -6.95
N VAL C 196 -37.73 -6.52 -6.96
CA VAL C 196 -38.21 -5.84 -8.14
C VAL C 196 -38.28 -4.33 -7.91
N ASP C 197 -38.60 -3.61 -8.99
CA ASP C 197 -38.85 -2.21 -9.05
C ASP C 197 -37.53 -1.44 -8.95
N TYR C 198 -36.94 -1.16 -10.12
CA TYR C 198 -35.68 -0.43 -10.21
C TYR C 198 -35.90 0.96 -10.82
N GLY C 199 -37.14 1.44 -10.83
CA GLY C 199 -37.48 2.68 -11.48
C GLY C 199 -36.82 3.90 -10.85
N LEU C 200 -36.54 3.82 -9.54
CA LEU C 200 -35.80 4.86 -8.82
C LEU C 200 -34.52 4.24 -8.22
N ALA C 201 -34.01 3.19 -8.85
CA ALA C 201 -32.68 2.67 -8.50
C ALA C 201 -31.64 3.75 -8.82
N TYR C 202 -30.47 3.66 -8.19
CA TYR C 202 -29.49 4.69 -8.36
C TYR C 202 -28.13 4.09 -8.65
N ARG C 203 -27.48 4.63 -9.68
CA ARG C 203 -26.15 4.20 -10.07
C ARG C 203 -25.15 5.02 -9.24
N TYR C 204 -24.85 4.48 -8.08
CA TYR C 204 -23.97 5.11 -7.11
C TYR C 204 -22.49 5.15 -7.52
N CYS C 205 -22.07 4.23 -8.35
CA CYS C 205 -20.68 4.13 -8.72
C CYS C 205 -20.43 3.97 -10.22
N PRO C 206 -20.78 4.98 -11.01
CA PRO C 206 -20.55 4.80 -12.45
C PRO C 206 -19.06 4.68 -12.79
N GLU C 207 -18.74 3.66 -13.56
CA GLU C 207 -17.36 3.38 -13.98
C GLU C 207 -16.43 3.27 -12.78
N GLY C 208 -16.95 2.81 -11.64
CA GLY C 208 -16.14 2.60 -10.45
C GLY C 208 -15.79 3.87 -9.68
N VAL C 209 -16.46 4.98 -10.00
CA VAL C 209 -16.23 6.22 -9.30
C VAL C 209 -17.44 6.48 -8.38
N HIS C 210 -17.23 6.36 -7.09
CA HIS C 210 -18.30 6.56 -6.12
C HIS C 210 -18.76 8.00 -6.05
N LYS C 211 -20.08 8.18 -5.95
CA LYS C 211 -20.68 9.49 -5.81
C LYS C 211 -20.28 10.07 -4.47
N ALA C 212 -20.12 11.38 -4.45
CA ALA C 212 -19.77 12.12 -3.27
C ALA C 212 -20.95 12.18 -2.30
N TYR C 213 -20.68 12.48 -1.05
CA TYR C 213 -21.72 12.53 -0.04
C TYR C 213 -22.44 13.87 -0.19
N ALA C 214 -23.45 13.86 -1.07
CA ALA C 214 -24.29 15.03 -1.38
C ALA C 214 -25.55 14.65 -2.16
N ALA C 215 -26.48 15.59 -2.26
CA ALA C 215 -27.69 15.45 -3.09
C ALA C 215 -27.31 15.24 -4.57
N ASP C 216 -28.12 14.46 -5.29
CA ASP C 216 -28.04 14.38 -6.74
C ASP C 216 -29.23 15.12 -7.33
N PRO C 217 -29.04 16.23 -8.07
CA PRO C 217 -30.17 17.03 -8.57
C PRO C 217 -31.13 16.25 -9.49
N LYS C 218 -30.62 15.21 -10.16
CA LYS C 218 -31.42 14.37 -11.07
C LYS C 218 -32.41 13.50 -10.27
N ARG C 219 -32.07 13.22 -9.01
CA ARG C 219 -32.85 12.37 -8.08
C ARG C 219 -33.67 13.25 -7.14
N CYS C 220 -34.95 12.91 -6.94
CA CYS C 220 -35.77 13.49 -5.84
C CYS C 220 -36.38 12.40 -4.94
N HIS C 221 -36.08 11.13 -5.25
CA HIS C 221 -36.70 9.95 -4.64
C HIS C 221 -36.10 9.69 -3.24
N ASP C 222 -36.98 9.66 -2.23
CA ASP C 222 -36.60 9.56 -0.80
C ASP C 222 -36.74 8.13 -0.25
N GLY C 223 -37.38 7.24 -1.04
CA GLY C 223 -37.72 5.88 -0.62
C GLY C 223 -39.08 5.79 0.08
N THR C 224 -39.30 4.70 0.80
CA THR C 224 -40.46 4.50 1.63
C THR C 224 -40.09 4.93 3.06
N ILE C 225 -40.79 5.95 3.55
CA ILE C 225 -40.43 6.66 4.77
C ILE C 225 -40.21 5.73 5.95
N GLU C 226 -41.03 4.68 6.15
CA GLU C 226 -40.84 3.87 7.38
C GLU C 226 -39.53 3.05 7.29
N PHE C 227 -39.05 2.76 6.07
CA PHE C 227 -37.92 1.89 5.91
C PHE C 227 -36.65 2.60 5.41
N THR C 228 -36.75 3.84 4.96
CA THR C 228 -35.66 4.47 4.23
C THR C 228 -34.48 4.72 5.16
N SER C 229 -33.31 4.98 4.56
CA SER C 229 -32.07 5.17 5.27
C SER C 229 -31.97 6.58 5.85
N ILE C 230 -31.17 6.69 6.90
CA ILE C 230 -30.81 7.97 7.47
C ILE C 230 -30.17 8.83 6.37
N ASP C 231 -29.27 8.24 5.56
CA ASP C 231 -28.66 9.01 4.43
C ASP C 231 -29.76 9.62 3.55
N ALA C 232 -30.75 8.83 3.18
CA ALA C 232 -31.86 9.29 2.36
C ALA C 232 -32.63 10.41 3.07
N HIS C 233 -32.81 10.29 4.38
CA HIS C 233 -33.49 11.31 5.18
C HIS C 233 -32.73 12.63 5.15
N ASN C 234 -31.40 12.54 5.16
CA ASN C 234 -30.51 13.68 5.10
C ASN C 234 -30.45 14.34 3.71
N GLY C 235 -31.09 13.73 2.72
CA GLY C 235 -31.11 14.27 1.38
C GLY C 235 -29.83 13.99 0.61
N VAL C 236 -29.07 12.95 0.97
CA VAL C 236 -27.96 12.56 0.15
C VAL C 236 -28.38 11.34 -0.69
N ALA C 237 -27.67 11.20 -1.80
CA ALA C 237 -27.87 10.10 -2.70
C ALA C 237 -27.69 8.80 -1.94
N PRO C 238 -28.49 7.76 -2.24
CA PRO C 238 -28.35 6.46 -1.57
C PRO C 238 -27.03 5.78 -1.94
N SER C 239 -26.46 5.06 -0.98
CA SER C 239 -25.28 4.24 -1.22
C SER C 239 -25.53 2.86 -0.61
N ARG C 240 -24.46 2.06 -0.53
CA ARG C 240 -24.59 0.64 -0.17
C ARG C 240 -25.05 0.48 1.28
N ARG C 241 -24.52 1.30 2.19
CA ARG C 241 -24.83 1.16 3.60
C ARG C 241 -26.33 1.41 3.79
N GLY C 242 -26.90 2.33 3.03
CA GLY C 242 -28.30 2.63 3.13
C GLY C 242 -29.18 1.45 2.78
N ASP C 243 -28.80 0.71 1.75
CA ASP C 243 -29.56 -0.47 1.35
C ASP C 243 -29.56 -1.49 2.48
N LEU C 244 -28.42 -1.69 3.12
CA LEU C 244 -28.28 -2.61 4.23
C LEU C 244 -29.11 -2.16 5.45
N GLU C 245 -29.11 -0.86 5.71
CA GLU C 245 -29.89 -0.26 6.79
C GLU C 245 -31.39 -0.51 6.54
N ILE C 246 -31.83 -0.31 5.30
CA ILE C 246 -33.21 -0.53 4.94
C ILE C 246 -33.60 -1.99 5.25
N LEU C 247 -32.74 -2.93 4.87
CA LEU C 247 -33.04 -4.33 5.11
C LEU C 247 -33.17 -4.58 6.62
N GLY C 248 -32.31 -3.91 7.41
CA GLY C 248 -32.37 -3.99 8.87
C GLY C 248 -33.76 -3.61 9.41
N TYR C 249 -34.29 -2.48 8.96
CA TYR C 249 -35.58 -2.05 9.39
C TYR C 249 -36.66 -3.05 8.93
N CYS C 250 -36.53 -3.59 7.71
CA CYS C 250 -37.45 -4.61 7.20
C CYS C 250 -37.44 -5.83 8.14
N MET C 251 -36.25 -6.28 8.56
CA MET C 251 -36.15 -7.48 9.36
C MET C 251 -36.92 -7.28 10.68
N ILE C 252 -36.81 -6.10 11.28
CA ILE C 252 -37.46 -5.85 12.55
C ILE C 252 -38.98 -5.81 12.36
N GLN C 253 -39.42 -5.11 11.31
CA GLN C 253 -40.83 -5.00 10.94
C GLN C 253 -41.41 -6.41 10.77
N TRP C 254 -40.68 -7.28 10.07
CA TRP C 254 -41.18 -8.59 9.75
C TRP C 254 -41.28 -9.45 11.03
N LEU C 255 -40.25 -9.38 11.89
CA LEU C 255 -40.20 -10.18 13.10
C LEU C 255 -41.30 -9.76 14.11
N THR C 256 -41.61 -8.46 14.20
CA THR C 256 -42.36 -7.93 15.35
C THR C 256 -43.72 -7.35 14.94
N GLY C 257 -43.91 -7.09 13.65
CA GLY C 257 -45.11 -6.42 13.16
C GLY C 257 -45.06 -4.90 13.33
N HIS C 258 -43.95 -4.35 13.85
CA HIS C 258 -43.93 -2.92 14.18
C HIS C 258 -42.55 -2.31 13.90
N LEU C 259 -42.53 -0.98 13.78
CA LEU C 259 -41.34 -0.18 13.95
C LEU C 259 -41.68 0.97 14.90
N PRO C 260 -40.72 1.45 15.70
CA PRO C 260 -40.98 2.48 16.72
C PRO C 260 -41.66 3.76 16.18
N TRP C 261 -41.36 4.14 14.93
CA TRP C 261 -41.74 5.45 14.39
C TRP C 261 -42.99 5.34 13.50
N GLU C 262 -43.65 4.18 13.51
CA GLU C 262 -44.73 3.93 12.56
C GLU C 262 -46.00 4.76 12.85
N ASP C 263 -46.09 5.34 14.04
CA ASP C 263 -47.25 6.16 14.40
C ASP C 263 -47.16 7.60 13.91
N ASN C 264 -46.00 8.03 13.46
CA ASN C 264 -45.87 9.38 12.93
C ASN C 264 -45.09 9.45 11.62
N LEU C 265 -45.56 8.70 10.63
CA LEU C 265 -44.95 8.65 9.32
C LEU C 265 -45.18 9.92 8.52
N LYS C 266 -46.15 10.72 8.96
CA LYS C 266 -46.47 11.98 8.30
C LYS C 266 -45.49 13.06 8.75
N ASP C 267 -44.59 12.73 9.69
CA ASP C 267 -43.64 13.67 10.27
C ASP C 267 -42.21 13.17 10.03
N PRO C 268 -41.63 13.49 8.87
CA PRO C 268 -40.35 12.93 8.47
C PRO C 268 -39.20 13.26 9.43
N LYS C 269 -39.22 14.46 10.03
CA LYS C 269 -38.14 14.84 10.92
C LYS C 269 -38.16 13.92 12.14
N TYR C 270 -39.36 13.52 12.58
CA TYR C 270 -39.48 12.65 13.72
C TYR C 270 -38.92 11.27 13.37
N VAL C 271 -39.25 10.77 12.18
CA VAL C 271 -38.80 9.45 11.72
C VAL C 271 -37.28 9.46 11.67
N ARG C 272 -36.69 10.51 11.07
CA ARG C 272 -35.26 10.60 10.96
C ARG C 272 -34.65 10.62 12.36
N ASP C 273 -35.20 11.46 13.24
CA ASP C 273 -34.67 11.65 14.61
C ASP C 273 -34.66 10.33 15.37
N SER C 274 -35.77 9.59 15.24
CA SER C 274 -35.86 8.27 15.88
C SER C 274 -34.78 7.31 15.34
N LYS C 275 -34.65 7.24 14.01
CA LYS C 275 -33.66 6.36 13.40
C LYS C 275 -32.25 6.73 13.88
N ILE C 276 -31.95 8.03 13.96
CA ILE C 276 -30.60 8.45 14.35
C ILE C 276 -30.34 8.03 15.81
N ARG C 277 -31.31 8.27 16.68
CA ARG C 277 -31.18 7.94 18.11
C ARG C 277 -31.00 6.43 18.26
N TYR C 278 -31.75 5.63 17.49
CA TYR C 278 -31.70 4.20 17.62
C TYR C 278 -30.45 3.61 16.96
N ARG C 279 -29.84 4.33 16.02
CA ARG C 279 -28.53 3.93 15.48
C ARG C 279 -27.47 4.20 16.55
N GLU C 280 -27.57 5.33 17.23
CA GLU C 280 -26.63 5.67 18.27
C GLU C 280 -26.69 4.67 19.43
N ASN C 281 -27.89 4.19 19.75
CA ASN C 281 -28.07 3.22 20.83
C ASN C 281 -28.86 2.01 20.35
N ILE C 282 -28.17 1.06 19.74
CA ILE C 282 -28.82 -0.14 19.21
C ILE C 282 -29.51 -1.00 20.27
N ALA C 283 -28.89 -1.16 21.43
CA ALA C 283 -29.52 -1.87 22.58
C ALA C 283 -30.93 -1.32 22.83
N SER C 284 -31.10 0.00 22.78
CA SER C 284 -32.40 0.59 23.07
C SER C 284 -33.37 0.33 21.93
N LEU C 285 -32.88 0.16 20.69
CA LEU C 285 -33.77 -0.20 19.58
C LEU C 285 -34.30 -1.62 19.84
N MET C 286 -33.39 -2.51 20.23
CA MET C 286 -33.76 -3.91 20.50
C MET C 286 -34.78 -3.99 21.67
N ASP C 287 -34.55 -3.18 22.71
CA ASP C 287 -35.45 -3.15 23.88
C ASP C 287 -36.82 -2.65 23.45
N LYS C 288 -36.82 -1.60 22.62
CA LYS C 288 -38.07 -1.00 22.18
C LYS C 288 -38.85 -1.96 21.27
N CYS C 289 -38.17 -2.64 20.34
CA CYS C 289 -38.88 -3.37 19.30
C CYS C 289 -39.24 -4.79 19.72
N PHE C 290 -38.44 -5.36 20.63
CA PHE C 290 -38.70 -6.69 21.08
C PHE C 290 -39.15 -6.71 22.54
N PRO C 291 -40.11 -7.59 22.81
CA PRO C 291 -40.53 -7.80 24.19
C PRO C 291 -39.32 -8.41 24.89
N ALA C 292 -39.24 -8.25 26.21
CA ALA C 292 -38.10 -8.74 26.95
C ALA C 292 -37.83 -10.21 26.73
N ALA C 293 -36.55 -10.46 26.49
CA ALA C 293 -35.90 -11.73 26.22
C ALA C 293 -36.17 -12.27 24.81
N ASN C 294 -36.83 -11.49 23.96
CA ASN C 294 -37.08 -11.99 22.61
C ASN C 294 -36.11 -11.38 21.58
N ALA C 295 -35.12 -10.57 22.01
CA ALA C 295 -34.33 -9.80 21.01
C ALA C 295 -33.31 -10.73 20.38
N PRO C 296 -33.41 -11.01 19.06
CA PRO C 296 -32.44 -11.89 18.41
C PRO C 296 -31.10 -11.17 18.33
N GLY C 297 -30.07 -11.82 18.85
CA GLY C 297 -28.71 -11.30 18.88
C GLY C 297 -28.15 -10.95 17.49
N GLU C 298 -28.49 -11.75 16.48
CA GLU C 298 -27.98 -11.56 15.12
C GLU C 298 -28.50 -10.24 14.53
N ILE C 299 -29.73 -9.84 14.89
CA ILE C 299 -30.27 -8.56 14.41
C ILE C 299 -29.44 -7.40 14.96
N ALA C 300 -29.16 -7.42 16.26
CA ALA C 300 -28.33 -6.39 16.88
C ALA C 300 -26.96 -6.37 16.21
N LYS C 301 -26.37 -7.55 16.00
CA LYS C 301 -25.02 -7.62 15.48
C LYS C 301 -25.00 -7.11 14.02
N TYR C 302 -26.05 -7.46 13.26
CA TYR C 302 -26.22 -6.96 11.89
C TYR C 302 -26.23 -5.43 11.90
N MET C 303 -27.07 -4.83 12.77
CA MET C 303 -27.23 -3.38 12.81
C MET C 303 -25.92 -2.73 13.26
N GLU C 304 -25.18 -3.37 14.19
CA GLU C 304 -23.90 -2.82 14.68
C GLU C 304 -22.90 -2.82 13.51
N THR C 305 -22.93 -3.86 12.67
CA THR C 305 -21.97 -3.96 11.58
C THR C 305 -22.26 -2.88 10.52
N VAL C 306 -23.54 -2.70 10.20
CA VAL C 306 -23.94 -1.71 9.18
C VAL C 306 -23.59 -0.29 9.67
N LYS C 307 -23.74 -0.07 10.97
CA LYS C 307 -23.44 1.23 11.59
C LYS C 307 -21.97 1.64 11.36
N LEU C 308 -21.06 0.68 11.29
CA LEU C 308 -19.65 0.93 11.10
C LEU C 308 -19.30 1.28 9.63
N LEU C 309 -20.22 1.12 8.68
CA LEU C 309 -19.89 1.45 7.27
C LEU C 309 -19.82 2.98 7.07
N ASP C 310 -18.76 3.42 6.43
CA ASP C 310 -18.69 4.75 5.82
C ASP C 310 -19.58 4.80 4.57
N TYR C 311 -19.85 6.01 4.11
CA TYR C 311 -20.79 6.27 3.06
C TYR C 311 -20.36 5.58 1.75
N THR C 312 -19.05 5.59 1.48
CA THR C 312 -18.47 5.05 0.26
C THR C 312 -17.91 3.65 0.46
N GLU C 313 -18.02 3.10 1.67
CA GLU C 313 -17.34 1.85 2.02
C GLU C 313 -18.04 0.64 1.40
N LYS C 314 -17.25 -0.32 0.89
CA LYS C 314 -17.78 -1.55 0.42
C LYS C 314 -18.08 -2.47 1.60
N PRO C 315 -19.32 -2.93 1.75
CA PRO C 315 -19.65 -3.86 2.82
C PRO C 315 -18.97 -5.21 2.63
N LEU C 316 -18.75 -5.91 3.75
CA LEU C 316 -18.30 -7.28 3.76
C LEU C 316 -19.53 -8.16 3.84
N TYR C 317 -20.09 -8.47 2.67
CA TYR C 317 -21.40 -9.12 2.59
C TYR C 317 -21.33 -10.52 3.22
N GLU C 318 -20.19 -11.21 3.08
CA GLU C 318 -20.04 -12.57 3.64
C GLU C 318 -20.13 -12.51 5.17
N ASN C 319 -19.51 -11.52 5.80
CA ASN C 319 -19.57 -11.35 7.26
C ASN C 319 -21.02 -11.10 7.68
N LEU C 320 -21.75 -10.31 6.91
CA LEU C 320 -23.14 -10.04 7.20
C LEU C 320 -23.96 -11.32 7.11
N ARG C 321 -23.69 -12.13 6.10
CA ARG C 321 -24.37 -13.41 5.96
C ARG C 321 -24.00 -14.34 7.12
N ASP C 322 -22.73 -14.31 7.52
CA ASP C 322 -22.28 -15.15 8.62
C ASP C 322 -23.03 -14.77 9.90
N ILE C 323 -23.24 -13.48 10.14
CA ILE C 323 -23.97 -13.02 11.32
C ILE C 323 -25.37 -13.63 11.33
N LEU C 324 -26.06 -13.60 10.19
CA LEU C 324 -27.41 -14.12 10.14
C LEU C 324 -27.40 -15.65 10.27
N LEU C 325 -26.38 -16.34 9.72
CA LEU C 325 -26.25 -17.80 9.87
C LEU C 325 -26.16 -18.20 11.36
N GLN C 326 -25.50 -17.40 12.21
CA GLN C 326 -25.43 -17.68 13.66
C GLN C 326 -26.86 -17.72 14.24
N GLY C 327 -27.74 -16.85 13.74
CA GLY C 327 -29.13 -16.86 14.10
C GLY C 327 -29.83 -18.16 13.76
N LEU C 328 -29.50 -18.73 12.60
CA LEU C 328 -30.07 -20.02 12.22
C LEU C 328 -29.54 -21.12 13.18
N LYS C 329 -28.24 -21.11 13.54
CA LYS C 329 -27.67 -22.11 14.49
C LYS C 329 -28.40 -21.99 15.84
N ALA C 330 -28.66 -20.76 16.28
CA ALA C 330 -29.30 -20.48 17.55
C ALA C 330 -30.70 -21.11 17.65
N ILE C 331 -31.41 -21.27 16.52
CA ILE C 331 -32.74 -21.86 16.57
C ILE C 331 -32.68 -23.32 16.09
N GLY C 332 -31.46 -23.87 15.97
CA GLY C 332 -31.22 -25.25 15.65
C GLY C 332 -31.51 -25.57 14.19
N SER C 333 -31.25 -24.61 13.31
CA SER C 333 -31.51 -24.75 11.88
C SER C 333 -30.21 -24.53 11.11
N LYS C 334 -30.34 -24.50 9.80
CA LYS C 334 -29.23 -24.28 8.90
C LYS C 334 -29.75 -23.57 7.66
N ASP C 335 -28.85 -23.08 6.82
CA ASP C 335 -29.33 -22.40 5.62
C ASP C 335 -29.65 -23.46 4.59
N ASP C 336 -30.87 -23.96 4.64
CA ASP C 336 -31.35 -24.97 3.73
C ASP C 336 -32.14 -24.35 2.59
N GLY C 337 -32.25 -23.02 2.62
CA GLY C 337 -32.94 -22.28 1.59
C GLY C 337 -34.46 -22.36 1.71
N LYS C 338 -34.98 -22.87 2.82
CA LYS C 338 -36.45 -23.00 3.00
C LYS C 338 -36.99 -21.73 3.65
N LEU C 339 -37.89 -21.03 2.97
CA LEU C 339 -38.45 -19.76 3.44
C LEU C 339 -39.54 -19.99 4.49
N ASP C 340 -40.17 -21.17 4.49
CA ASP C 340 -41.19 -21.59 5.46
C ASP C 340 -42.36 -20.61 5.51
N LEU C 341 -42.88 -20.22 4.34
CA LEU C 341 -43.97 -19.25 4.30
C LEU C 341 -45.33 -19.92 4.46
N GLN D 22 15.88 -1.22 44.75
CA GLN D 22 15.12 -2.49 44.61
C GLN D 22 15.88 -3.39 43.61
N PHE D 23 15.21 -3.92 42.58
CA PHE D 23 15.59 -5.16 41.89
C PHE D 23 16.94 -5.02 41.19
N ALA D 24 17.69 -6.11 41.18
CA ALA D 24 19.02 -6.12 40.62
C ALA D 24 18.93 -6.49 39.15
N VAL D 25 19.86 -5.96 38.35
CA VAL D 25 20.04 -6.37 36.97
C VAL D 25 20.28 -7.89 36.93
N GLY D 26 19.53 -8.58 36.08
CA GLY D 26 19.61 -10.02 35.93
C GLY D 26 18.67 -10.79 36.86
N GLU D 27 17.99 -10.09 37.78
CA GLU D 27 17.06 -10.76 38.70
C GLU D 27 15.94 -11.46 37.93
N ILE D 28 15.56 -12.65 38.40
CA ILE D 28 14.48 -13.42 37.80
C ILE D 28 13.23 -13.21 38.64
N ILE D 29 12.10 -12.96 37.98
CA ILE D 29 10.83 -12.81 38.65
C ILE D 29 9.87 -13.73 37.93
N THR D 30 8.93 -14.30 38.66
CA THR D 30 7.99 -15.21 38.04
C THR D 30 6.56 -14.74 38.17
N ASP D 31 5.85 -14.74 37.05
CA ASP D 31 4.46 -14.32 36.98
C ASP D 31 3.45 -15.38 37.40
N MET D 32 2.20 -14.96 37.54
CA MET D 32 1.13 -15.83 37.98
C MET D 32 0.99 -17.05 37.09
N ALA D 33 1.28 -16.90 35.81
CA ALA D 33 1.19 -18.01 34.86
C ALA D 33 2.46 -18.88 34.90
N ALA D 34 3.33 -18.64 35.90
CA ALA D 34 4.59 -19.40 36.10
C ALA D 34 5.63 -19.11 34.98
N ALA D 35 5.42 -18.05 34.20
CA ALA D 35 6.41 -17.59 33.22
C ALA D 35 7.50 -16.79 33.95
N ALA D 36 8.76 -17.03 33.56
CA ALA D 36 9.94 -16.35 34.10
C ALA D 36 10.35 -15.15 33.23
N TRP D 37 10.69 -14.06 33.92
CA TRP D 37 11.14 -12.84 33.28
C TRP D 37 12.44 -12.41 33.97
N LYS D 38 13.32 -11.83 33.16
CA LYS D 38 14.55 -11.30 33.64
C LYS D 38 14.49 -9.77 33.57
N VAL D 39 15.01 -9.14 34.63
CA VAL D 39 15.02 -7.71 34.76
C VAL D 39 16.29 -7.14 34.10
N GLY D 40 16.13 -6.00 33.43
CA GLY D 40 17.22 -5.22 32.83
C GLY D 40 17.53 -3.97 33.64
N LEU D 41 18.06 -2.95 32.97
CA LEU D 41 18.43 -1.67 33.60
C LEU D 41 17.16 -0.89 33.95
N PRO D 42 17.18 -0.07 35.03
CA PRO D 42 16.11 0.91 35.24
C PRO D 42 16.03 1.94 34.10
N ILE D 43 14.85 2.57 33.99
CA ILE D 43 14.58 3.66 33.07
C ILE D 43 14.38 4.96 33.85
N CYS D 50 8.99 3.48 39.20
CA CYS D 50 9.97 2.39 39.34
C CYS D 50 9.75 1.33 38.24
N ILE D 51 10.51 1.44 37.14
CA ILE D 51 10.28 0.72 35.90
C ILE D 51 11.64 0.27 35.35
N TYR D 52 11.70 -0.99 34.87
CA TYR D 52 12.92 -1.58 34.32
C TYR D 52 12.62 -2.20 32.96
N LEU D 53 13.64 -2.26 32.08
CA LEU D 53 13.59 -3.11 30.91
C LEU D 53 13.41 -4.56 31.38
N ALA D 54 12.82 -5.40 30.52
CA ALA D 54 12.60 -6.77 30.89
C ALA D 54 12.45 -7.61 29.62
N ASP D 55 12.72 -8.91 29.77
CA ASP D 55 12.47 -9.86 28.71
C ASP D 55 12.18 -11.21 29.35
N MET D 56 11.68 -12.14 28.51
CA MET D 56 11.57 -13.54 28.89
C MET D 56 12.96 -14.05 29.30
N ASN D 57 13.00 -14.86 30.37
CA ASN D 57 14.26 -15.35 30.93
C ASN D 57 15.05 -16.14 29.88
N SER D 61 20.86 -12.31 28.94
CA SER D 61 21.11 -10.89 29.36
C SER D 61 20.13 -9.92 28.66
N VAL D 62 19.44 -9.07 29.44
CA VAL D 62 18.40 -8.19 28.91
C VAL D 62 19.04 -6.99 28.18
N GLY D 63 18.81 -6.91 26.87
CA GLY D 63 19.38 -5.86 26.01
C GLY D 63 18.80 -4.47 26.30
N SER D 64 19.46 -3.44 25.76
CA SER D 64 18.96 -2.06 25.78
C SER D 64 17.77 -1.92 24.80
N ASP D 65 17.60 -2.92 23.93
CA ASP D 65 16.49 -3.02 22.97
C ASP D 65 15.43 -4.03 23.46
N ALA D 66 15.33 -4.26 24.79
CA ALA D 66 14.36 -5.20 25.33
C ALA D 66 12.95 -4.83 24.87
N PRO D 67 12.07 -5.82 24.59
CA PRO D 67 10.73 -5.53 24.08
C PRO D 67 9.67 -5.30 25.17
N CYS D 68 10.04 -5.45 26.46
CA CYS D 68 9.15 -5.30 27.55
C CYS D 68 9.77 -4.41 28.63
N VAL D 69 8.93 -3.98 29.56
CA VAL D 69 9.29 -3.33 30.76
C VAL D 69 8.52 -4.01 31.88
N VAL D 70 8.99 -3.81 33.11
CA VAL D 70 8.32 -4.26 34.28
C VAL D 70 8.18 -3.05 35.20
N LYS D 71 6.95 -2.85 35.68
CA LYS D 71 6.61 -1.79 36.59
C LYS D 71 6.41 -2.44 37.95
N VAL D 72 7.02 -1.86 39.00
CA VAL D 72 7.05 -2.50 40.31
C VAL D 72 6.66 -1.45 41.36
N GLU D 73 5.77 -1.84 42.27
CA GLU D 73 5.38 -1.05 43.41
C GLU D 73 5.18 -2.00 44.60
N PRO D 74 5.16 -1.48 45.84
CA PRO D 74 4.74 -2.28 46.99
C PRO D 74 3.43 -3.03 46.69
N SER D 75 3.25 -4.21 47.29
CA SER D 75 2.04 -5.01 47.05
C SER D 75 0.77 -4.31 47.58
N ASP D 76 0.91 -3.34 48.48
CA ASP D 76 -0.25 -2.60 49.02
C ASP D 76 -0.59 -1.36 48.16
N ASN D 77 0.17 -1.12 47.08
CA ASN D 77 0.10 0.11 46.25
C ASN D 77 -1.20 0.08 45.44
N GLY D 78 -2.06 1.06 45.69
CA GLY D 78 -3.38 1.16 45.06
C GLY D 78 -3.27 1.36 43.55
N PRO D 79 -2.50 2.36 43.07
CA PRO D 79 -2.42 2.65 41.64
C PRO D 79 -2.02 1.45 40.78
N LEU D 80 -1.03 0.64 41.19
CA LEU D 80 -0.61 -0.45 40.30
C LEU D 80 -1.75 -1.48 40.19
N PHE D 81 -2.46 -1.66 41.30
CA PHE D 81 -3.58 -2.58 41.31
C PHE D 81 -4.70 -2.06 40.39
N THR D 82 -4.98 -0.76 40.48
CA THR D 82 -5.97 -0.11 39.61
C THR D 82 -5.57 -0.37 38.15
N GLU D 83 -4.29 -0.16 37.84
CA GLU D 83 -3.79 -0.33 36.49
C GLU D 83 -4.00 -1.77 36.03
N LEU D 84 -3.64 -2.74 36.89
CA LEU D 84 -3.69 -4.15 36.54
C LEU D 84 -5.14 -4.56 36.22
N LYS D 85 -6.09 -4.07 37.04
CA LYS D 85 -7.48 -4.36 36.85
C LYS D 85 -7.95 -3.78 35.51
N PHE D 86 -7.51 -2.55 35.19
CA PHE D 86 -7.86 -1.95 33.91
C PHE D 86 -7.39 -2.86 32.77
N TYR D 87 -6.12 -3.23 32.79
CA TYR D 87 -5.59 -4.04 31.71
C TYR D 87 -6.26 -5.40 31.56
N GLN D 88 -6.51 -6.09 32.66
CA GLN D 88 -7.15 -7.40 32.61
C GLN D 88 -8.58 -7.34 32.10
N ARG D 89 -9.32 -6.37 32.57
CA ARG D 89 -10.69 -6.12 32.18
C ARG D 89 -11.00 -5.53 30.79
N ALA D 90 -10.15 -4.61 30.34
CA ALA D 90 -10.53 -3.73 29.24
C ALA D 90 -9.50 -3.73 28.11
N ALA D 91 -8.31 -4.32 28.33
CA ALA D 91 -7.21 -4.24 27.38
C ALA D 91 -6.68 -5.63 27.00
N LYS D 92 -7.57 -6.61 26.96
CA LYS D 92 -7.21 -7.93 26.51
C LYS D 92 -6.95 -7.86 25.01
N PRO D 93 -5.97 -8.64 24.54
CA PRO D 93 -5.59 -8.64 23.12
C PRO D 93 -6.78 -8.69 22.15
N GLU D 94 -7.77 -9.53 22.44
CA GLU D 94 -8.87 -9.76 21.49
C GLU D 94 -9.79 -8.54 21.49
N GLN D 95 -9.93 -7.90 22.64
CA GLN D 95 -10.69 -6.64 22.82
C GLN D 95 -10.09 -5.55 21.92
N ILE D 96 -8.79 -5.36 22.04
CA ILE D 96 -8.07 -4.39 21.23
C ILE D 96 -8.08 -4.71 19.74
N GLN D 97 -7.86 -5.97 19.39
CA GLN D 97 -7.85 -6.36 17.98
C GLN D 97 -9.22 -6.17 17.34
N LYS D 98 -10.26 -6.52 18.08
CA LYS D 98 -11.60 -6.38 17.57
C LYS D 98 -11.90 -4.91 17.29
N TRP D 99 -11.45 -4.03 18.17
CA TRP D 99 -11.71 -2.62 17.98
C TRP D 99 -10.99 -2.10 16.73
N ILE D 100 -9.70 -2.43 16.61
CA ILE D 100 -8.87 -2.00 15.47
C ILE D 100 -9.53 -2.44 14.13
N ARG D 101 -10.00 -3.69 14.10
CA ARG D 101 -10.64 -4.28 12.93
C ARG D 101 -11.93 -3.51 12.61
N THR D 102 -12.87 -3.51 13.54
CA THR D 102 -14.16 -2.89 13.33
C THR D 102 -14.11 -1.40 13.05
N ARG D 103 -13.21 -0.70 13.71
CA ARG D 103 -13.08 0.73 13.52
C ARG D 103 -12.13 1.13 12.40
N LYS D 104 -11.56 0.13 11.72
CA LYS D 104 -10.64 0.33 10.60
C LYS D 104 -9.46 1.24 10.95
N LEU D 105 -8.82 0.96 12.07
CA LEU D 105 -7.69 1.79 12.53
C LEU D 105 -6.38 1.18 12.03
N LYS D 106 -5.36 2.02 11.87
CA LYS D 106 -4.00 1.58 11.59
C LYS D 106 -3.44 0.89 12.86
N TYR D 107 -3.79 1.43 14.04
CA TYR D 107 -3.32 0.93 15.35
C TYR D 107 -4.23 1.53 16.45
N LEU D 108 -4.11 1.04 17.67
CA LEU D 108 -4.83 1.61 18.79
C LEU D 108 -3.80 1.84 19.88
N GLY D 109 -3.75 3.02 20.46
CA GLY D 109 -2.73 3.27 21.46
C GLY D 109 -2.96 2.84 22.89
N VAL D 110 -3.29 1.58 23.07
CA VAL D 110 -3.50 1.00 24.38
C VAL D 110 -2.40 -0.05 24.47
N PRO D 111 -1.55 0.05 25.49
CA PRO D 111 -0.45 -0.91 25.65
C PRO D 111 -0.94 -2.33 25.92
N LYS D 112 -0.16 -3.30 25.44
CA LYS D 112 -0.39 -4.69 25.74
C LYS D 112 0.19 -5.04 27.13
N TYR D 113 -0.65 -5.67 27.95
CA TYR D 113 -0.30 -6.28 29.22
C TYR D 113 0.14 -7.74 29.01
N TRP D 114 1.31 -8.09 29.54
CA TRP D 114 1.93 -9.42 29.38
C TRP D 114 1.79 -10.30 30.63
N GLY D 115 1.58 -9.70 31.81
CA GLY D 115 1.42 -10.48 33.03
C GLY D 115 1.85 -9.71 34.27
N SER D 116 1.61 -10.34 35.42
CA SER D 116 1.87 -9.74 36.72
C SER D 116 2.15 -10.83 37.75
N GLY D 117 2.71 -10.41 38.88
CA GLY D 117 2.99 -11.29 39.96
C GLY D 117 3.50 -10.58 41.20
N LEU D 118 4.05 -11.37 42.12
CA LEU D 118 4.65 -10.89 43.33
C LEU D 118 6.14 -11.24 43.34
N HIS D 119 6.94 -10.39 44.00
CA HIS D 119 8.33 -10.63 44.21
C HIS D 119 8.73 -10.07 45.58
N ASP D 120 9.39 -10.92 46.40
CA ASP D 120 9.93 -10.50 47.68
C ASP D 120 11.43 -10.14 47.48
N LYS D 121 11.84 -9.01 48.08
CA LYS D 121 13.24 -8.53 48.09
C LYS D 121 13.44 -7.72 49.38
N ASN D 122 14.57 -7.96 50.06
CA ASN D 122 14.96 -7.31 51.33
C ASN D 122 13.74 -7.22 52.28
N GLY D 123 12.98 -8.32 52.39
CA GLY D 123 11.91 -8.50 53.39
C GLY D 123 10.60 -7.77 53.11
N LYS D 124 10.45 -7.13 51.94
CA LYS D 124 9.19 -6.45 51.57
C LYS D 124 8.58 -7.20 50.38
N SER D 125 7.23 -7.19 50.28
CA SER D 125 6.49 -7.78 49.16
C SER D 125 6.21 -6.71 48.08
N TYR D 126 6.52 -7.05 46.84
CA TYR D 126 6.33 -6.15 45.70
C TYR D 126 5.45 -6.74 44.60
N ARG D 127 4.59 -5.90 44.03
CA ARG D 127 3.71 -6.32 42.95
C ARG D 127 4.30 -5.78 41.64
N PHE D 128 4.32 -6.61 40.62
CA PHE D 128 4.86 -6.20 39.33
C PHE D 128 3.94 -6.48 38.16
N MET D 129 4.13 -5.72 37.09
CA MET D 129 3.34 -5.81 35.85
C MET D 129 4.32 -5.75 34.68
N ILE D 130 4.15 -6.65 33.71
CA ILE D 130 4.97 -6.67 32.53
C ILE D 130 4.15 -6.05 31.39
N MET D 131 4.75 -5.07 30.70
CA MET D 131 4.09 -4.35 29.64
C MET D 131 5.04 -4.22 28.46
N ASP D 132 4.48 -3.79 27.32
CA ASP D 132 5.23 -3.40 26.15
C ASP D 132 6.24 -2.33 26.55
N ARG D 133 7.41 -2.41 25.92
CA ARG D 133 8.38 -1.35 25.93
C ARG D 133 8.10 -0.39 24.77
N PHE D 134 8.18 0.91 25.06
CA PHE D 134 7.96 1.95 24.07
C PHE D 134 9.24 2.79 23.93
N GLY D 135 9.18 3.80 23.06
CA GLY D 135 10.23 4.80 22.89
C GLY D 135 10.03 5.97 23.85
N SER D 136 10.28 7.17 23.36
CA SER D 136 10.26 8.37 24.17
C SER D 136 8.83 8.77 24.56
N ASP D 137 8.71 9.37 25.75
CA ASP D 137 7.54 10.09 26.16
C ASP D 137 7.50 11.44 25.42
N LEU D 138 6.30 12.02 25.32
CA LEU D 138 6.09 13.25 24.57
C LEU D 138 6.61 14.45 25.36
N GLN D 139 6.68 14.34 26.69
CA GLN D 139 7.13 15.46 27.50
C GLN D 139 8.61 15.78 27.18
N LYS D 140 9.46 14.75 27.00
CA LYS D 140 10.90 14.99 26.67
C LYS D 140 10.94 15.69 25.30
N ILE D 141 10.13 15.20 24.35
CA ILE D 141 10.15 15.77 23.01
C ILE D 141 9.61 17.20 23.03
N TYR D 142 8.55 17.44 23.82
CA TYR D 142 7.96 18.76 23.98
C TYR D 142 9.02 19.74 24.47
N GLU D 143 9.76 19.36 25.52
CA GLU D 143 10.79 20.22 26.12
C GLU D 143 11.93 20.49 25.09
N ALA D 144 12.28 19.47 24.32
CA ALA D 144 13.36 19.58 23.33
C ALA D 144 12.94 20.51 22.18
N ASN D 145 11.62 20.71 22.00
CA ASN D 145 11.09 21.54 20.91
C ASN D 145 10.68 22.91 21.48
N ALA D 146 11.30 23.31 22.59
CA ALA D 146 11.06 24.61 23.25
C ALA D 146 9.61 24.78 23.74
N LYS D 147 9.02 23.68 24.21
CA LYS D 147 7.67 23.64 24.79
C LYS D 147 6.62 24.12 23.80
N ARG D 148 6.74 23.67 22.56
CA ARG D 148 5.70 23.88 21.54
C ARG D 148 5.59 22.61 20.70
N PHE D 149 4.36 22.26 20.33
CA PHE D 149 4.08 21.37 19.24
C PHE D 149 3.33 22.18 18.18
N SER D 150 3.52 21.82 16.92
CA SER D 150 2.82 22.46 15.80
C SER D 150 1.33 22.11 15.86
N ARG D 151 0.54 22.93 15.19
CA ARG D 151 -0.86 22.70 15.03
C ARG D 151 -1.09 21.30 14.41
N LYS D 152 -0.32 20.99 13.37
CA LYS D 152 -0.38 19.69 12.70
C LYS D 152 -0.18 18.57 13.74
N THR D 153 0.89 18.67 14.51
CA THR D 153 1.24 17.67 15.50
C THR D 153 0.11 17.49 16.52
N VAL D 154 -0.36 18.60 17.08
CA VAL D 154 -1.34 18.56 18.14
C VAL D 154 -2.64 17.92 17.62
N LEU D 155 -3.05 18.24 16.39
CA LEU D 155 -4.26 17.71 15.86
C LEU D 155 -4.09 16.20 15.59
N GLN D 156 -2.90 15.79 15.12
CA GLN D 156 -2.65 14.41 14.81
C GLN D 156 -2.56 13.60 16.11
N LEU D 157 -1.92 14.15 17.15
CA LEU D 157 -1.90 13.49 18.44
C LEU D 157 -3.34 13.32 18.97
N SER D 158 -4.13 14.40 18.87
CA SER D 158 -5.43 14.45 19.51
C SER D 158 -6.41 13.49 18.82
N LEU D 159 -6.28 13.29 17.52
CA LEU D 159 -7.14 12.34 16.85
C LEU D 159 -6.87 10.93 17.37
N ARG D 160 -5.60 10.60 17.55
CA ARG D 160 -5.21 9.30 18.06
C ARG D 160 -5.65 9.11 19.51
N ILE D 161 -5.55 10.18 20.29
CA ILE D 161 -5.98 10.16 21.69
C ILE D 161 -7.49 9.93 21.76
N LEU D 162 -8.24 10.55 20.86
CA LEU D 162 -9.68 10.34 20.81
C LEU D 162 -10.00 8.88 20.49
N ASP D 163 -9.21 8.20 19.64
CA ASP D 163 -9.41 6.77 19.40
C ASP D 163 -9.26 5.99 20.72
N ILE D 164 -8.21 6.31 21.51
CA ILE D 164 -7.91 5.65 22.74
C ILE D 164 -9.03 5.90 23.75
N LEU D 165 -9.44 7.16 23.89
CA LEU D 165 -10.44 7.52 24.88
C LEU D 165 -11.78 6.85 24.52
N GLU D 166 -12.13 6.86 23.23
CA GLU D 166 -13.39 6.25 22.84
C GLU D 166 -13.34 4.75 23.20
N TYR D 167 -12.21 4.09 22.93
CA TYR D 167 -12.05 2.67 23.26
C TYR D 167 -12.24 2.46 24.76
N ILE D 168 -11.49 3.17 25.60
CA ILE D 168 -11.56 2.85 27.03
C ILE D 168 -12.93 3.22 27.58
N HIS D 169 -13.53 4.31 27.09
CA HIS D 169 -14.87 4.74 27.54
C HIS D 169 -15.91 3.65 27.24
N GLU D 170 -15.83 3.08 26.04
CA GLU D 170 -16.74 2.04 25.64
C GLU D 170 -16.48 0.74 26.45
N HIS D 171 -15.32 0.64 27.11
CA HIS D 171 -15.01 -0.48 27.99
C HIS D 171 -15.11 -0.04 29.45
N GLU D 172 -15.95 0.96 29.72
CA GLU D 172 -16.40 1.32 31.08
C GLU D 172 -15.36 2.12 31.87
N TYR D 173 -14.29 2.60 31.22
CA TYR D 173 -13.20 3.25 31.95
C TYR D 173 -12.94 4.66 31.42
N VAL D 174 -12.52 5.54 32.34
CA VAL D 174 -11.91 6.82 32.01
C VAL D 174 -10.49 6.82 32.57
N HIS D 175 -9.59 7.62 31.98
CA HIS D 175 -8.18 7.60 32.34
C HIS D 175 -7.86 8.63 33.42
N GLY D 176 -8.38 9.84 33.22
CA GLY D 176 -8.30 10.92 34.17
C GLY D 176 -6.97 11.63 34.33
N ASP D 177 -5.98 11.24 33.55
CA ASP D 177 -4.67 11.84 33.68
C ASP D 177 -3.91 11.99 32.36
N ILE D 178 -4.58 12.38 31.31
CA ILE D 178 -3.93 12.55 30.02
C ILE D 178 -2.94 13.72 30.08
N LYS D 179 -1.74 13.49 29.58
CA LYS D 179 -0.68 14.51 29.53
C LYS D 179 0.52 13.96 28.78
N ALA D 180 1.44 14.84 28.38
CA ALA D 180 2.54 14.46 27.50
C ALA D 180 3.41 13.38 28.18
N SER D 181 3.60 13.43 29.51
CA SER D 181 4.44 12.45 30.17
C SER D 181 3.79 11.05 30.21
N ASN D 182 2.49 10.94 29.90
CA ASN D 182 1.79 9.65 29.87
C ASN D 182 1.51 9.22 28.43
N LEU D 183 2.17 9.89 27.49
CA LEU D 183 2.05 9.54 26.07
C LEU D 183 3.42 9.12 25.55
N LEU D 184 3.53 7.88 25.08
CA LEU D 184 4.80 7.30 24.62
C LEU D 184 4.65 6.92 23.15
N LEU D 185 5.73 7.08 22.39
CA LEU D 185 5.79 6.63 21.00
C LEU D 185 6.13 5.13 20.96
N ASN D 186 5.59 4.44 19.97
CA ASN D 186 5.99 3.08 19.60
C ASN D 186 7.51 3.08 19.37
N TYR D 187 8.21 2.13 19.99
CA TYR D 187 9.68 1.96 19.84
C TYR D 187 10.03 1.82 18.35
N LYS D 188 9.27 0.97 17.68
CA LYS D 188 9.35 0.72 16.25
C LYS D 188 8.85 1.84 15.32
N ASN D 189 7.75 2.49 15.68
CA ASN D 189 7.16 3.54 14.85
C ASN D 189 6.88 4.83 15.63
N PRO D 190 7.52 5.93 15.23
CA PRO D 190 7.43 7.27 15.83
C PRO D 190 6.13 8.04 15.52
N ASP D 191 5.31 7.52 14.61
CA ASP D 191 4.04 8.14 14.25
C ASP D 191 2.88 7.52 15.05
N GLN D 192 3.18 6.61 15.98
CA GLN D 192 2.15 5.95 16.76
C GLN D 192 2.36 6.27 18.23
N VAL D 193 1.34 6.84 18.86
CA VAL D 193 1.40 7.27 20.24
C VAL D 193 0.46 6.39 21.07
N TYR D 194 0.90 6.08 22.29
CA TYR D 194 0.22 5.20 23.21
C TYR D 194 0.01 5.95 24.52
N LEU D 195 -1.18 5.77 25.12
CA LEU D 195 -1.51 6.31 26.42
C LEU D 195 -1.19 5.25 27.49
N VAL D 196 -0.38 5.66 28.49
CA VAL D 196 0.04 4.77 29.55
C VAL D 196 -0.38 5.38 30.89
N ASP D 197 -0.18 4.56 31.91
CA ASP D 197 -0.38 4.85 33.31
C ASP D 197 -1.86 5.05 33.61
N TYR D 198 -2.55 3.93 33.85
CA TYR D 198 -3.96 3.90 34.19
C TYR D 198 -4.08 3.83 35.72
N GLY D 199 -3.10 4.39 36.43
CA GLY D 199 -3.05 4.34 37.90
C GLY D 199 -4.14 5.16 38.55
N LEU D 200 -4.68 6.16 37.83
CA LEU D 200 -5.84 6.93 38.29
C LEU D 200 -7.09 6.60 37.48
N ALA D 201 -7.06 5.54 36.68
CA ALA D 201 -8.22 5.15 35.89
C ALA D 201 -9.38 4.77 36.80
N TYR D 202 -10.57 5.02 36.30
CA TYR D 202 -11.78 4.77 37.04
C TYR D 202 -12.83 4.07 36.23
N ARG D 203 -13.50 3.11 36.85
CA ARG D 203 -14.57 2.40 36.18
C ARG D 203 -15.86 3.16 36.42
N TYR D 204 -16.09 4.14 35.57
CA TYR D 204 -17.24 5.01 35.63
C TYR D 204 -18.57 4.33 35.33
N CYS D 205 -18.55 3.26 34.55
CA CYS D 205 -19.77 2.61 34.15
C CYS D 205 -19.79 1.09 34.33
N PRO D 206 -19.74 0.61 35.57
CA PRO D 206 -19.72 -0.85 35.70
C PRO D 206 -21.05 -1.46 35.25
N GLU D 207 -20.96 -2.45 34.39
CA GLU D 207 -22.12 -3.15 33.82
C GLU D 207 -23.10 -2.16 33.19
N GLY D 208 -22.58 -1.07 32.62
CA GLY D 208 -23.42 -0.12 31.90
C GLY D 208 -24.22 0.83 32.80
N VAL D 209 -23.94 0.85 34.11
CA VAL D 209 -24.62 1.78 35.04
C VAL D 209 -23.66 2.94 35.39
N HIS D 210 -23.97 4.14 34.90
CA HIS D 210 -23.10 5.28 35.14
C HIS D 210 -23.16 5.67 36.62
N LYS D 211 -21.99 5.89 37.20
CA LYS D 211 -21.81 6.47 38.51
C LYS D 211 -22.57 7.80 38.57
N ALA D 212 -23.29 8.04 39.66
CA ALA D 212 -24.10 9.23 39.81
C ALA D 212 -23.18 10.37 40.26
N TYR D 213 -23.57 11.60 39.90
CA TYR D 213 -22.83 12.79 40.27
C TYR D 213 -22.85 12.96 41.80
N ALA D 214 -21.67 13.02 42.41
CA ALA D 214 -21.59 13.48 43.84
C ALA D 214 -20.19 14.01 44.16
N ALA D 215 -20.14 15.10 44.94
CA ALA D 215 -18.91 15.72 45.33
C ALA D 215 -18.46 15.08 46.64
N ASP D 216 -17.28 14.46 46.62
CA ASP D 216 -16.66 13.80 47.74
C ASP D 216 -15.43 14.62 48.10
N PRO D 217 -15.35 15.22 49.31
CA PRO D 217 -14.20 16.05 49.69
C PRO D 217 -12.86 15.32 49.65
N LYS D 218 -12.88 13.99 49.80
CA LYS D 218 -11.68 13.17 49.80
C LYS D 218 -11.09 13.08 48.38
N ARG D 219 -11.94 13.29 47.35
CA ARG D 219 -11.53 13.23 45.92
C ARG D 219 -11.03 14.57 45.35
N CYS D 220 -11.30 15.67 46.01
CA CYS D 220 -10.99 16.95 45.39
C CYS D 220 -9.57 17.07 44.90
N HIS D 221 -9.47 17.60 43.69
CA HIS D 221 -8.22 17.84 42.96
C HIS D 221 -7.39 16.64 42.56
N ASP D 222 -8.03 15.51 42.28
CA ASP D 222 -7.33 14.35 41.80
C ASP D 222 -6.87 14.60 40.35
N GLY D 223 -5.80 13.93 39.94
CA GLY D 223 -5.22 14.11 38.62
C GLY D 223 -3.99 14.99 38.70
N THR D 224 -3.51 15.43 37.53
CA THR D 224 -2.46 16.41 37.45
C THR D 224 -3.10 17.81 37.45
N ILE D 225 -2.79 18.62 38.47
CA ILE D 225 -3.56 19.80 38.82
C ILE D 225 -3.70 20.76 37.62
N GLU D 226 -2.65 20.97 36.83
CA GLU D 226 -2.75 21.93 35.72
C GLU D 226 -3.71 21.42 34.64
N PHE D 227 -3.90 20.10 34.53
CA PHE D 227 -4.69 19.56 33.41
C PHE D 227 -6.01 18.93 33.87
N THR D 228 -6.23 18.75 35.17
CA THR D 228 -7.34 17.91 35.62
C THR D 228 -8.65 18.62 35.34
N SER D 229 -9.75 17.85 35.41
CA SER D 229 -11.09 18.35 35.07
C SER D 229 -11.68 19.15 36.22
N ILE D 230 -12.59 20.05 35.88
CA ILE D 230 -13.35 20.78 36.85
C ILE D 230 -14.08 19.79 37.76
N ASP D 231 -14.68 18.73 37.18
CA ASP D 231 -15.33 17.68 37.98
C ASP D 231 -14.36 17.16 39.05
N ALA D 232 -13.15 16.79 38.65
CA ALA D 232 -12.16 16.30 39.61
C ALA D 232 -11.86 17.36 40.68
N HIS D 233 -11.69 18.62 40.29
CA HIS D 233 -11.45 19.69 41.26
C HIS D 233 -12.59 19.74 42.29
N ASN D 234 -13.81 19.48 41.83
CA ASN D 234 -15.01 19.57 42.66
C ASN D 234 -15.19 18.30 43.51
N GLY D 235 -14.28 17.34 43.40
CA GLY D 235 -14.36 16.09 44.16
C GLY D 235 -15.40 15.11 43.62
N VAL D 236 -15.66 15.18 42.32
CA VAL D 236 -16.58 14.31 41.65
C VAL D 236 -15.78 13.23 40.93
N ALA D 237 -16.28 12.00 40.93
CA ALA D 237 -15.59 10.92 40.24
C ALA D 237 -15.49 11.28 38.76
N PRO D 238 -14.35 11.00 38.09
CA PRO D 238 -14.17 11.37 36.69
C PRO D 238 -15.13 10.61 35.78
N SER D 239 -15.60 11.29 34.72
CA SER D 239 -16.44 10.69 33.72
C SER D 239 -15.88 11.08 32.34
N ARG D 240 -16.65 10.84 31.27
CA ARG D 240 -16.12 10.93 29.91
C ARG D 240 -15.84 12.40 29.57
N ARG D 241 -16.72 13.32 30.00
CA ARG D 241 -16.51 14.74 29.67
C ARG D 241 -15.18 15.23 30.26
N GLY D 242 -14.83 14.73 31.44
CA GLY D 242 -13.59 15.10 32.11
C GLY D 242 -12.38 14.72 31.28
N ASP D 243 -12.38 13.51 30.71
CA ASP D 243 -11.22 13.09 29.91
C ASP D 243 -11.06 14.05 28.70
N LEU D 244 -12.17 14.45 28.08
CA LEU D 244 -12.15 15.27 26.90
C LEU D 244 -11.71 16.69 27.25
N GLU D 245 -12.10 17.16 28.44
CA GLU D 245 -11.69 18.45 28.99
C GLU D 245 -10.17 18.44 29.21
N ILE D 246 -9.65 17.36 29.78
CA ILE D 246 -8.24 17.25 30.05
C ILE D 246 -7.48 17.34 28.71
N LEU D 247 -7.95 16.62 27.69
CA LEU D 247 -7.30 16.67 26.39
C LEU D 247 -7.30 18.12 25.86
N GLY D 248 -8.39 18.84 26.09
CA GLY D 248 -8.52 20.24 25.72
C GLY D 248 -7.41 21.08 26.32
N TYR D 249 -7.21 20.95 27.64
CA TYR D 249 -6.15 21.70 28.30
C TYR D 249 -4.77 21.29 27.73
N CYS D 250 -4.57 20.00 27.45
CA CYS D 250 -3.34 19.52 26.85
C CYS D 250 -3.11 20.21 25.50
N MET D 251 -4.16 20.31 24.68
CA MET D 251 -4.02 20.87 23.35
C MET D 251 -3.53 22.33 23.45
N ILE D 252 -4.07 23.08 24.40
CA ILE D 252 -3.69 24.47 24.54
C ILE D 252 -2.25 24.58 25.04
N GLN D 253 -1.90 23.76 26.03
CA GLN D 253 -0.55 23.70 26.58
C GLN D 253 0.46 23.41 25.48
N TRP D 254 0.14 22.44 24.62
CA TRP D 254 1.05 22.01 23.59
C TRP D 254 1.19 23.11 22.53
N LEU D 255 0.10 23.76 22.14
CA LEU D 255 0.11 24.77 21.10
C LEU D 255 0.84 26.04 21.55
N THR D 256 0.71 26.43 22.84
CA THR D 256 1.05 27.76 23.30
C THR D 256 2.21 27.75 24.31
N GLY D 257 2.52 26.60 24.90
CA GLY D 257 3.53 26.49 25.94
C GLY D 257 3.03 26.93 27.31
N HIS D 258 1.74 27.26 27.45
CA HIS D 258 1.24 27.80 28.71
C HIS D 258 -0.21 27.38 28.95
N LEU D 259 -0.65 27.52 30.20
CA LEU D 259 -2.04 27.59 30.55
C LEU D 259 -2.22 28.76 31.51
N PRO D 260 -3.39 29.40 31.53
CA PRO D 260 -3.58 30.65 32.27
C PRO D 260 -3.29 30.53 33.79
N TRP D 261 -3.50 29.35 34.38
CA TRP D 261 -3.46 29.16 35.84
C TRP D 261 -2.13 28.57 36.28
N GLU D 262 -1.15 28.49 35.38
CA GLU D 262 0.09 27.79 35.66
C GLU D 262 0.98 28.52 36.69
N ASP D 263 0.68 29.78 37.00
CA ASP D 263 1.48 30.50 37.97
C ASP D 263 1.01 30.34 39.42
N ASN D 264 -0.13 29.67 39.61
CA ASN D 264 -0.66 29.45 40.95
C ASN D 264 -1.14 28.00 41.18
N LEU D 265 -0.35 27.04 40.74
CA LEU D 265 -0.69 25.62 40.88
C LEU D 265 -0.72 25.11 42.32
N LYS D 266 -0.07 25.84 43.22
CA LYS D 266 0.01 25.47 44.63
C LYS D 266 -1.29 25.90 45.33
N ASP D 267 -2.19 26.55 44.59
CA ASP D 267 -3.47 27.00 45.12
C ASP D 267 -4.60 26.31 44.34
N PRO D 268 -5.04 25.14 44.79
CA PRO D 268 -5.98 24.33 44.00
C PRO D 268 -7.32 25.04 43.75
N LYS D 269 -7.82 25.82 44.72
CA LYS D 269 -9.08 26.49 44.57
C LYS D 269 -8.95 27.52 43.44
N TYR D 270 -7.78 28.17 43.32
CA TYR D 270 -7.56 29.16 42.28
C TYR D 270 -7.59 28.46 40.90
N VAL D 271 -6.94 27.29 40.82
CA VAL D 271 -6.90 26.54 39.57
C VAL D 271 -8.33 26.16 39.16
N ARG D 272 -9.11 25.61 40.11
CA ARG D 272 -10.49 25.25 39.88
C ARG D 272 -11.26 26.48 39.38
N ASP D 273 -11.13 27.58 40.12
CA ASP D 273 -11.94 28.77 39.87
C ASP D 273 -11.59 29.34 38.49
N SER D 274 -10.32 29.32 38.13
CA SER D 274 -9.87 29.83 36.84
C SER D 274 -10.44 28.95 35.70
N LYS D 275 -10.39 27.62 35.87
CA LYS D 275 -10.96 26.74 34.86
C LYS D 275 -12.47 26.98 34.71
N ILE D 276 -13.15 27.21 35.84
CA ILE D 276 -14.60 27.45 35.80
C ILE D 276 -14.89 28.75 35.04
N ARG D 277 -14.13 29.81 35.32
CA ARG D 277 -14.29 31.11 34.69
C ARG D 277 -14.06 30.97 33.18
N TYR D 278 -13.04 30.21 32.79
CA TYR D 278 -12.70 30.06 31.38
C TYR D 278 -13.68 29.12 30.66
N ARG D 279 -14.34 28.23 31.39
CA ARG D 279 -15.40 27.41 30.82
C ARG D 279 -16.63 28.30 30.59
N GLU D 280 -16.92 29.17 31.53
CA GLU D 280 -18.06 30.07 31.43
C GLU D 280 -17.88 31.00 30.24
N ASN D 281 -16.65 31.42 30.00
CA ASN D 281 -16.33 32.31 28.89
C ASN D 281 -15.17 31.77 28.02
N ILE D 282 -15.50 30.89 27.08
CA ILE D 282 -14.49 30.30 26.19
C ILE D 282 -13.79 31.34 25.30
N ALA D 283 -14.54 32.31 24.79
CA ALA D 283 -13.92 33.42 24.02
C ALA D 283 -12.76 34.04 24.81
N SER D 284 -12.95 34.27 26.12
CA SER D 284 -11.91 34.87 26.93
C SER D 284 -10.73 33.89 27.13
N LEU D 285 -10.98 32.58 27.11
CA LEU D 285 -9.88 31.62 27.17
C LEU D 285 -9.04 31.74 25.89
N MET D 286 -9.73 31.81 24.74
CA MET D 286 -9.07 31.95 23.44
C MET D 286 -8.25 33.26 23.39
N ASP D 287 -8.83 34.35 23.91
CA ASP D 287 -8.17 35.67 23.93
C ASP D 287 -6.93 35.59 24.81
N LYS D 288 -7.06 34.93 25.96
CA LYS D 288 -5.96 34.81 26.91
C LYS D 288 -4.82 33.97 26.33
N CYS D 289 -5.14 32.84 25.67
CA CYS D 289 -4.13 31.86 25.35
C CYS D 289 -3.48 32.13 23.99
N PHE D 290 -4.23 32.75 23.09
CA PHE D 290 -3.77 33.00 21.73
C PHE D 290 -3.78 34.49 21.39
N PRO D 291 -2.88 34.96 20.51
CA PRO D 291 -2.97 36.29 19.91
C PRO D 291 -4.31 36.41 19.16
N ALA D 292 -4.89 37.60 19.22
CA ALA D 292 -6.09 37.94 18.48
C ALA D 292 -6.03 37.54 16.99
N ALA D 293 -4.86 37.70 16.38
CA ALA D 293 -4.65 37.33 14.98
C ALA D 293 -4.72 35.84 14.69
N ASN D 294 -4.13 35.02 15.55
CA ASN D 294 -4.10 33.59 15.28
C ASN D 294 -4.61 32.66 16.37
N ALA D 295 -5.92 32.49 16.40
CA ALA D 295 -6.53 31.60 17.36
C ALA D 295 -7.11 30.46 16.53
N PRO D 296 -6.70 29.23 16.83
CA PRO D 296 -7.20 28.12 16.02
C PRO D 296 -8.67 27.85 16.36
N GLY D 297 -9.54 27.98 15.35
CA GLY D 297 -10.95 27.91 15.55
C GLY D 297 -11.41 26.54 16.04
N GLU D 298 -10.74 25.46 15.60
CA GLU D 298 -11.10 24.09 16.01
C GLU D 298 -10.94 23.93 17.53
N ILE D 299 -9.98 24.62 18.15
CA ILE D 299 -9.80 24.53 19.59
C ILE D 299 -11.02 25.11 20.31
N ALA D 300 -11.47 26.29 19.89
CA ALA D 300 -12.65 26.90 20.47
C ALA D 300 -13.85 25.97 20.29
N LYS D 301 -13.99 25.41 19.07
CA LYS D 301 -15.15 24.61 18.78
C LYS D 301 -15.13 23.33 19.64
N TYR D 302 -13.93 22.75 19.79
CA TYR D 302 -13.74 21.57 20.60
C TYR D 302 -14.17 21.88 22.05
N MET D 303 -13.69 22.99 22.62
CA MET D 303 -13.98 23.33 24.00
C MET D 303 -15.47 23.62 24.18
N GLU D 304 -16.09 24.28 23.18
CA GLU D 304 -17.55 24.55 23.25
C GLU D 304 -18.33 23.23 23.23
N THR D 305 -17.86 22.24 22.48
CA THR D 305 -18.61 20.99 22.36
C THR D 305 -18.51 20.22 23.68
N VAL D 306 -17.32 20.18 24.26
CA VAL D 306 -17.11 19.47 25.53
C VAL D 306 -17.92 20.15 26.65
N LYS D 307 -18.02 21.47 26.60
CA LYS D 307 -18.80 22.23 27.57
C LYS D 307 -20.28 21.80 27.60
N LEU D 308 -20.83 21.43 26.42
CA LEU D 308 -22.18 20.98 26.31
C LEU D 308 -22.44 19.60 26.95
N LEU D 309 -21.40 18.78 27.23
CA LEU D 309 -21.63 17.46 27.78
C LEU D 309 -22.11 17.53 29.24
N ASP D 310 -23.19 16.80 29.52
CA ASP D 310 -23.59 16.48 30.88
C ASP D 310 -22.63 15.45 31.46
N TYR D 311 -22.69 15.31 32.79
CA TYR D 311 -21.76 14.48 33.52
C TYR D 311 -21.84 13.03 33.03
N THR D 312 -23.06 12.54 32.78
CA THR D 312 -23.29 11.15 32.40
C THR D 312 -23.40 10.97 30.88
N GLU D 313 -23.26 12.05 30.12
CA GLU D 313 -23.60 12.03 28.67
C GLU D 313 -22.51 11.31 27.86
N LYS D 314 -22.93 10.50 26.90
CA LYS D 314 -22.03 9.90 25.96
C LYS D 314 -21.63 10.92 24.91
N PRO D 315 -20.32 11.21 24.74
CA PRO D 315 -19.87 12.13 23.70
C PRO D 315 -20.19 11.59 22.31
N LEU D 316 -20.40 12.51 21.35
CA LEU D 316 -20.42 12.18 19.93
C LEU D 316 -19.00 12.34 19.41
N TYR D 317 -18.25 11.23 19.51
CA TYR D 317 -16.83 11.20 19.21
C TYR D 317 -16.59 11.59 17.74
N GLU D 318 -17.46 11.19 16.81
CA GLU D 318 -17.26 11.50 15.38
C GLU D 318 -17.34 13.03 15.16
N ASN D 319 -18.27 13.70 15.84
CA ASN D 319 -18.38 15.18 15.73
C ASN D 319 -17.09 15.83 16.25
N LEU D 320 -16.57 15.32 17.36
CA LEU D 320 -15.32 15.83 17.92
C LEU D 320 -14.18 15.61 16.93
N ARG D 321 -14.16 14.45 16.29
CA ARG D 321 -13.16 14.13 15.30
C ARG D 321 -13.27 15.07 14.11
N ASP D 322 -14.50 15.35 13.70
CA ASP D 322 -14.74 16.23 12.57
C ASP D 322 -14.21 17.62 12.87
N ILE D 323 -14.40 18.08 14.10
CA ILE D 323 -13.90 19.39 14.49
C ILE D 323 -12.38 19.46 14.29
N LEU D 324 -11.66 18.43 14.73
CA LEU D 324 -10.22 18.42 14.61
C LEU D 324 -9.80 18.30 13.13
N LEU D 325 -10.57 17.55 12.35
CA LEU D 325 -10.32 17.35 10.93
C LEU D 325 -10.43 18.70 10.20
N GLN D 326 -11.34 19.56 10.65
CA GLN D 326 -11.50 20.89 10.09
C GLN D 326 -10.19 21.68 10.27
N GLY D 327 -9.57 21.55 11.43
CA GLY D 327 -8.32 22.20 11.71
C GLY D 327 -7.25 21.74 10.75
N LEU D 328 -7.24 20.46 10.39
CA LEU D 328 -6.25 19.98 9.45
C LEU D 328 -6.48 20.63 8.05
N LYS D 329 -7.74 20.71 7.58
CA LYS D 329 -8.07 21.37 6.29
C LYS D 329 -7.61 22.84 6.32
N ALA D 330 -7.83 23.51 7.46
CA ALA D 330 -7.50 24.92 7.62
C ALA D 330 -6.00 25.18 7.46
N ILE D 331 -5.14 24.22 7.74
CA ILE D 331 -3.71 24.44 7.56
C ILE D 331 -3.21 23.74 6.28
N GLY D 332 -4.16 23.28 5.46
CA GLY D 332 -3.86 22.66 4.17
C GLY D 332 -3.29 21.27 4.31
N SER D 333 -3.74 20.53 5.34
CA SER D 333 -3.26 19.16 5.57
C SER D 333 -4.45 18.20 5.56
N LYS D 334 -4.17 16.98 5.97
CA LYS D 334 -5.15 15.91 6.05
C LYS D 334 -4.69 14.94 7.13
N ASP D 335 -5.56 14.04 7.55
CA ASP D 335 -5.15 13.09 8.56
C ASP D 335 -4.39 11.97 7.88
N ASP D 336 -3.09 12.18 7.73
CA ASP D 336 -2.19 11.23 7.12
C ASP D 336 -1.50 10.40 8.18
N GLY D 337 -1.85 10.64 9.44
CA GLY D 337 -1.29 9.91 10.53
C GLY D 337 0.14 10.29 10.85
N LYS D 338 0.66 11.36 10.24
CA LYS D 338 2.06 11.79 10.47
C LYS D 338 2.07 12.77 11.65
N LEU D 339 2.80 12.44 12.71
CA LEU D 339 2.85 13.24 13.93
C LEU D 339 3.77 14.46 13.79
N ASP D 340 4.73 14.38 12.85
CA ASP D 340 5.67 15.48 12.50
C ASP D 340 6.44 15.93 13.74
N LEU D 341 6.98 14.97 14.50
CA LEU D 341 7.73 15.30 15.71
C LEU D 341 9.21 15.55 15.37
C4 KWJ E . 34.01 31.76 -13.78
C14 KWJ E . 25.11 30.26 -11.33
C5 KWJ E . 33.00 31.06 -14.67
C6 KWJ E . 33.22 29.56 -14.66
C11 KWJ E . 29.66 32.01 -11.45
C7 KWJ E . 30.60 31.21 -15.37
C8 KWJ E . 30.07 29.85 -15.40
C9 KWJ E . 29.66 28.74 -15.39
C10 KWJ E . 31.27 31.73 -13.06
C12 KWJ E . 27.27 31.28 -11.68
C13 KWJ E . 26.20 30.93 -10.84
N1 KWJ E . 33.60 32.17 -12.55
N2 KWJ E . 31.61 31.36 -14.33
C3 KWJ E . 34.61 32.69 -11.62
N3 KWJ E . 29.97 31.66 -12.71
C1 KWJ E . 34.78 35.32 -11.60
C2 KWJ E . 34.71 34.15 -11.62
O1 KWJ E . 35.15 31.95 -14.17
N4 KWJ E . 28.36 31.95 -11.10
C15 KWJ E . 25.07 29.94 -12.68
C16 KWJ E . 24.12 29.27 -13.51
O2 KWJ E . 23.03 28.80 -13.19
N5 KWJ E . 24.61 29.25 -14.76
N6 KWJ E . 25.84 29.85 -14.78
C17 KWJ E . 26.14 30.30 -13.52
C18 KWJ E . 27.26 30.97 -13.03
N7 KWJ E . 30.53 32.41 -10.53
C19 KWJ E . 31.82 32.47 -10.86
C20 KWJ E . 32.25 32.12 -12.15
S SO4 F . 10.32 23.69 0.10
O1 SO4 F . 9.38 22.69 0.67
O2 SO4 F . 10.37 24.91 0.99
O3 SO4 F . 9.77 24.01 -1.26
O4 SO4 F . 11.70 23.11 0.07
C1 EDO G . 9.80 13.55 -5.38
O1 EDO G . 9.86 12.18 -4.96
C2 EDO G . 8.81 13.74 -6.53
O2 EDO G . 8.00 14.91 -6.30
C4 KWJ H . 7.05 -33.49 -1.58
C14 KWJ H . 14.96 -28.45 -1.38
C5 KWJ H . 8.29 -33.89 -2.37
C6 KWJ H . 8.11 -33.56 -3.84
C11 KWJ H . 10.64 -30.38 -0.20
C7 KWJ H . 10.79 -33.92 -2.31
C8 KWJ H . 11.28 -33.34 -3.56
C9 KWJ H . 11.66 -32.85 -4.56
C10 KWJ H . 9.53 -32.17 -1.11
C12 KWJ H . 12.95 -29.62 -0.83
C13 KWJ H . 13.82 -28.55 -0.65
N1 KWJ H . 7.16 -32.47 -0.69
N2 KWJ H . 9.54 -33.29 -1.89
C3 KWJ H . 5.98 -32.09 0.09
N3 KWJ H . 10.68 -31.49 -0.96
C1 KWJ H . 5.89 -33.28 2.46
C2 KWJ H . 5.92 -32.74 1.41
O1 KWJ H . 6.00 -34.07 -1.78
N4 KWJ H . 11.78 -29.68 -0.03
C15 KWJ H . 15.26 -29.44 -2.32
C16 KWJ H . 16.33 -29.65 -3.24
O2 KWJ H . 17.32 -28.95 -3.41
N5 KWJ H . 16.08 -30.80 -3.90
N6 KWJ H . 14.88 -31.32 -3.47
C17 KWJ H . 14.37 -30.51 -2.49
C18 KWJ H . 13.20 -30.62 -1.75
N7 KWJ H . 9.55 -29.92 0.42
C19 KWJ H . 8.43 -30.59 0.27
C20 KWJ H . 8.35 -31.74 -0.50
S SO4 I . 34.89 -28.32 -16.54
O1 SO4 I . 35.36 -26.89 -16.52
O2 SO4 I . 35.19 -28.98 -15.26
O3 SO4 I . 35.58 -29.09 -17.64
O4 SO4 I . 33.43 -28.41 -16.74
S SO4 J . 33.44 -26.05 -8.75
O1 SO4 J . 33.63 -24.76 -9.47
O2 SO4 J . 33.95 -25.96 -7.36
O3 SO4 J . 34.16 -27.16 -9.42
O4 SO4 J . 31.99 -26.37 -8.76
S SO4 K . -3.28 -36.86 -24.13
O1 SO4 K . -2.21 -36.31 -23.24
O2 SO4 K . -4.53 -36.92 -23.33
O3 SO4 K . -2.92 -38.25 -24.57
O4 SO4 K . -3.51 -36.04 -25.35
C1 PEG L . 17.80 -23.10 -28.76
O1 PEG L . 19.09 -22.48 -28.67
C2 PEG L . 16.75 -22.26 -29.52
O2 PEG L . 15.33 -22.54 -29.27
C3 PEG L . 14.64 -23.19 -30.35
C4 PEG L . 14.45 -24.71 -30.15
O4 PEG L . 13.35 -25.24 -31.00
C1 EDO M . 20.86 -11.57 -25.50
O1 EDO M . 21.78 -10.59 -25.89
C2 EDO M . 19.54 -11.58 -26.32
O2 EDO M . 18.42 -12.15 -25.61
C1 EDO N . 14.80 -19.37 -39.77
O1 EDO N . 14.46 -20.77 -39.69
C2 EDO N . 14.16 -18.55 -38.64
O2 EDO N . 14.61 -18.94 -37.32
C1 EDO O . 36.00 -19.21 -3.73
O1 EDO O . 36.03 -17.89 -3.15
C2 EDO O . 34.82 -20.02 -3.21
O2 EDO O . 34.19 -20.68 -4.31
C1 EDO P . 26.06 -11.14 -3.43
O1 EDO P . 26.79 -12.09 -4.19
C2 EDO P . 24.82 -10.92 -4.22
O2 EDO P . 25.27 -10.09 -5.27
C1 EDO Q . 25.68 -21.89 -35.17
O1 EDO Q . 25.57 -21.27 -36.49
C2 EDO Q . 24.50 -21.66 -34.17
O2 EDO Q . 24.80 -22.06 -32.79
C4 KWJ R . -48.61 -9.43 -9.90
C14 KWJ R . -40.01 -7.28 -12.59
C5 KWJ R . -47.87 -8.19 -9.46
C6 KWJ R . -47.34 -8.37 -8.05
C11 KWJ R . -44.23 -9.65 -12.14
C7 KWJ R . -46.42 -6.48 -10.60
C8 KWJ R . -45.44 -5.97 -9.63
C9 KWJ R . -44.64 -5.60 -8.85
C10 KWJ R . -46.07 -8.91 -10.97
C12 KWJ R . -42.22 -8.22 -12.54
C13 KWJ R . -40.84 -8.35 -12.75
N1 KWJ R . -47.84 -10.46 -10.38
N2 KWJ R . -46.76 -7.88 -10.37
C3 KWJ R . -48.33 -11.83 -10.26
N3 KWJ R . -44.89 -8.63 -11.55
C1 KWJ R . -49.30 -12.73 -12.55
C2 KWJ R . -48.87 -12.34 -11.52
O1 KWJ R . -49.82 -9.50 -9.86
N4 KWJ R . -43.04 -9.35 -12.72
C15 KWJ R . -40.55 -6.05 -12.21
C16 KWJ R . -39.99 -4.75 -11.96
O2 KWJ R . -38.82 -4.42 -12.01
N5 KWJ R . -41.01 -3.94 -11.64
N6 KWJ R . -42.18 -4.63 -11.66
C17 KWJ R . -41.93 -5.93 -12.02
C18 KWJ R . -42.79 -7.01 -12.18
N7 KWJ R . -44.66 -10.91 -12.19
C19 KWJ R . -45.83 -11.18 -11.62
C20 KWJ R . -46.59 -10.20 -10.99
S SO4 S . -29.14 -15.07 20.59
O1 SO4 S . -30.46 -14.49 20.37
O2 SO4 S . -28.73 -15.01 22.00
O3 SO4 S . -28.00 -14.39 19.93
O4 SO4 S . -29.21 -16.44 20.04
S SO4 T . -20.55 -8.48 -15.70
O1 SO4 T . -21.25 -7.16 -15.76
O2 SO4 T . -19.12 -8.16 -15.57
O3 SO4 T . -20.76 -9.21 -17.00
O4 SO4 T . -20.95 -9.36 -14.53
S SO4 U . -50.20 -6.62 16.23
O1 SO4 U . -50.84 -5.28 16.38
O2 SO4 U . -49.68 -7.01 17.57
O3 SO4 U . -49.07 -6.55 15.27
O4 SO4 U . -51.18 -7.59 15.68
S SO4 V . -44.17 -13.53 23.36
O1 SO4 V . -44.13 -12.10 22.97
O2 SO4 V . -45.02 -13.51 24.61
O3 SO4 V . -42.76 -13.95 23.63
O4 SO4 V . -44.54 -14.42 22.19
C1 EDO W . -15.40 -0.32 -3.43
O1 EDO W . -15.78 0.55 -4.50
C2 EDO W . -13.89 -0.64 -3.46
O2 EDO W . -13.27 -0.40 -2.17
C1 EDO X . -40.60 -16.91 16.29
O1 EDO X . -39.64 -17.58 15.43
C2 EDO X . -42.00 -16.82 15.63
O2 EDO X . -42.36 -18.00 14.88
C4 KWJ Y . 11.09 5.63 28.81
C14 KWJ Y . 3.17 0.66 30.11
C5 KWJ Y . 10.11 5.96 29.91
C6 KWJ Y . 9.34 7.22 29.59
C11 KWJ Y . 7.62 2.11 28.71
C7 KWJ Y . 8.61 4.87 31.59
C8 KWJ Y . 7.25 5.41 31.61
C9 KWJ Y . 6.16 5.85 31.67
C10 KWJ Y . 8.93 3.88 29.37
C12 KWJ Y . 5.41 1.42 29.70
C13 KWJ Y . 4.34 0.58 29.40
N1 KWJ Y . 10.81 4.57 27.99
N2 KWJ Y . 9.20 4.86 30.26
C3 KWJ Y . 11.68 4.33 26.84
N3 KWJ Y . 7.88 3.07 29.60
C1 KWJ Y . 13.72 2.76 27.42
C2 KWJ Y . 12.81 3.46 27.15
O1 KWJ Y . 12.09 6.30 28.64
N4 KWJ Y . 6.58 1.28 28.92
C15 KWJ Y . 3.08 1.58 31.15
C16 KWJ Y . 2.05 1.92 32.08
O2 KWJ Y . 0.94 1.45 32.18
N5 KWJ Y . 2.52 2.90 32.87
N6 KWJ Y . 3.80 3.21 32.50
C17 KWJ Y . 4.17 2.42 31.45
C18 KWJ Y . 5.35 2.35 30.73
N7 KWJ Y . 8.33 1.88 27.60
C19 KWJ Y . 9.37 2.67 27.35
C20 KWJ Y . 9.71 3.70 28.22
S SO4 Z . -13.54 -1.77 40.98
O1 SO4 Z . -13.75 -0.93 39.78
O2 SO4 Z . -13.87 -0.96 42.16
O3 SO4 Z . -14.33 -3.04 40.92
O4 SO4 Z . -12.12 -2.16 41.06
S SO4 AA . -14.44 -8.14 37.30
O1 SO4 AA . -14.98 -6.93 36.67
O2 SO4 AA . -13.70 -7.85 38.58
O3 SO4 AA . -15.63 -9.03 37.49
O4 SO4 AA . -13.45 -8.75 36.39
S SO4 BA . -16.89 5.12 44.28
O1 SO4 BA . -16.97 6.06 45.44
O2 SO4 BA . -16.32 5.86 43.14
O3 SO4 BA . -15.92 4.04 44.55
O4 SO4 BA . -18.25 4.59 43.96
S SO4 CA . -15.33 -6.35 23.73
O1 SO4 CA . -14.19 -5.48 23.38
O2 SO4 CA . -15.63 -6.42 25.23
O3 SO4 CA . -15.00 -7.74 23.26
O4 SO4 CA . -16.42 -5.76 22.90
C1 EDO DA . -27.09 17.18 27.24
O1 EDO DA . -26.24 18.34 27.47
C2 EDO DA . -27.45 16.42 28.51
O2 EDO DA . -28.61 15.59 28.39
C1 EDO EA . -20.18 21.06 16.53
O1 EDO EA . -20.40 20.52 17.93
C2 EDO EA . -20.92 20.50 15.26
O2 EDO EA . -21.87 21.33 14.47
#